data_1HXI
# 
_entry.id   1HXI 
# 
_audit_conform.dict_name       mmcif_pdbx.dic 
_audit_conform.dict_version    5.397 
_audit_conform.dict_location   http://mmcif.pdb.org/dictionaries/ascii/mmcif_pdbx.dic 
# 
loop_
_database_2.database_id 
_database_2.database_code 
_database_2.pdbx_database_accession 
_database_2.pdbx_DOI 
PDB   1HXI         pdb_00001hxi 10.2210/pdb1hxi/pdb 
RCSB  RCSB012659   ?            ?                   
WWPDB D_1000012659 ?            ?                   
# 
loop_
_pdbx_audit_revision_history.ordinal 
_pdbx_audit_revision_history.data_content_type 
_pdbx_audit_revision_history.major_revision 
_pdbx_audit_revision_history.minor_revision 
_pdbx_audit_revision_history.revision_date 
1 'Structure model' 1 0 2001-03-21 
2 'Structure model' 1 1 2008-04-27 
3 'Structure model' 1 2 2011-07-13 
4 'Structure model' 1 3 2024-10-16 
# 
_pdbx_audit_revision_details.ordinal             1 
_pdbx_audit_revision_details.revision_ordinal    1 
_pdbx_audit_revision_details.data_content_type   'Structure model' 
_pdbx_audit_revision_details.provider            repository 
_pdbx_audit_revision_details.type                'Initial release' 
_pdbx_audit_revision_details.description         ? 
_pdbx_audit_revision_details.details             ? 
# 
loop_
_pdbx_audit_revision_group.ordinal 
_pdbx_audit_revision_group.revision_ordinal 
_pdbx_audit_revision_group.data_content_type 
_pdbx_audit_revision_group.group 
1 2 'Structure model' 'Version format compliance' 
2 3 'Structure model' 'Version format compliance' 
3 4 'Structure model' 'Data collection'           
4 4 'Structure model' 'Database references'       
5 4 'Structure model' 'Derived calculations'      
6 4 'Structure model' 'Structure summary'         
# 
loop_
_pdbx_audit_revision_category.ordinal 
_pdbx_audit_revision_category.revision_ordinal 
_pdbx_audit_revision_category.data_content_type 
_pdbx_audit_revision_category.category 
1  4 'Structure model' chem_comp_atom            
2  4 'Structure model' chem_comp_bond            
3  4 'Structure model' database_2                
4  4 'Structure model' pdbx_entry_details        
5  4 'Structure model' pdbx_modification_feature 
6  4 'Structure model' pdbx_struct_conn_angle    
7  4 'Structure model' struct_conn               
8  4 'Structure model' struct_conn_type          
9  4 'Structure model' struct_ref_seq_dif        
10 4 'Structure model' struct_site               
# 
loop_
_pdbx_audit_revision_item.ordinal 
_pdbx_audit_revision_item.revision_ordinal 
_pdbx_audit_revision_item.data_content_type 
_pdbx_audit_revision_item.item 
1  4 'Structure model' '_database_2.pdbx_DOI'                        
2  4 'Structure model' '_database_2.pdbx_database_accession'         
3  4 'Structure model' '_pdbx_struct_conn_angle.ptnr1_auth_comp_id'  
4  4 'Structure model' '_pdbx_struct_conn_angle.ptnr1_auth_seq_id'   
5  4 'Structure model' '_pdbx_struct_conn_angle.ptnr1_label_asym_id' 
6  4 'Structure model' '_pdbx_struct_conn_angle.ptnr1_label_atom_id' 
7  4 'Structure model' '_pdbx_struct_conn_angle.ptnr1_label_comp_id' 
8  4 'Structure model' '_pdbx_struct_conn_angle.ptnr1_label_seq_id'  
9  4 'Structure model' '_pdbx_struct_conn_angle.ptnr3_auth_comp_id'  
10 4 'Structure model' '_pdbx_struct_conn_angle.ptnr3_auth_seq_id'   
11 4 'Structure model' '_pdbx_struct_conn_angle.ptnr3_label_asym_id' 
12 4 'Structure model' '_pdbx_struct_conn_angle.ptnr3_label_atom_id' 
13 4 'Structure model' '_pdbx_struct_conn_angle.ptnr3_label_comp_id' 
14 4 'Structure model' '_pdbx_struct_conn_angle.ptnr3_label_seq_id'  
15 4 'Structure model' '_pdbx_struct_conn_angle.value'               
16 4 'Structure model' '_struct_conn.conn_type_id'                   
17 4 'Structure model' '_struct_conn.id'                             
18 4 'Structure model' '_struct_conn.pdbx_dist_value'                
19 4 'Structure model' '_struct_conn.pdbx_leaving_atom_flag'         
20 4 'Structure model' '_struct_conn.ptnr1_auth_comp_id'             
21 4 'Structure model' '_struct_conn.ptnr1_auth_seq_id'              
22 4 'Structure model' '_struct_conn.ptnr1_label_asym_id'            
23 4 'Structure model' '_struct_conn.ptnr1_label_atom_id'            
24 4 'Structure model' '_struct_conn.ptnr1_label_comp_id'            
25 4 'Structure model' '_struct_conn.ptnr1_label_seq_id'             
26 4 'Structure model' '_struct_conn.ptnr2_auth_comp_id'             
27 4 'Structure model' '_struct_conn.ptnr2_auth_seq_id'              
28 4 'Structure model' '_struct_conn.ptnr2_label_asym_id'            
29 4 'Structure model' '_struct_conn.ptnr2_label_atom_id'            
30 4 'Structure model' '_struct_conn.ptnr2_label_comp_id'            
31 4 'Structure model' '_struct_conn.ptnr2_label_seq_id'             
32 4 'Structure model' '_struct_conn_type.id'                        
33 4 'Structure model' '_struct_ref_seq_dif.details'                 
34 4 'Structure model' '_struct_site.pdbx_auth_asym_id'              
35 4 'Structure model' '_struct_site.pdbx_auth_comp_id'              
36 4 'Structure model' '_struct_site.pdbx_auth_seq_id'               
# 
_pdbx_database_status.status_code                     REL 
_pdbx_database_status.entry_id                        1HXI 
_pdbx_database_status.recvd_initial_deposition_date   2001-01-15 
_pdbx_database_status.deposit_site                    RCSB 
_pdbx_database_status.process_site                    RCSB 
_pdbx_database_status.status_code_sf                  REL 
_pdbx_database_status.SG_entry                        . 
_pdbx_database_status.pdb_format_compatible           Y 
_pdbx_database_status.status_code_mr                  ? 
_pdbx_database_status.status_code_cs                  ? 
_pdbx_database_status.status_code_nmr_data            ? 
_pdbx_database_status.methods_development_category    ? 
# 
loop_
_audit_author.name 
_audit_author.pdbx_ordinal 
'Kumar, A.'       1 
'Roach, C.'       2 
'Hirsh, I.S.'     3 
'Turley, S.'      4 
'deWalque, S.'    5 
'Michels, P.A.M.' 6 
'Hol, W.G.J.'     7 
# 
_citation.id                        primary 
_citation.title                     
'An unexpected extended conformation for the third TPR motif of the peroxin PEX5 from Trypanosoma brucei.' 
_citation.journal_abbrev            J.Mol.Biol. 
_citation.journal_volume            307 
_citation.page_first                271 
_citation.page_last                 282 
_citation.year                      2001 
_citation.journal_id_ASTM           JMOBAK 
_citation.country                   UK 
_citation.journal_id_ISSN           0022-2836 
_citation.journal_id_CSD            0070 
_citation.book_publisher            ? 
_citation.pdbx_database_id_PubMed   11243819 
_citation.pdbx_database_id_DOI      10.1006/jmbi.2000.4465 
# 
loop_
_citation_author.citation_id 
_citation_author.name 
_citation_author.ordinal 
_citation_author.identifier_ORCID 
primary 'Kumar, A.'     1 ? 
primary 'Roach, C.'     2 ? 
primary 'Hirsh, I.S.'   3 ? 
primary 'Turley, S.'    4 ? 
primary 'deWalque, S.'  5 ? 
primary 'Michels, P.A.' 6 ? 
primary 'Hol, W.G.'     7 ? 
# 
loop_
_entity.id 
_entity.type 
_entity.src_method 
_entity.pdbx_description 
_entity.formula_weight 
_entity.pdbx_number_of_molecules 
_entity.pdbx_ec 
_entity.pdbx_mutation 
_entity.pdbx_fragment 
_entity.details 
1 polymer     man 'PEROXISOME TARGETING SIGNAL 1 RECEPTOR PEX5' 13713.620 1   ? ? 'FIRST THREE TPR MOTIFS' ? 
2 non-polymer syn 'MAGNESIUM ION'                               24.305    1   ? ? ?                        ? 
3 water       nat water                                         18.015    146 ? ? ?                        ? 
# 
_entity_name_com.entity_id   1 
_entity_name_com.name        PEX5 
# 
_entity_poly.entity_id                      1 
_entity_poly.type                           'polypeptide(L)' 
_entity_poly.nstd_linkage                   no 
_entity_poly.nstd_monomer                   yes 
_entity_poly.pdbx_seq_one_letter_code       
;QNNTDYPFEANNPY(MSE)YHENP(MSE)EEGLS(MSE)LKLANLAEAALAFEAVCQKEPEREEAWRSLGLTQAENEKDG
LAIIALNHAR(MSE)LDPKDIAVHAALAVSHTNEHNANAALASLRAWLLSQPQYEQL
;
_entity_poly.pdbx_seq_one_letter_code_can   
;QNNTDYPFEANNPYMYHENPMEEGLSMLKLANLAEAALAFEAVCQKEPEREEAWRSLGLTQAENEKDGLAIIALNHARML
DPKDIAVHAALAVSHTNEHNANAALASLRAWLLSQPQYEQL
;
_entity_poly.pdbx_strand_id                 A 
_entity_poly.pdbx_target_identifier         ? 
# 
loop_
_pdbx_entity_nonpoly.entity_id 
_pdbx_entity_nonpoly.name 
_pdbx_entity_nonpoly.comp_id 
2 'MAGNESIUM ION' MG  
3 water           HOH 
# 
loop_
_entity_poly_seq.entity_id 
_entity_poly_seq.num 
_entity_poly_seq.mon_id 
_entity_poly_seq.hetero 
1 1   GLN n 
1 2   ASN n 
1 3   ASN n 
1 4   THR n 
1 5   ASP n 
1 6   TYR n 
1 7   PRO n 
1 8   PHE n 
1 9   GLU n 
1 10  ALA n 
1 11  ASN n 
1 12  ASN n 
1 13  PRO n 
1 14  TYR n 
1 15  MSE n 
1 16  TYR n 
1 17  HIS n 
1 18  GLU n 
1 19  ASN n 
1 20  PRO n 
1 21  MSE n 
1 22  GLU n 
1 23  GLU n 
1 24  GLY n 
1 25  LEU n 
1 26  SER n 
1 27  MSE n 
1 28  LEU n 
1 29  LYS n 
1 30  LEU n 
1 31  ALA n 
1 32  ASN n 
1 33  LEU n 
1 34  ALA n 
1 35  GLU n 
1 36  ALA n 
1 37  ALA n 
1 38  LEU n 
1 39  ALA n 
1 40  PHE n 
1 41  GLU n 
1 42  ALA n 
1 43  VAL n 
1 44  CYS n 
1 45  GLN n 
1 46  LYS n 
1 47  GLU n 
1 48  PRO n 
1 49  GLU n 
1 50  ARG n 
1 51  GLU n 
1 52  GLU n 
1 53  ALA n 
1 54  TRP n 
1 55  ARG n 
1 56  SER n 
1 57  LEU n 
1 58  GLY n 
1 59  LEU n 
1 60  THR n 
1 61  GLN n 
1 62  ALA n 
1 63  GLU n 
1 64  ASN n 
1 65  GLU n 
1 66  LYS n 
1 67  ASP n 
1 68  GLY n 
1 69  LEU n 
1 70  ALA n 
1 71  ILE n 
1 72  ILE n 
1 73  ALA n 
1 74  LEU n 
1 75  ASN n 
1 76  HIS n 
1 77  ALA n 
1 78  ARG n 
1 79  MSE n 
1 80  LEU n 
1 81  ASP n 
1 82  PRO n 
1 83  LYS n 
1 84  ASP n 
1 85  ILE n 
1 86  ALA n 
1 87  VAL n 
1 88  HIS n 
1 89  ALA n 
1 90  ALA n 
1 91  LEU n 
1 92  ALA n 
1 93  VAL n 
1 94  SER n 
1 95  HIS n 
1 96  THR n 
1 97  ASN n 
1 98  GLU n 
1 99  HIS n 
1 100 ASN n 
1 101 ALA n 
1 102 ASN n 
1 103 ALA n 
1 104 ALA n 
1 105 LEU n 
1 106 ALA n 
1 107 SER n 
1 108 LEU n 
1 109 ARG n 
1 110 ALA n 
1 111 TRP n 
1 112 LEU n 
1 113 LEU n 
1 114 SER n 
1 115 GLN n 
1 116 PRO n 
1 117 GLN n 
1 118 TYR n 
1 119 GLU n 
1 120 GLN n 
1 121 LEU n 
# 
_entity_src_gen.entity_id                          1 
_entity_src_gen.pdbx_src_id                        1 
_entity_src_gen.pdbx_alt_source_flag               sample 
_entity_src_gen.pdbx_seq_type                      ? 
_entity_src_gen.pdbx_beg_seq_num                   ? 
_entity_src_gen.pdbx_end_seq_num                   ? 
_entity_src_gen.gene_src_common_name               ? 
_entity_src_gen.gene_src_genus                     Trypanosoma 
_entity_src_gen.pdbx_gene_src_gene                 PEX5 
_entity_src_gen.gene_src_species                   ? 
_entity_src_gen.gene_src_strain                    ? 
_entity_src_gen.gene_src_tissue                    ? 
_entity_src_gen.gene_src_tissue_fraction           ? 
_entity_src_gen.gene_src_details                   ? 
_entity_src_gen.pdbx_gene_src_fragment             ? 
_entity_src_gen.pdbx_gene_src_scientific_name      'Trypanosoma brucei' 
_entity_src_gen.pdbx_gene_src_ncbi_taxonomy_id     5691 
_entity_src_gen.pdbx_gene_src_variant              ? 
_entity_src_gen.pdbx_gene_src_cell_line            ? 
_entity_src_gen.pdbx_gene_src_atcc                 ? 
_entity_src_gen.pdbx_gene_src_organ                ? 
_entity_src_gen.pdbx_gene_src_organelle            ? 
_entity_src_gen.pdbx_gene_src_cell                 ? 
_entity_src_gen.pdbx_gene_src_cellular_location    ? 
_entity_src_gen.host_org_common_name               ? 
_entity_src_gen.pdbx_host_org_scientific_name      'Escherichia coli BL21(DE3)' 
_entity_src_gen.pdbx_host_org_ncbi_taxonomy_id     469008 
_entity_src_gen.host_org_genus                     Escherichia 
_entity_src_gen.pdbx_host_org_gene                 ? 
_entity_src_gen.pdbx_host_org_organ                ? 
_entity_src_gen.host_org_species                   'Escherichia coli' 
_entity_src_gen.pdbx_host_org_tissue               ? 
_entity_src_gen.pdbx_host_org_tissue_fraction      ? 
_entity_src_gen.pdbx_host_org_strain               'BL21(DE3)' 
_entity_src_gen.pdbx_host_org_variant              ? 
_entity_src_gen.pdbx_host_org_cell_line            ? 
_entity_src_gen.pdbx_host_org_atcc                 ? 
_entity_src_gen.pdbx_host_org_culture_collection   ? 
_entity_src_gen.pdbx_host_org_cell                 ? 
_entity_src_gen.pdbx_host_org_organelle            ? 
_entity_src_gen.pdbx_host_org_cellular_location    ? 
_entity_src_gen.pdbx_host_org_vector_type          PLASMID 
_entity_src_gen.pdbx_host_org_vector               ? 
_entity_src_gen.host_org_details                   ? 
_entity_src_gen.expression_system_id               ? 
_entity_src_gen.plasmid_name                       PET26B 
_entity_src_gen.plasmid_details                    ? 
_entity_src_gen.pdbx_description                   ? 
# 
loop_
_chem_comp.id 
_chem_comp.type 
_chem_comp.mon_nstd_flag 
_chem_comp.name 
_chem_comp.pdbx_synonyms 
_chem_comp.formula 
_chem_comp.formula_weight 
ALA 'L-peptide linking' y ALANINE          ? 'C3 H7 N O2'     89.093  
ARG 'L-peptide linking' y ARGININE         ? 'C6 H15 N4 O2 1' 175.209 
ASN 'L-peptide linking' y ASPARAGINE       ? 'C4 H8 N2 O3'    132.118 
ASP 'L-peptide linking' y 'ASPARTIC ACID'  ? 'C4 H7 N O4'     133.103 
CYS 'L-peptide linking' y CYSTEINE         ? 'C3 H7 N O2 S'   121.158 
GLN 'L-peptide linking' y GLUTAMINE        ? 'C5 H10 N2 O3'   146.144 
GLU 'L-peptide linking' y 'GLUTAMIC ACID'  ? 'C5 H9 N O4'     147.129 
GLY 'peptide linking'   y GLYCINE          ? 'C2 H5 N O2'     75.067  
HIS 'L-peptide linking' y HISTIDINE        ? 'C6 H10 N3 O2 1' 156.162 
HOH non-polymer         . WATER            ? 'H2 O'           18.015  
ILE 'L-peptide linking' y ISOLEUCINE       ? 'C6 H13 N O2'    131.173 
LEU 'L-peptide linking' y LEUCINE          ? 'C6 H13 N O2'    131.173 
LYS 'L-peptide linking' y LYSINE           ? 'C6 H15 N2 O2 1' 147.195 
MET 'L-peptide linking' y METHIONINE       ? 'C5 H11 N O2 S'  149.211 
MG  non-polymer         . 'MAGNESIUM ION'  ? 'Mg 2'           24.305  
MSE 'L-peptide linking' n SELENOMETHIONINE ? 'C5 H11 N O2 Se' 196.106 
PHE 'L-peptide linking' y PHENYLALANINE    ? 'C9 H11 N O2'    165.189 
PRO 'L-peptide linking' y PROLINE          ? 'C5 H9 N O2'     115.130 
SER 'L-peptide linking' y SERINE           ? 'C3 H7 N O3'     105.093 
THR 'L-peptide linking' y THREONINE        ? 'C4 H9 N O3'     119.119 
TRP 'L-peptide linking' y TRYPTOPHAN       ? 'C11 H12 N2 O2'  204.225 
TYR 'L-peptide linking' y TYROSINE         ? 'C9 H11 N O3'    181.189 
VAL 'L-peptide linking' y VALINE           ? 'C5 H11 N O2'    117.146 
# 
loop_
_pdbx_poly_seq_scheme.asym_id 
_pdbx_poly_seq_scheme.entity_id 
_pdbx_poly_seq_scheme.seq_id 
_pdbx_poly_seq_scheme.mon_id 
_pdbx_poly_seq_scheme.ndb_seq_num 
_pdbx_poly_seq_scheme.pdb_seq_num 
_pdbx_poly_seq_scheme.auth_seq_num 
_pdbx_poly_seq_scheme.pdb_mon_id 
_pdbx_poly_seq_scheme.auth_mon_id 
_pdbx_poly_seq_scheme.pdb_strand_id 
_pdbx_poly_seq_scheme.pdb_ins_code 
_pdbx_poly_seq_scheme.hetero 
A 1 1   GLN 1   333 ?   ?   ?   A . n 
A 1 2   ASN 2   334 334 ASN ASN A . n 
A 1 3   ASN 3   335 335 ASN ASN A . n 
A 1 4   THR 4   336 336 THR THR A . n 
A 1 5   ASP 5   337 337 ASP ASP A . n 
A 1 6   TYR 6   338 338 TYR TYR A . n 
A 1 7   PRO 7   339 339 PRO PRO A . n 
A 1 8   PHE 8   340 340 PHE PHE A . n 
A 1 9   GLU 9   341 341 GLU GLU A . n 
A 1 10  ALA 10  342 342 ALA ALA A . n 
A 1 11  ASN 11  343 343 ASN ASN A . n 
A 1 12  ASN 12  344 344 ASN ASN A . n 
A 1 13  PRO 13  345 345 PRO PRO A . n 
A 1 14  TYR 14  346 346 TYR TYR A . n 
A 1 15  MSE 15  347 347 MSE MET A . n 
A 1 16  TYR 16  348 348 TYR TYR A . n 
A 1 17  HIS 17  349 349 HIS HIS A . n 
A 1 18  GLU 18  350 350 GLU GLU A . n 
A 1 19  ASN 19  351 351 ASN ASN A . n 
A 1 20  PRO 20  352 352 PRO PRO A . n 
A 1 21  MSE 21  353 353 MSE MET A . n 
A 1 22  GLU 22  354 354 GLU GLU A . n 
A 1 23  GLU 23  355 355 GLU GLU A . n 
A 1 24  GLY 24  356 356 GLY GLY A . n 
A 1 25  LEU 25  357 357 LEU LEU A . n 
A 1 26  SER 26  358 358 SER SER A . n 
A 1 27  MSE 27  359 359 MSE MET A . n 
A 1 28  LEU 28  360 360 LEU LEU A . n 
A 1 29  LYS 29  361 361 LYS LYS A . n 
A 1 30  LEU 30  362 362 LEU LEU A . n 
A 1 31  ALA 31  363 363 ALA ALA A . n 
A 1 32  ASN 32  364 364 ASN ASN A . n 
A 1 33  LEU 33  365 365 LEU LEU A . n 
A 1 34  ALA 34  366 366 ALA ALA A . n 
A 1 35  GLU 35  367 367 GLU GLU A . n 
A 1 36  ALA 36  368 368 ALA ALA A . n 
A 1 37  ALA 37  369 369 ALA ALA A . n 
A 1 38  LEU 38  370 370 LEU LEU A . n 
A 1 39  ALA 39  371 371 ALA ALA A . n 
A 1 40  PHE 40  372 372 PHE PHE A . n 
A 1 41  GLU 41  373 373 GLU GLU A . n 
A 1 42  ALA 42  374 374 ALA ALA A . n 
A 1 43  VAL 43  375 375 VAL VAL A . n 
A 1 44  CYS 44  376 376 CYS CYS A . n 
A 1 45  GLN 45  377 377 GLN GLN A . n 
A 1 46  LYS 46  378 378 LYS LYS A . n 
A 1 47  GLU 47  379 379 GLU GLU A . n 
A 1 48  PRO 48  380 380 PRO PRO A . n 
A 1 49  GLU 49  381 381 GLU GLU A . n 
A 1 50  ARG 50  382 382 ARG ARG A . n 
A 1 51  GLU 51  383 383 GLU GLU A . n 
A 1 52  GLU 52  384 384 GLU GLU A . n 
A 1 53  ALA 53  385 385 ALA ALA A . n 
A 1 54  TRP 54  386 386 TRP TRP A . n 
A 1 55  ARG 55  387 387 ARG ARG A . n 
A 1 56  SER 56  388 388 SER SER A . n 
A 1 57  LEU 57  389 389 LEU LEU A . n 
A 1 58  GLY 58  390 390 GLY GLY A . n 
A 1 59  LEU 59  391 391 LEU LEU A . n 
A 1 60  THR 60  392 392 THR THR A . n 
A 1 61  GLN 61  393 393 GLN GLN A . n 
A 1 62  ALA 62  394 394 ALA ALA A . n 
A 1 63  GLU 63  395 395 GLU GLU A . n 
A 1 64  ASN 64  396 396 ASN ASN A . n 
A 1 65  GLU 65  397 397 GLU GLU A . n 
A 1 66  LYS 66  398 398 LYS LYS A . n 
A 1 67  ASP 67  399 399 ASP ASP A . n 
A 1 68  GLY 68  400 400 GLY GLY A . n 
A 1 69  LEU 69  401 401 LEU LEU A . n 
A 1 70  ALA 70  402 402 ALA ALA A . n 
A 1 71  ILE 71  403 403 ILE ILE A . n 
A 1 72  ILE 72  404 404 ILE ILE A . n 
A 1 73  ALA 73  405 405 ALA ALA A . n 
A 1 74  LEU 74  406 406 LEU LEU A . n 
A 1 75  ASN 75  407 407 ASN ASN A . n 
A 1 76  HIS 76  408 408 HIS HIS A . n 
A 1 77  ALA 77  409 409 ALA ALA A . n 
A 1 78  ARG 78  410 410 ARG ARG A . n 
A 1 79  MSE 79  411 411 MSE MET A . n 
A 1 80  LEU 80  412 412 LEU LEU A . n 
A 1 81  ASP 81  413 413 ASP ASP A . n 
A 1 82  PRO 82  414 414 PRO PRO A . n 
A 1 83  LYS 83  415 415 LYS LYS A . n 
A 1 84  ASP 84  416 416 ASP ASP A . n 
A 1 85  ILE 85  417 417 ILE ILE A . n 
A 1 86  ALA 86  418 418 ALA ALA A . n 
A 1 87  VAL 87  419 419 VAL VAL A . n 
A 1 88  HIS 88  420 420 HIS HIS A . n 
A 1 89  ALA 89  421 421 ALA ALA A . n 
A 1 90  ALA 90  422 422 ALA ALA A . n 
A 1 91  LEU 91  423 423 LEU LEU A . n 
A 1 92  ALA 92  424 424 ALA ALA A . n 
A 1 93  VAL 93  425 425 VAL VAL A . n 
A 1 94  SER 94  426 426 SER SER A . n 
A 1 95  HIS 95  427 427 HIS HIS A . n 
A 1 96  THR 96  428 428 THR THR A . n 
A 1 97  ASN 97  429 429 ASN ASN A . n 
A 1 98  GLU 98  430 430 GLU GLU A . n 
A 1 99  HIS 99  431 431 HIS HIS A . n 
A 1 100 ASN 100 432 432 ASN ASN A . n 
A 1 101 ALA 101 433 433 ALA ALA A . n 
A 1 102 ASN 102 434 434 ASN ASN A . n 
A 1 103 ALA 103 435 435 ALA ALA A . n 
A 1 104 ALA 104 436 436 ALA ALA A . n 
A 1 105 LEU 105 437 437 LEU LEU A . n 
A 1 106 ALA 106 438 438 ALA ALA A . n 
A 1 107 SER 107 439 439 SER SER A . n 
A 1 108 LEU 108 440 440 LEU LEU A . n 
A 1 109 ARG 109 441 441 ARG ARG A . n 
A 1 110 ALA 110 442 442 ALA ALA A . n 
A 1 111 TRP 111 443 443 TRP TRP A . n 
A 1 112 LEU 112 444 444 LEU LEU A . n 
A 1 113 LEU 113 445 445 LEU LEU A . n 
A 1 114 SER 114 446 ?   ?   ?   A . n 
A 1 115 GLN 115 447 ?   ?   ?   A . n 
A 1 116 PRO 116 448 ?   ?   ?   A . n 
A 1 117 GLN 117 449 ?   ?   ?   A . n 
A 1 118 TYR 118 450 ?   ?   ?   A . n 
A 1 119 GLU 119 451 ?   ?   ?   A . n 
A 1 120 GLN 120 452 ?   ?   ?   A . n 
A 1 121 LEU 121 453 ?   ?   ?   A . n 
# 
loop_
_pdbx_nonpoly_scheme.asym_id 
_pdbx_nonpoly_scheme.entity_id 
_pdbx_nonpoly_scheme.mon_id 
_pdbx_nonpoly_scheme.ndb_seq_num 
_pdbx_nonpoly_scheme.pdb_seq_num 
_pdbx_nonpoly_scheme.auth_seq_num 
_pdbx_nonpoly_scheme.pdb_mon_id 
_pdbx_nonpoly_scheme.auth_mon_id 
_pdbx_nonpoly_scheme.pdb_strand_id 
_pdbx_nonpoly_scheme.pdb_ins_code 
B 2 MG  1   1   1   MG  IUM A . 
C 3 HOH 1   454 1   HOH WAT A . 
C 3 HOH 2   455 2   HOH WAT A . 
C 3 HOH 3   456 3   HOH WAT A . 
C 3 HOH 4   457 4   HOH WAT A . 
C 3 HOH 5   458 5   HOH WAT A . 
C 3 HOH 6   459 6   HOH WAT A . 
C 3 HOH 7   460 7   HOH WAT A . 
C 3 HOH 8   461 8   HOH WAT A . 
C 3 HOH 9   462 9   HOH WAT A . 
C 3 HOH 10  463 10  HOH WAT A . 
C 3 HOH 11  464 11  HOH WAT A . 
C 3 HOH 12  465 12  HOH WAT A . 
C 3 HOH 13  466 13  HOH WAT A . 
C 3 HOH 14  467 14  HOH WAT A . 
C 3 HOH 15  468 15  HOH WAT A . 
C 3 HOH 16  469 16  HOH WAT A . 
C 3 HOH 17  470 17  HOH WAT A . 
C 3 HOH 18  471 18  HOH WAT A . 
C 3 HOH 19  472 19  HOH WAT A . 
C 3 HOH 20  473 20  HOH WAT A . 
C 3 HOH 21  474 21  HOH WAT A . 
C 3 HOH 22  475 22  HOH WAT A . 
C 3 HOH 23  476 23  HOH WAT A . 
C 3 HOH 24  477 24  HOH WAT A . 
C 3 HOH 25  478 25  HOH WAT A . 
C 3 HOH 26  479 26  HOH WAT A . 
C 3 HOH 27  480 27  HOH WAT A . 
C 3 HOH 28  481 28  HOH WAT A . 
C 3 HOH 29  482 29  HOH WAT A . 
C 3 HOH 30  483 30  HOH WAT A . 
C 3 HOH 31  484 31  HOH WAT A . 
C 3 HOH 32  485 32  HOH WAT A . 
C 3 HOH 33  486 33  HOH WAT A . 
C 3 HOH 34  487 34  HOH WAT A . 
C 3 HOH 35  488 35  HOH WAT A . 
C 3 HOH 36  489 36  HOH WAT A . 
C 3 HOH 37  490 37  HOH WAT A . 
C 3 HOH 38  491 38  HOH WAT A . 
C 3 HOH 39  492 39  HOH WAT A . 
C 3 HOH 40  493 40  HOH WAT A . 
C 3 HOH 41  494 41  HOH WAT A . 
C 3 HOH 42  495 42  HOH WAT A . 
C 3 HOH 43  496 43  HOH WAT A . 
C 3 HOH 44  497 44  HOH WAT A . 
C 3 HOH 45  498 45  HOH WAT A . 
C 3 HOH 46  499 46  HOH WAT A . 
C 3 HOH 47  500 47  HOH WAT A . 
C 3 HOH 48  501 48  HOH WAT A . 
C 3 HOH 49  502 49  HOH WAT A . 
C 3 HOH 50  503 50  HOH WAT A . 
C 3 HOH 51  504 51  HOH WAT A . 
C 3 HOH 52  505 52  HOH WAT A . 
C 3 HOH 53  506 53  HOH WAT A . 
C 3 HOH 54  507 54  HOH WAT A . 
C 3 HOH 55  508 55  HOH WAT A . 
C 3 HOH 56  509 56  HOH WAT A . 
C 3 HOH 57  510 57  HOH WAT A . 
C 3 HOH 58  511 58  HOH WAT A . 
C 3 HOH 59  512 59  HOH WAT A . 
C 3 HOH 60  513 60  HOH WAT A . 
C 3 HOH 61  514 61  HOH WAT A . 
C 3 HOH 62  515 62  HOH WAT A . 
C 3 HOH 63  516 63  HOH WAT A . 
C 3 HOH 64  517 64  HOH WAT A . 
C 3 HOH 65  518 65  HOH WAT A . 
C 3 HOH 66  519 66  HOH WAT A . 
C 3 HOH 67  520 67  HOH WAT A . 
C 3 HOH 68  521 68  HOH WAT A . 
C 3 HOH 69  522 69  HOH WAT A . 
C 3 HOH 70  523 70  HOH WAT A . 
C 3 HOH 71  524 71  HOH WAT A . 
C 3 HOH 72  525 72  HOH WAT A . 
C 3 HOH 73  526 73  HOH WAT A . 
C 3 HOH 74  527 74  HOH WAT A . 
C 3 HOH 75  528 75  HOH WAT A . 
C 3 HOH 76  529 76  HOH WAT A . 
C 3 HOH 77  530 77  HOH WAT A . 
C 3 HOH 78  531 78  HOH WAT A . 
C 3 HOH 79  532 79  HOH WAT A . 
C 3 HOH 80  533 80  HOH WAT A . 
C 3 HOH 81  534 81  HOH WAT A . 
C 3 HOH 82  535 82  HOH WAT A . 
C 3 HOH 83  536 83  HOH WAT A . 
C 3 HOH 84  537 84  HOH WAT A . 
C 3 HOH 85  538 85  HOH WAT A . 
C 3 HOH 86  539 86  HOH WAT A . 
C 3 HOH 87  540 87  HOH WAT A . 
C 3 HOH 88  541 88  HOH WAT A . 
C 3 HOH 89  542 89  HOH WAT A . 
C 3 HOH 90  543 90  HOH WAT A . 
C 3 HOH 91  544 91  HOH WAT A . 
C 3 HOH 92  545 92  HOH WAT A . 
C 3 HOH 93  546 93  HOH WAT A . 
C 3 HOH 94  547 94  HOH WAT A . 
C 3 HOH 95  548 95  HOH WAT A . 
C 3 HOH 96  549 96  HOH WAT A . 
C 3 HOH 97  550 97  HOH WAT A . 
C 3 HOH 98  551 98  HOH WAT A . 
C 3 HOH 99  552 99  HOH WAT A . 
C 3 HOH 100 553 100 HOH WAT A . 
C 3 HOH 101 554 101 HOH WAT A . 
C 3 HOH 102 555 102 HOH WAT A . 
C 3 HOH 103 556 103 HOH WAT A . 
C 3 HOH 104 557 104 HOH WAT A . 
C 3 HOH 105 558 105 HOH WAT A . 
C 3 HOH 106 559 106 HOH WAT A . 
C 3 HOH 107 560 107 HOH WAT A . 
C 3 HOH 108 561 108 HOH WAT A . 
C 3 HOH 109 562 109 HOH WAT A . 
C 3 HOH 110 563 110 HOH WAT A . 
C 3 HOH 111 564 111 HOH WAT A . 
C 3 HOH 112 565 112 HOH WAT A . 
C 3 HOH 113 566 113 HOH WAT A . 
C 3 HOH 114 567 114 HOH WAT A . 
C 3 HOH 115 568 115 HOH WAT A . 
C 3 HOH 116 569 116 HOH WAT A . 
C 3 HOH 117 570 117 HOH WAT A . 
C 3 HOH 118 571 118 HOH WAT A . 
C 3 HOH 119 572 119 HOH WAT A . 
C 3 HOH 120 573 120 HOH WAT A . 
C 3 HOH 121 574 121 HOH WAT A . 
C 3 HOH 122 575 122 HOH WAT A . 
C 3 HOH 123 576 123 HOH WAT A . 
C 3 HOH 124 577 124 HOH WAT A . 
C 3 HOH 125 578 125 HOH WAT A . 
C 3 HOH 126 579 126 HOH WAT A . 
C 3 HOH 127 580 127 HOH WAT A . 
C 3 HOH 128 581 128 HOH WAT A . 
C 3 HOH 129 582 129 HOH WAT A . 
C 3 HOH 130 583 130 HOH WAT A . 
C 3 HOH 131 584 131 HOH WAT A . 
C 3 HOH 132 585 132 HOH WAT A . 
C 3 HOH 133 586 133 HOH WAT A . 
C 3 HOH 134 587 134 HOH WAT A . 
C 3 HOH 135 588 135 HOH WAT A . 
C 3 HOH 136 589 136 HOH WAT A . 
C 3 HOH 137 590 137 HOH WAT A . 
C 3 HOH 138 591 138 HOH WAT A . 
C 3 HOH 139 592 139 HOH WAT A . 
C 3 HOH 140 593 140 HOH WAT A . 
C 3 HOH 141 594 141 HOH WAT A . 
C 3 HOH 142 595 142 HOH WAT A . 
C 3 HOH 143 596 143 HOH WAT A . 
C 3 HOH 144 597 144 HOH WAT A . 
C 3 HOH 145 598 145 HOH WAT A . 
C 3 HOH 146 599 146 HOH WAT A . 
# 
loop_
_software.name 
_software.classification 
_software.version 
_software.citation_id 
_software.pdbx_ordinal 
SOLVE     phasing          . ? 1 
REFMAC    refinement       . ? 2 
DENZO     'data reduction' . ? 3 
SCALEPACK 'data scaling'   . ? 4 
# 
_cell.entry_id           1HXI 
_cell.length_a           75.000 
_cell.length_b           75.000 
_cell.length_c           56.010 
_cell.angle_alpha        90.00 
_cell.angle_beta         90.00 
_cell.angle_gamma        120.00 
_cell.Z_PDB              6 
_cell.pdbx_unique_axis   ? 
# 
_symmetry.entry_id                         1HXI 
_symmetry.space_group_name_H-M             'P 65' 
_symmetry.pdbx_full_space_group_name_H-M   ? 
_symmetry.cell_setting                     ? 
_symmetry.Int_Tables_number                170 
# 
_exptl.entry_id          1HXI 
_exptl.method            'X-RAY DIFFRACTION' 
_exptl.crystals_number   1 
# 
_exptl_crystal.id                    1 
_exptl_crystal.density_meas          ? 
_exptl_crystal.density_Matthews      3.118 
_exptl_crystal.density_percent_sol   61.7 
_exptl_crystal.description           ? 
# 
_exptl_crystal_grow.crystal_id      1 
_exptl_crystal_grow.method          'VAPOR DIFFUSION, SITTING DROP' 
_exptl_crystal_grow.temp            298 
_exptl_crystal_grow.temp_details    ? 
_exptl_crystal_grow.pH              6.5 
_exptl_crystal_grow.pdbx_details    'Imidazole, MgCl2, IPTG, DMSO, pH 6.5, VAPOR DIFFUSION, SITTING DROP, temperature 298K' 
_exptl_crystal_grow.pdbx_pH_range   . 
# 
_diffrn.id                     1 
_diffrn.ambient_temp           100 
_diffrn.ambient_temp_details   ? 
_diffrn.crystal_id             1 
# 
_diffrn_detector.diffrn_id              1 
_diffrn_detector.detector               CCD 
_diffrn_detector.type                   'ADSC QUANTUM 4' 
_diffrn_detector.pdbx_collection_date   2000-04-17 
_diffrn_detector.details                ? 
# 
_diffrn_radiation.diffrn_id                        1 
_diffrn_radiation.wavelength_id                    1 
_diffrn_radiation.pdbx_monochromatic_or_laue_m_l   M 
_diffrn_radiation.monochromator                    synchrotron 
_diffrn_radiation.pdbx_diffrn_protocol             MAD 
_diffrn_radiation.pdbx_scattering_type             x-ray 
# 
loop_
_diffrn_radiation_wavelength.id 
_diffrn_radiation_wavelength.wavelength 
_diffrn_radiation_wavelength.wt 
1 0.9798 1.0 
2 0.9800 1.0 
3 0.9574 1.0 
# 
_diffrn_source.diffrn_id                   1 
_diffrn_source.source                      SYNCHROTRON 
_diffrn_source.type                        'ALS BEAMLINE 5.0.2' 
_diffrn_source.pdbx_synchrotron_site       ALS 
_diffrn_source.pdbx_synchrotron_beamline   5.0.2 
_diffrn_source.pdbx_wavelength             ? 
_diffrn_source.pdbx_wavelength_list        '0.9798, 0.9800, 0.9574' 
# 
_reflns.entry_id                     1HXI 
_reflns.observed_criterion_sigma_I   0 
_reflns.observed_criterion_sigma_F   0 
_reflns.d_resolution_low             20.0 
_reflns.d_resolution_high            1.6 
_reflns.number_obs                   23237 
_reflns.number_all                   23687 
_reflns.percent_possible_obs         98.1 
_reflns.pdbx_Rmerge_I_obs            0.0790000 
_reflns.pdbx_Rsym_value              ? 
_reflns.pdbx_netI_over_sigmaI        17.3 
_reflns.B_iso_Wilson_estimate        20.049 
_reflns.pdbx_redundancy              5.8 
_reflns.R_free_details               ? 
_reflns.limit_h_max                  ? 
_reflns.limit_h_min                  ? 
_reflns.limit_k_max                  ? 
_reflns.limit_k_min                  ? 
_reflns.limit_l_max                  ? 
_reflns.limit_l_min                  ? 
_reflns.observed_criterion_F_max     ? 
_reflns.observed_criterion_F_min     ? 
_reflns.pdbx_diffrn_id               1 
_reflns.pdbx_ordinal                 1 
# 
_reflns_shell.d_res_high             1.6 
_reflns_shell.d_res_low              20.0 
_reflns_shell.percent_possible_all   99.7 
_reflns_shell.Rmerge_I_obs           0.5020000 
_reflns_shell.pdbx_Rsym_value        ? 
_reflns_shell.meanI_over_sigI_obs    ? 
_reflns_shell.pdbx_redundancy        5.6 
_reflns_shell.percent_possible_obs   ? 
_reflns_shell.number_unique_all      ? 
_reflns_shell.pdbx_diffrn_id         ? 
_reflns_shell.pdbx_ordinal           1 
# 
_refine.entry_id                                 1HXI 
_refine.ls_number_reflns_obs                     23747 
_refine.ls_number_reflns_all                     23747 
_refine.pdbx_ls_sigma_I                          0.0 
_refine.pdbx_ls_sigma_F                          0.0 
_refine.pdbx_data_cutoff_high_absF               ? 
_refine.pdbx_data_cutoff_low_absF                ? 
_refine.ls_d_res_low                             20.0 
_refine.ls_d_res_high                            1.6 
_refine.ls_percent_reflns_obs                    ? 
_refine.ls_R_factor_obs                          0.1910000 
_refine.ls_R_factor_all                          0.1910000 
_refine.ls_R_factor_R_work                       0.1860000 
_refine.ls_R_factor_R_free                       0.2230000 
_refine.ls_R_factor_R_free_error                 ? 
_refine.ls_R_factor_R_free_error_details         ? 
_refine.ls_percent_reflns_R_free                 5 
_refine.ls_number_reflns_R_free                  1218 
_refine.ls_number_parameters                     ? 
_refine.ls_number_restraints                     ? 
_refine.occupancy_min                            ? 
_refine.occupancy_max                            ? 
_refine.B_iso_mean                               20.5 
_refine.aniso_B[1][1]                            ? 
_refine.aniso_B[2][2]                            ? 
_refine.aniso_B[3][3]                            ? 
_refine.aniso_B[1][2]                            ? 
_refine.aniso_B[1][3]                            ? 
_refine.aniso_B[2][3]                            ? 
_refine.solvent_model_details                    ? 
_refine.solvent_model_param_ksol                 ? 
_refine.solvent_model_param_bsol                 ? 
_refine.pdbx_ls_cross_valid_method               ? 
_refine.details                                  ? 
_refine.pdbx_starting_model                      ? 
_refine.pdbx_method_to_determine_struct          MAD 
_refine.pdbx_isotropic_thermal_model             ? 
_refine.pdbx_stereochemistry_target_values       REFMAC 
_refine.pdbx_stereochem_target_val_spec_case     ? 
_refine.pdbx_R_Free_selection_details            '5% RANDOM' 
_refine.pdbx_overall_ESU_R_Free                  ? 
_refine.overall_SU_B                             ? 
_refine.ls_redundancy_reflns_obs                 ? 
_refine.B_iso_min                                ? 
_refine.B_iso_max                                ? 
_refine.correlation_coeff_Fo_to_Fc               ? 
_refine.correlation_coeff_Fo_to_Fc_free          ? 
_refine.overall_SU_R_Cruickshank_DPI             ? 
_refine.overall_SU_R_free                        ? 
_refine.overall_SU_ML                            ? 
_refine.pdbx_overall_ESU_R                       ? 
_refine.pdbx_data_cutoff_high_rms_absF           ? 
_refine.pdbx_refine_id                           'X-RAY DIFFRACTION' 
_refine.pdbx_diffrn_id                           1 
_refine.pdbx_TLS_residual_ADP_flag               ? 
_refine.pdbx_solvent_vdw_probe_radii             ? 
_refine.pdbx_solvent_ion_probe_radii             ? 
_refine.pdbx_solvent_shrinkage_radii             ? 
_refine.pdbx_overall_phase_error                 ? 
_refine.pdbx_overall_SU_R_free_Cruickshank_DPI   ? 
_refine.pdbx_overall_SU_R_Blow_DPI               ? 
_refine.pdbx_overall_SU_R_free_Blow_DPI          ? 
# 
_refine_hist.pdbx_refine_id                   'X-RAY DIFFRACTION' 
_refine_hist.cycle_id                         LAST 
_refine_hist.pdbx_number_atoms_protein        875 
_refine_hist.pdbx_number_atoms_nucleic_acid   0 
_refine_hist.pdbx_number_atoms_ligand         1 
_refine_hist.number_atoms_solvent             146 
_refine_hist.number_atoms_total               1022 
_refine_hist.d_res_high                       1.6 
_refine_hist.d_res_low                        20.0 
# 
loop_
_refine_ls_restr.type 
_refine_ls_restr.dev_ideal 
_refine_ls_restr.dev_ideal_target 
_refine_ls_restr.weight 
_refine_ls_restr.number 
_refine_ls_restr.pdbx_refine_id 
_refine_ls_restr.pdbx_restraint_function 
p_bond_d  0.02 ? ? ? 'X-RAY DIFFRACTION' ? 
p_angle_d 1.3  ? ? ? 'X-RAY DIFFRACTION' ? 
# 
_struct.entry_id                  1HXI 
_struct.title                     
'AN UNEXPECTED EXTENDED CONFORMATION FOR THE THIRD TPR MOTIF OF THE PEROXIN PEX5 FROM TRYPANOSOMA BRUCEI' 
_struct.pdbx_model_details        ? 
_struct.pdbx_CASP_flag            ? 
_struct.pdbx_model_type_details   ? 
# 
_struct_keywords.entry_id        1HXI 
_struct_keywords.pdbx_keywords   'TRANSPORT PROTEIN' 
_struct_keywords.text            'alpha helical, TRANSPORT PROTEIN' 
# 
loop_
_struct_asym.id 
_struct_asym.pdbx_blank_PDB_chainid_flag 
_struct_asym.pdbx_modified 
_struct_asym.entity_id 
_struct_asym.details 
A N N 1 ? 
B N N 2 ? 
C N N 3 ? 
# 
_struct_ref.id                         1 
_struct_ref.db_name                    UNP 
_struct_ref.db_code                    Q9U763_TRYBB 
_struct_ref.entity_id                  1 
_struct_ref.pdbx_seq_one_letter_code   
;QNNTDYPFEANNPYMYHENPMEEGLSMLKLANLAEAALAFEAVCQKEPEREEAWRSLGLTQAENEKDGLAIIALNHARML
DPKDIAVHAALAVSHTNEHNANAALASLRAWLLSQPQYEQL
;
_struct_ref.pdbx_align_begin           333 
_struct_ref.pdbx_db_accession          Q9U763 
_struct_ref.pdbx_db_isoform            ? 
# 
_struct_ref_seq.align_id                      1 
_struct_ref_seq.ref_id                        1 
_struct_ref_seq.pdbx_PDB_id_code              1HXI 
_struct_ref_seq.pdbx_strand_id                A 
_struct_ref_seq.seq_align_beg                 1 
_struct_ref_seq.pdbx_seq_align_beg_ins_code   ? 
_struct_ref_seq.seq_align_end                 121 
_struct_ref_seq.pdbx_seq_align_end_ins_code   ? 
_struct_ref_seq.pdbx_db_accession             Q9U763 
_struct_ref_seq.db_align_beg                  333 
_struct_ref_seq.pdbx_db_align_beg_ins_code    ? 
_struct_ref_seq.db_align_end                  453 
_struct_ref_seq.pdbx_db_align_end_ins_code    ? 
_struct_ref_seq.pdbx_auth_seq_align_beg       333 
_struct_ref_seq.pdbx_auth_seq_align_end       453 
# 
loop_
_struct_ref_seq_dif.align_id 
_struct_ref_seq_dif.pdbx_pdb_id_code 
_struct_ref_seq_dif.mon_id 
_struct_ref_seq_dif.pdbx_pdb_strand_id 
_struct_ref_seq_dif.seq_num 
_struct_ref_seq_dif.pdbx_pdb_ins_code 
_struct_ref_seq_dif.pdbx_seq_db_name 
_struct_ref_seq_dif.pdbx_seq_db_accession_code 
_struct_ref_seq_dif.db_mon_id 
_struct_ref_seq_dif.pdbx_seq_db_seq_num 
_struct_ref_seq_dif.details 
_struct_ref_seq_dif.pdbx_auth_seq_num 
_struct_ref_seq_dif.pdbx_ordinal 
1 1HXI MSE A 15 ? UNP Q9U763 MET 347 'modified residue' 347 1 
1 1HXI MSE A 21 ? UNP Q9U763 MET 353 'modified residue' 353 2 
1 1HXI MSE A 27 ? UNP Q9U763 MET 359 'modified residue' 359 3 
1 1HXI MSE A 79 ? UNP Q9U763 MET 411 'modified residue' 411 4 
# 
_pdbx_struct_assembly.id                   1 
_pdbx_struct_assembly.details              author_defined_assembly 
_pdbx_struct_assembly.method_details       ? 
_pdbx_struct_assembly.oligomeric_details   monomeric 
_pdbx_struct_assembly.oligomeric_count     1 
# 
_pdbx_struct_assembly_gen.assembly_id       1 
_pdbx_struct_assembly_gen.oper_expression   1 
_pdbx_struct_assembly_gen.asym_id_list      A,B,C 
# 
_pdbx_struct_oper_list.id                   1 
_pdbx_struct_oper_list.type                 'identity operation' 
_pdbx_struct_oper_list.name                 1_555 
_pdbx_struct_oper_list.symmetry_operation   x,y,z 
_pdbx_struct_oper_list.matrix[1][1]         1.0000000000 
_pdbx_struct_oper_list.matrix[1][2]         0.0000000000 
_pdbx_struct_oper_list.matrix[1][3]         0.0000000000 
_pdbx_struct_oper_list.vector[1]            0.0000000000 
_pdbx_struct_oper_list.matrix[2][1]         0.0000000000 
_pdbx_struct_oper_list.matrix[2][2]         1.0000000000 
_pdbx_struct_oper_list.matrix[2][3]         0.0000000000 
_pdbx_struct_oper_list.vector[2]            0.0000000000 
_pdbx_struct_oper_list.matrix[3][1]         0.0000000000 
_pdbx_struct_oper_list.matrix[3][2]         0.0000000000 
_pdbx_struct_oper_list.matrix[3][3]         1.0000000000 
_pdbx_struct_oper_list.vector[3]            0.0000000000 
# 
_struct_biol.id                    1 
_struct_biol.details               ? 
_struct_biol.pdbx_parent_biol_id   ? 
# 
loop_
_struct_conf.conf_type_id 
_struct_conf.id 
_struct_conf.pdbx_PDB_helix_id 
_struct_conf.beg_label_comp_id 
_struct_conf.beg_label_asym_id 
_struct_conf.beg_label_seq_id 
_struct_conf.pdbx_beg_PDB_ins_code 
_struct_conf.end_label_comp_id 
_struct_conf.end_label_asym_id 
_struct_conf.end_label_seq_id 
_struct_conf.pdbx_end_PDB_ins_code 
_struct_conf.beg_auth_comp_id 
_struct_conf.beg_auth_asym_id 
_struct_conf.beg_auth_seq_id 
_struct_conf.end_auth_comp_id 
_struct_conf.end_auth_asym_id 
_struct_conf.end_auth_seq_id 
_struct_conf.pdbx_PDB_helix_class 
_struct_conf.details 
_struct_conf.pdbx_PDB_helix_length 
HELX_P HELX_P1 1 ASN A 12 ? HIS A 17  ? ASN A 344 HIS A 349 5 ? 6  
HELX_P HELX_P2 2 ASN A 19 ? LEU A 30  ? ASN A 351 LEU A 362 1 ? 12 
HELX_P HELX_P3 3 ASN A 32 ? GLU A 47  ? ASN A 364 GLU A 379 1 ? 16 
HELX_P HELX_P4 4 ARG A 50 ? ASN A 64  ? ARG A 382 ASN A 396 1 ? 15 
HELX_P HELX_P5 5 LYS A 66 ? ASP A 81  ? LYS A 398 ASP A 413 1 ? 16 
HELX_P HELX_P6 6 ASP A 84 ? LEU A 113 ? ASP A 416 LEU A 445 1 ? 30 
# 
_struct_conf_type.id          HELX_P 
_struct_conf_type.criteria    ? 
_struct_conf_type.reference   ? 
# 
loop_
_struct_conn.id 
_struct_conn.conn_type_id 
_struct_conn.pdbx_leaving_atom_flag 
_struct_conn.pdbx_PDB_id 
_struct_conn.ptnr1_label_asym_id 
_struct_conn.ptnr1_label_comp_id 
_struct_conn.ptnr1_label_seq_id 
_struct_conn.ptnr1_label_atom_id 
_struct_conn.pdbx_ptnr1_label_alt_id 
_struct_conn.pdbx_ptnr1_PDB_ins_code 
_struct_conn.pdbx_ptnr1_standard_comp_id 
_struct_conn.ptnr1_symmetry 
_struct_conn.ptnr2_label_asym_id 
_struct_conn.ptnr2_label_comp_id 
_struct_conn.ptnr2_label_seq_id 
_struct_conn.ptnr2_label_atom_id 
_struct_conn.pdbx_ptnr2_label_alt_id 
_struct_conn.pdbx_ptnr2_PDB_ins_code 
_struct_conn.ptnr1_auth_asym_id 
_struct_conn.ptnr1_auth_comp_id 
_struct_conn.ptnr1_auth_seq_id 
_struct_conn.ptnr2_auth_asym_id 
_struct_conn.ptnr2_auth_comp_id 
_struct_conn.ptnr2_auth_seq_id 
_struct_conn.ptnr2_symmetry 
_struct_conn.pdbx_ptnr3_label_atom_id 
_struct_conn.pdbx_ptnr3_label_seq_id 
_struct_conn.pdbx_ptnr3_label_comp_id 
_struct_conn.pdbx_ptnr3_label_asym_id 
_struct_conn.pdbx_ptnr3_label_alt_id 
_struct_conn.pdbx_ptnr3_PDB_ins_code 
_struct_conn.details 
_struct_conn.pdbx_dist_value 
_struct_conn.pdbx_value_order 
_struct_conn.pdbx_role 
covale1 covale both ? A TYR 14 C  ? ? ? 1_555 A MSE 15 N   ? ? A TYR 346 A MSE 347 1_555 ? ? ? ? ? ? ? 1.345 ? ? 
covale2 covale both ? A MSE 15 C  ? ? ? 1_555 A TYR 16 N   ? ? A MSE 347 A TYR 348 1_555 ? ? ? ? ? ? ? 1.343 ? ? 
covale3 covale both ? A PRO 20 C  ? ? ? 1_555 A MSE 21 N   ? ? A PRO 352 A MSE 353 1_555 ? ? ? ? ? ? ? 1.332 ? ? 
covale4 covale both ? A MSE 21 C  ? ? ? 1_555 A GLU 22 N   ? ? A MSE 353 A GLU 354 1_555 ? ? ? ? ? ? ? 1.352 ? ? 
covale5 covale both ? A SER 26 C  ? ? ? 1_555 A MSE 27 N   ? ? A SER 358 A MSE 359 1_555 ? ? ? ? ? ? ? 1.339 ? ? 
covale6 covale both ? A MSE 27 C  ? ? ? 1_555 A LEU 28 N   ? ? A MSE 359 A LEU 360 1_555 ? ? ? ? ? ? ? 1.326 ? ? 
covale7 covale both ? A ARG 78 C  ? ? ? 1_555 A MSE 79 N   ? ? A ARG 410 A MSE 411 1_555 ? ? ? ? ? ? ? 1.326 ? ? 
covale8 covale both ? A MSE 79 C  ? ? ? 1_555 A LEU 80 N   ? ? A MSE 411 A LEU 412 1_555 ? ? ? ? ? ? ? 1.335 ? ? 
metalc1 metalc ?    ? B MG  .  MG ? ? ? 1_555 A GLU 65 OE1 ? ? A MG  1   A GLU 397 1_555 ? ? ? ? ? ? ? 1.967 ? ? 
metalc2 metalc ?    ? B MG  .  MG ? ? ? 1_555 C HOH .  O   ? ? A MG  1   A HOH 454 1_555 ? ? ? ? ? ? ? 2.111 ? ? 
metalc3 metalc ?    ? B MG  .  MG ? ? ? 1_555 C HOH .  O   ? ? A MG  1   A HOH 455 1_555 ? ? ? ? ? ? ? 1.952 ? ? 
metalc4 metalc ?    ? B MG  .  MG ? ? ? 1_555 C HOH .  O   ? ? A MG  1   A HOH 456 1_555 ? ? ? ? ? ? ? 2.080 ? ? 
metalc5 metalc ?    ? B MG  .  MG ? ? ? 1_555 C HOH .  O   ? ? A MG  1   A HOH 457 1_555 ? ? ? ? ? ? ? 2.133 ? ? 
metalc6 metalc ?    ? B MG  .  MG ? ? ? 1_555 C HOH .  O   ? ? A MG  1   A HOH 458 1_555 ? ? ? ? ? ? ? 2.086 ? ? 
# 
loop_
_struct_conn_type.id 
_struct_conn_type.criteria 
_struct_conn_type.reference 
covale ? ? 
metalc ? ? 
# 
loop_
_pdbx_struct_conn_angle.id 
_pdbx_struct_conn_angle.ptnr1_label_atom_id 
_pdbx_struct_conn_angle.ptnr1_label_alt_id 
_pdbx_struct_conn_angle.ptnr1_label_asym_id 
_pdbx_struct_conn_angle.ptnr1_label_comp_id 
_pdbx_struct_conn_angle.ptnr1_label_seq_id 
_pdbx_struct_conn_angle.ptnr1_auth_atom_id 
_pdbx_struct_conn_angle.ptnr1_auth_asym_id 
_pdbx_struct_conn_angle.ptnr1_auth_comp_id 
_pdbx_struct_conn_angle.ptnr1_auth_seq_id 
_pdbx_struct_conn_angle.ptnr1_PDB_ins_code 
_pdbx_struct_conn_angle.ptnr1_symmetry 
_pdbx_struct_conn_angle.ptnr2_label_atom_id 
_pdbx_struct_conn_angle.ptnr2_label_alt_id 
_pdbx_struct_conn_angle.ptnr2_label_asym_id 
_pdbx_struct_conn_angle.ptnr2_label_comp_id 
_pdbx_struct_conn_angle.ptnr2_label_seq_id 
_pdbx_struct_conn_angle.ptnr2_auth_atom_id 
_pdbx_struct_conn_angle.ptnr2_auth_asym_id 
_pdbx_struct_conn_angle.ptnr2_auth_comp_id 
_pdbx_struct_conn_angle.ptnr2_auth_seq_id 
_pdbx_struct_conn_angle.ptnr2_PDB_ins_code 
_pdbx_struct_conn_angle.ptnr2_symmetry 
_pdbx_struct_conn_angle.ptnr3_label_atom_id 
_pdbx_struct_conn_angle.ptnr3_label_alt_id 
_pdbx_struct_conn_angle.ptnr3_label_asym_id 
_pdbx_struct_conn_angle.ptnr3_label_comp_id 
_pdbx_struct_conn_angle.ptnr3_label_seq_id 
_pdbx_struct_conn_angle.ptnr3_auth_atom_id 
_pdbx_struct_conn_angle.ptnr3_auth_asym_id 
_pdbx_struct_conn_angle.ptnr3_auth_comp_id 
_pdbx_struct_conn_angle.ptnr3_auth_seq_id 
_pdbx_struct_conn_angle.ptnr3_PDB_ins_code 
_pdbx_struct_conn_angle.ptnr3_symmetry 
_pdbx_struct_conn_angle.value 
_pdbx_struct_conn_angle.value_esd 
1  OE1 ? A GLU 65 ? A GLU 397 ? 1_555 MG ? B MG . ? A MG 1 ? 1_555 O ? C HOH . ? A HOH 454 ? 1_555 91.1  ? 
2  OE1 ? A GLU 65 ? A GLU 397 ? 1_555 MG ? B MG . ? A MG 1 ? 1_555 O ? C HOH . ? A HOH 455 ? 1_555 91.3  ? 
3  O   ? C HOH .  ? A HOH 454 ? 1_555 MG ? B MG . ? A MG 1 ? 1_555 O ? C HOH . ? A HOH 455 ? 1_555 95.7  ? 
4  OE1 ? A GLU 65 ? A GLU 397 ? 1_555 MG ? B MG . ? A MG 1 ? 1_555 O ? C HOH . ? A HOH 456 ? 1_555 92.6  ? 
5  O   ? C HOH .  ? A HOH 454 ? 1_555 MG ? B MG . ? A MG 1 ? 1_555 O ? C HOH . ? A HOH 456 ? 1_555 176.0 ? 
6  O   ? C HOH .  ? A HOH 455 ? 1_555 MG ? B MG . ? A MG 1 ? 1_555 O ? C HOH . ? A HOH 456 ? 1_555 85.7  ? 
7  OE1 ? A GLU 65 ? A GLU 397 ? 1_555 MG ? B MG . ? A MG 1 ? 1_555 O ? C HOH . ? A HOH 457 ? 1_555 89.2  ? 
8  O   ? C HOH .  ? A HOH 454 ? 1_555 MG ? B MG . ? A MG 1 ? 1_555 O ? C HOH . ? A HOH 457 ? 1_555 89.9  ? 
9  O   ? C HOH .  ? A HOH 455 ? 1_555 MG ? B MG . ? A MG 1 ? 1_555 O ? C HOH . ? A HOH 457 ? 1_555 174.4 ? 
10 O   ? C HOH .  ? A HOH 456 ? 1_555 MG ? B MG . ? A MG 1 ? 1_555 O ? C HOH . ? A HOH 457 ? 1_555 88.7  ? 
11 OE1 ? A GLU 65 ? A GLU 397 ? 1_555 MG ? B MG . ? A MG 1 ? 1_555 O ? C HOH . ? A HOH 458 ? 1_555 174.9 ? 
12 O   ? C HOH .  ? A HOH 454 ? 1_555 MG ? B MG . ? A MG 1 ? 1_555 O ? C HOH . ? A HOH 458 ? 1_555 88.1  ? 
13 O   ? C HOH .  ? A HOH 455 ? 1_555 MG ? B MG . ? A MG 1 ? 1_555 O ? C HOH . ? A HOH 458 ? 1_555 93.8  ? 
14 O   ? C HOH .  ? A HOH 456 ? 1_555 MG ? B MG . ? A MG 1 ? 1_555 O ? C HOH . ? A HOH 458 ? 1_555 88.1  ? 
15 O   ? C HOH .  ? A HOH 457 ? 1_555 MG ? B MG . ? A MG 1 ? 1_555 O ? C HOH . ? A HOH 458 ? 1_555 85.7  ? 
# 
loop_
_pdbx_modification_feature.ordinal 
_pdbx_modification_feature.label_comp_id 
_pdbx_modification_feature.label_asym_id 
_pdbx_modification_feature.label_seq_id 
_pdbx_modification_feature.label_alt_id 
_pdbx_modification_feature.modified_residue_label_comp_id 
_pdbx_modification_feature.modified_residue_label_asym_id 
_pdbx_modification_feature.modified_residue_label_seq_id 
_pdbx_modification_feature.modified_residue_label_alt_id 
_pdbx_modification_feature.auth_comp_id 
_pdbx_modification_feature.auth_asym_id 
_pdbx_modification_feature.auth_seq_id 
_pdbx_modification_feature.PDB_ins_code 
_pdbx_modification_feature.symmetry 
_pdbx_modification_feature.modified_residue_auth_comp_id 
_pdbx_modification_feature.modified_residue_auth_asym_id 
_pdbx_modification_feature.modified_residue_auth_seq_id 
_pdbx_modification_feature.modified_residue_PDB_ins_code 
_pdbx_modification_feature.modified_residue_symmetry 
_pdbx_modification_feature.comp_id_linking_atom 
_pdbx_modification_feature.modified_residue_id_linking_atom 
_pdbx_modification_feature.modified_residue_id 
_pdbx_modification_feature.ref_pcm_id 
_pdbx_modification_feature.ref_comp_id 
_pdbx_modification_feature.type 
_pdbx_modification_feature.category 
1 MSE A 15 ? . . . . MSE A 347 ? 1_555 . . . . . . . MET 1 MSE Selenomethionine 'Named protein modification' 
2 MSE A 21 ? . . . . MSE A 353 ? 1_555 . . . . . . . MET 1 MSE Selenomethionine 'Named protein modification' 
3 MSE A 27 ? . . . . MSE A 359 ? 1_555 . . . . . . . MET 1 MSE Selenomethionine 'Named protein modification' 
4 MSE A 79 ? . . . . MSE A 411 ? 1_555 . . . . . . . MET 1 MSE Selenomethionine 'Named protein modification' 
# 
_struct_site.id                   AC1 
_struct_site.pdbx_evidence_code   Software 
_struct_site.pdbx_auth_asym_id    A 
_struct_site.pdbx_auth_comp_id    MG 
_struct_site.pdbx_auth_seq_id     1 
_struct_site.pdbx_auth_ins_code   ? 
_struct_site.pdbx_num_residues    6 
_struct_site.details              'BINDING SITE FOR RESIDUE MG A 1' 
# 
loop_
_struct_site_gen.id 
_struct_site_gen.site_id 
_struct_site_gen.pdbx_num_res 
_struct_site_gen.label_comp_id 
_struct_site_gen.label_asym_id 
_struct_site_gen.label_seq_id 
_struct_site_gen.pdbx_auth_ins_code 
_struct_site_gen.auth_comp_id 
_struct_site_gen.auth_asym_id 
_struct_site_gen.auth_seq_id 
_struct_site_gen.label_atom_id 
_struct_site_gen.label_alt_id 
_struct_site_gen.symmetry 
_struct_site_gen.details 
1 AC1 6 GLU A 65 ? GLU A 397 . ? 1_555 ? 
2 AC1 6 HOH C .  ? HOH A 454 . ? 1_555 ? 
3 AC1 6 HOH C .  ? HOH A 455 . ? 1_555 ? 
4 AC1 6 HOH C .  ? HOH A 456 . ? 1_555 ? 
5 AC1 6 HOH C .  ? HOH A 457 . ? 1_555 ? 
6 AC1 6 HOH C .  ? HOH A 458 . ? 1_555 ? 
# 
_pdbx_entry_details.entry_id                   1HXI 
_pdbx_entry_details.compound_details           ? 
_pdbx_entry_details.source_details             ? 
_pdbx_entry_details.nonpolymer_details         ? 
_pdbx_entry_details.sequence_details           ? 
_pdbx_entry_details.has_ligand_of_interest     ? 
_pdbx_entry_details.has_protein_modification   Y 
# 
loop_
_pdbx_validate_rmsd_angle.id 
_pdbx_validate_rmsd_angle.PDB_model_num 
_pdbx_validate_rmsd_angle.auth_atom_id_1 
_pdbx_validate_rmsd_angle.auth_asym_id_1 
_pdbx_validate_rmsd_angle.auth_comp_id_1 
_pdbx_validate_rmsd_angle.auth_seq_id_1 
_pdbx_validate_rmsd_angle.PDB_ins_code_1 
_pdbx_validate_rmsd_angle.label_alt_id_1 
_pdbx_validate_rmsd_angle.auth_atom_id_2 
_pdbx_validate_rmsd_angle.auth_asym_id_2 
_pdbx_validate_rmsd_angle.auth_comp_id_2 
_pdbx_validate_rmsd_angle.auth_seq_id_2 
_pdbx_validate_rmsd_angle.PDB_ins_code_2 
_pdbx_validate_rmsd_angle.label_alt_id_2 
_pdbx_validate_rmsd_angle.auth_atom_id_3 
_pdbx_validate_rmsd_angle.auth_asym_id_3 
_pdbx_validate_rmsd_angle.auth_comp_id_3 
_pdbx_validate_rmsd_angle.auth_seq_id_3 
_pdbx_validate_rmsd_angle.PDB_ins_code_3 
_pdbx_validate_rmsd_angle.label_alt_id_3 
_pdbx_validate_rmsd_angle.angle_value 
_pdbx_validate_rmsd_angle.angle_target_value 
_pdbx_validate_rmsd_angle.angle_deviation 
_pdbx_validate_rmsd_angle.angle_standard_deviation 
_pdbx_validate_rmsd_angle.linker_flag 
1 1 NE A ARG 382 ? ? CZ A ARG 382 ? ? NH2 A ARG 382 ? ? 117.20 120.30 -3.10 0.50 N 
2 1 NE A ARG 410 ? ? CZ A ARG 410 ? ? NH2 A ARG 410 ? ? 116.84 120.30 -3.46 0.50 N 
# 
_pdbx_validate_torsion.id              1 
_pdbx_validate_torsion.PDB_model_num   1 
_pdbx_validate_torsion.auth_comp_id    LYS 
_pdbx_validate_torsion.auth_asym_id    A 
_pdbx_validate_torsion.auth_seq_id     398 
_pdbx_validate_torsion.PDB_ins_code    ? 
_pdbx_validate_torsion.label_alt_id    ? 
_pdbx_validate_torsion.phi             -118.12 
_pdbx_validate_torsion.psi             69.60 
# 
loop_
_pdbx_struct_mod_residue.id 
_pdbx_struct_mod_residue.label_asym_id 
_pdbx_struct_mod_residue.label_comp_id 
_pdbx_struct_mod_residue.label_seq_id 
_pdbx_struct_mod_residue.auth_asym_id 
_pdbx_struct_mod_residue.auth_comp_id 
_pdbx_struct_mod_residue.auth_seq_id 
_pdbx_struct_mod_residue.PDB_ins_code 
_pdbx_struct_mod_residue.parent_comp_id 
_pdbx_struct_mod_residue.details 
1 A MSE 15 A MSE 347 ? MET SELENOMETHIONINE 
2 A MSE 21 A MSE 353 ? MET SELENOMETHIONINE 
3 A MSE 27 A MSE 359 ? MET SELENOMETHIONINE 
4 A MSE 79 A MSE 411 ? MET SELENOMETHIONINE 
# 
loop_
_pdbx_unobs_or_zero_occ_residues.id 
_pdbx_unobs_or_zero_occ_residues.PDB_model_num 
_pdbx_unobs_or_zero_occ_residues.polymer_flag 
_pdbx_unobs_or_zero_occ_residues.occupancy_flag 
_pdbx_unobs_or_zero_occ_residues.auth_asym_id 
_pdbx_unobs_or_zero_occ_residues.auth_comp_id 
_pdbx_unobs_or_zero_occ_residues.auth_seq_id 
_pdbx_unobs_or_zero_occ_residues.PDB_ins_code 
_pdbx_unobs_or_zero_occ_residues.label_asym_id 
_pdbx_unobs_or_zero_occ_residues.label_comp_id 
_pdbx_unobs_or_zero_occ_residues.label_seq_id 
1 1 Y 1 A GLN 333 ? A GLN 1   
2 1 Y 1 A SER 446 ? A SER 114 
3 1 Y 1 A GLN 447 ? A GLN 115 
4 1 Y 1 A PRO 448 ? A PRO 116 
5 1 Y 1 A GLN 449 ? A GLN 117 
6 1 Y 1 A TYR 450 ? A TYR 118 
7 1 Y 1 A GLU 451 ? A GLU 119 
8 1 Y 1 A GLN 452 ? A GLN 120 
9 1 Y 1 A LEU 453 ? A LEU 121 
# 
loop_
_chem_comp_atom.comp_id 
_chem_comp_atom.atom_id 
_chem_comp_atom.type_symbol 
_chem_comp_atom.pdbx_aromatic_flag 
_chem_comp_atom.pdbx_stereo_config 
_chem_comp_atom.pdbx_ordinal 
ALA N    N  N N 1   
ALA CA   C  N S 2   
ALA C    C  N N 3   
ALA O    O  N N 4   
ALA CB   C  N N 5   
ALA OXT  O  N N 6   
ALA H    H  N N 7   
ALA H2   H  N N 8   
ALA HA   H  N N 9   
ALA HB1  H  N N 10  
ALA HB2  H  N N 11  
ALA HB3  H  N N 12  
ALA HXT  H  N N 13  
ARG N    N  N N 14  
ARG CA   C  N S 15  
ARG C    C  N N 16  
ARG O    O  N N 17  
ARG CB   C  N N 18  
ARG CG   C  N N 19  
ARG CD   C  N N 20  
ARG NE   N  N N 21  
ARG CZ   C  N N 22  
ARG NH1  N  N N 23  
ARG NH2  N  N N 24  
ARG OXT  O  N N 25  
ARG H    H  N N 26  
ARG H2   H  N N 27  
ARG HA   H  N N 28  
ARG HB2  H  N N 29  
ARG HB3  H  N N 30  
ARG HG2  H  N N 31  
ARG HG3  H  N N 32  
ARG HD2  H  N N 33  
ARG HD3  H  N N 34  
ARG HE   H  N N 35  
ARG HH11 H  N N 36  
ARG HH12 H  N N 37  
ARG HH21 H  N N 38  
ARG HH22 H  N N 39  
ARG HXT  H  N N 40  
ASN N    N  N N 41  
ASN CA   C  N S 42  
ASN C    C  N N 43  
ASN O    O  N N 44  
ASN CB   C  N N 45  
ASN CG   C  N N 46  
ASN OD1  O  N N 47  
ASN ND2  N  N N 48  
ASN OXT  O  N N 49  
ASN H    H  N N 50  
ASN H2   H  N N 51  
ASN HA   H  N N 52  
ASN HB2  H  N N 53  
ASN HB3  H  N N 54  
ASN HD21 H  N N 55  
ASN HD22 H  N N 56  
ASN HXT  H  N N 57  
ASP N    N  N N 58  
ASP CA   C  N S 59  
ASP C    C  N N 60  
ASP O    O  N N 61  
ASP CB   C  N N 62  
ASP CG   C  N N 63  
ASP OD1  O  N N 64  
ASP OD2  O  N N 65  
ASP OXT  O  N N 66  
ASP H    H  N N 67  
ASP H2   H  N N 68  
ASP HA   H  N N 69  
ASP HB2  H  N N 70  
ASP HB3  H  N N 71  
ASP HD2  H  N N 72  
ASP HXT  H  N N 73  
CYS N    N  N N 74  
CYS CA   C  N R 75  
CYS C    C  N N 76  
CYS O    O  N N 77  
CYS CB   C  N N 78  
CYS SG   S  N N 79  
CYS OXT  O  N N 80  
CYS H    H  N N 81  
CYS H2   H  N N 82  
CYS HA   H  N N 83  
CYS HB2  H  N N 84  
CYS HB3  H  N N 85  
CYS HG   H  N N 86  
CYS HXT  H  N N 87  
GLN N    N  N N 88  
GLN CA   C  N S 89  
GLN C    C  N N 90  
GLN O    O  N N 91  
GLN CB   C  N N 92  
GLN CG   C  N N 93  
GLN CD   C  N N 94  
GLN OE1  O  N N 95  
GLN NE2  N  N N 96  
GLN OXT  O  N N 97  
GLN H    H  N N 98  
GLN H2   H  N N 99  
GLN HA   H  N N 100 
GLN HB2  H  N N 101 
GLN HB3  H  N N 102 
GLN HG2  H  N N 103 
GLN HG3  H  N N 104 
GLN HE21 H  N N 105 
GLN HE22 H  N N 106 
GLN HXT  H  N N 107 
GLU N    N  N N 108 
GLU CA   C  N S 109 
GLU C    C  N N 110 
GLU O    O  N N 111 
GLU CB   C  N N 112 
GLU CG   C  N N 113 
GLU CD   C  N N 114 
GLU OE1  O  N N 115 
GLU OE2  O  N N 116 
GLU OXT  O  N N 117 
GLU H    H  N N 118 
GLU H2   H  N N 119 
GLU HA   H  N N 120 
GLU HB2  H  N N 121 
GLU HB3  H  N N 122 
GLU HG2  H  N N 123 
GLU HG3  H  N N 124 
GLU HE2  H  N N 125 
GLU HXT  H  N N 126 
GLY N    N  N N 127 
GLY CA   C  N N 128 
GLY C    C  N N 129 
GLY O    O  N N 130 
GLY OXT  O  N N 131 
GLY H    H  N N 132 
GLY H2   H  N N 133 
GLY HA2  H  N N 134 
GLY HA3  H  N N 135 
GLY HXT  H  N N 136 
HIS N    N  N N 137 
HIS CA   C  N S 138 
HIS C    C  N N 139 
HIS O    O  N N 140 
HIS CB   C  N N 141 
HIS CG   C  Y N 142 
HIS ND1  N  Y N 143 
HIS CD2  C  Y N 144 
HIS CE1  C  Y N 145 
HIS NE2  N  Y N 146 
HIS OXT  O  N N 147 
HIS H    H  N N 148 
HIS H2   H  N N 149 
HIS HA   H  N N 150 
HIS HB2  H  N N 151 
HIS HB3  H  N N 152 
HIS HD1  H  N N 153 
HIS HD2  H  N N 154 
HIS HE1  H  N N 155 
HIS HE2  H  N N 156 
HIS HXT  H  N N 157 
HOH O    O  N N 158 
HOH H1   H  N N 159 
HOH H2   H  N N 160 
ILE N    N  N N 161 
ILE CA   C  N S 162 
ILE C    C  N N 163 
ILE O    O  N N 164 
ILE CB   C  N S 165 
ILE CG1  C  N N 166 
ILE CG2  C  N N 167 
ILE CD1  C  N N 168 
ILE OXT  O  N N 169 
ILE H    H  N N 170 
ILE H2   H  N N 171 
ILE HA   H  N N 172 
ILE HB   H  N N 173 
ILE HG12 H  N N 174 
ILE HG13 H  N N 175 
ILE HG21 H  N N 176 
ILE HG22 H  N N 177 
ILE HG23 H  N N 178 
ILE HD11 H  N N 179 
ILE HD12 H  N N 180 
ILE HD13 H  N N 181 
ILE HXT  H  N N 182 
LEU N    N  N N 183 
LEU CA   C  N S 184 
LEU C    C  N N 185 
LEU O    O  N N 186 
LEU CB   C  N N 187 
LEU CG   C  N N 188 
LEU CD1  C  N N 189 
LEU CD2  C  N N 190 
LEU OXT  O  N N 191 
LEU H    H  N N 192 
LEU H2   H  N N 193 
LEU HA   H  N N 194 
LEU HB2  H  N N 195 
LEU HB3  H  N N 196 
LEU HG   H  N N 197 
LEU HD11 H  N N 198 
LEU HD12 H  N N 199 
LEU HD13 H  N N 200 
LEU HD21 H  N N 201 
LEU HD22 H  N N 202 
LEU HD23 H  N N 203 
LEU HXT  H  N N 204 
LYS N    N  N N 205 
LYS CA   C  N S 206 
LYS C    C  N N 207 
LYS O    O  N N 208 
LYS CB   C  N N 209 
LYS CG   C  N N 210 
LYS CD   C  N N 211 
LYS CE   C  N N 212 
LYS NZ   N  N N 213 
LYS OXT  O  N N 214 
LYS H    H  N N 215 
LYS H2   H  N N 216 
LYS HA   H  N N 217 
LYS HB2  H  N N 218 
LYS HB3  H  N N 219 
LYS HG2  H  N N 220 
LYS HG3  H  N N 221 
LYS HD2  H  N N 222 
LYS HD3  H  N N 223 
LYS HE2  H  N N 224 
LYS HE3  H  N N 225 
LYS HZ1  H  N N 226 
LYS HZ2  H  N N 227 
LYS HZ3  H  N N 228 
LYS HXT  H  N N 229 
MET N    N  N N 230 
MET CA   C  N S 231 
MET C    C  N N 232 
MET O    O  N N 233 
MET CB   C  N N 234 
MET CG   C  N N 235 
MET SD   S  N N 236 
MET CE   C  N N 237 
MET OXT  O  N N 238 
MET H    H  N N 239 
MET H2   H  N N 240 
MET HA   H  N N 241 
MET HB2  H  N N 242 
MET HB3  H  N N 243 
MET HG2  H  N N 244 
MET HG3  H  N N 245 
MET HE1  H  N N 246 
MET HE2  H  N N 247 
MET HE3  H  N N 248 
MET HXT  H  N N 249 
MG  MG   MG N N 250 
MSE N    N  N N 251 
MSE CA   C  N S 252 
MSE C    C  N N 253 
MSE O    O  N N 254 
MSE OXT  O  N N 255 
MSE CB   C  N N 256 
MSE CG   C  N N 257 
MSE SE   SE N N 258 
MSE CE   C  N N 259 
MSE H    H  N N 260 
MSE H2   H  N N 261 
MSE HA   H  N N 262 
MSE HXT  H  N N 263 
MSE HB2  H  N N 264 
MSE HB3  H  N N 265 
MSE HG2  H  N N 266 
MSE HG3  H  N N 267 
MSE HE1  H  N N 268 
MSE HE2  H  N N 269 
MSE HE3  H  N N 270 
PHE N    N  N N 271 
PHE CA   C  N S 272 
PHE C    C  N N 273 
PHE O    O  N N 274 
PHE CB   C  N N 275 
PHE CG   C  Y N 276 
PHE CD1  C  Y N 277 
PHE CD2  C  Y N 278 
PHE CE1  C  Y N 279 
PHE CE2  C  Y N 280 
PHE CZ   C  Y N 281 
PHE OXT  O  N N 282 
PHE H    H  N N 283 
PHE H2   H  N N 284 
PHE HA   H  N N 285 
PHE HB2  H  N N 286 
PHE HB3  H  N N 287 
PHE HD1  H  N N 288 
PHE HD2  H  N N 289 
PHE HE1  H  N N 290 
PHE HE2  H  N N 291 
PHE HZ   H  N N 292 
PHE HXT  H  N N 293 
PRO N    N  N N 294 
PRO CA   C  N S 295 
PRO C    C  N N 296 
PRO O    O  N N 297 
PRO CB   C  N N 298 
PRO CG   C  N N 299 
PRO CD   C  N N 300 
PRO OXT  O  N N 301 
PRO H    H  N N 302 
PRO HA   H  N N 303 
PRO HB2  H  N N 304 
PRO HB3  H  N N 305 
PRO HG2  H  N N 306 
PRO HG3  H  N N 307 
PRO HD2  H  N N 308 
PRO HD3  H  N N 309 
PRO HXT  H  N N 310 
SER N    N  N N 311 
SER CA   C  N S 312 
SER C    C  N N 313 
SER O    O  N N 314 
SER CB   C  N N 315 
SER OG   O  N N 316 
SER OXT  O  N N 317 
SER H    H  N N 318 
SER H2   H  N N 319 
SER HA   H  N N 320 
SER HB2  H  N N 321 
SER HB3  H  N N 322 
SER HG   H  N N 323 
SER HXT  H  N N 324 
THR N    N  N N 325 
THR CA   C  N S 326 
THR C    C  N N 327 
THR O    O  N N 328 
THR CB   C  N R 329 
THR OG1  O  N N 330 
THR CG2  C  N N 331 
THR OXT  O  N N 332 
THR H    H  N N 333 
THR H2   H  N N 334 
THR HA   H  N N 335 
THR HB   H  N N 336 
THR HG1  H  N N 337 
THR HG21 H  N N 338 
THR HG22 H  N N 339 
THR HG23 H  N N 340 
THR HXT  H  N N 341 
TRP N    N  N N 342 
TRP CA   C  N S 343 
TRP C    C  N N 344 
TRP O    O  N N 345 
TRP CB   C  N N 346 
TRP CG   C  Y N 347 
TRP CD1  C  Y N 348 
TRP CD2  C  Y N 349 
TRP NE1  N  Y N 350 
TRP CE2  C  Y N 351 
TRP CE3  C  Y N 352 
TRP CZ2  C  Y N 353 
TRP CZ3  C  Y N 354 
TRP CH2  C  Y N 355 
TRP OXT  O  N N 356 
TRP H    H  N N 357 
TRP H2   H  N N 358 
TRP HA   H  N N 359 
TRP HB2  H  N N 360 
TRP HB3  H  N N 361 
TRP HD1  H  N N 362 
TRP HE1  H  N N 363 
TRP HE3  H  N N 364 
TRP HZ2  H  N N 365 
TRP HZ3  H  N N 366 
TRP HH2  H  N N 367 
TRP HXT  H  N N 368 
TYR N    N  N N 369 
TYR CA   C  N S 370 
TYR C    C  N N 371 
TYR O    O  N N 372 
TYR CB   C  N N 373 
TYR CG   C  Y N 374 
TYR CD1  C  Y N 375 
TYR CD2  C  Y N 376 
TYR CE1  C  Y N 377 
TYR CE2  C  Y N 378 
TYR CZ   C  Y N 379 
TYR OH   O  N N 380 
TYR OXT  O  N N 381 
TYR H    H  N N 382 
TYR H2   H  N N 383 
TYR HA   H  N N 384 
TYR HB2  H  N N 385 
TYR HB3  H  N N 386 
TYR HD1  H  N N 387 
TYR HD2  H  N N 388 
TYR HE1  H  N N 389 
TYR HE2  H  N N 390 
TYR HH   H  N N 391 
TYR HXT  H  N N 392 
VAL N    N  N N 393 
VAL CA   C  N S 394 
VAL C    C  N N 395 
VAL O    O  N N 396 
VAL CB   C  N N 397 
VAL CG1  C  N N 398 
VAL CG2  C  N N 399 
VAL OXT  O  N N 400 
VAL H    H  N N 401 
VAL H2   H  N N 402 
VAL HA   H  N N 403 
VAL HB   H  N N 404 
VAL HG11 H  N N 405 
VAL HG12 H  N N 406 
VAL HG13 H  N N 407 
VAL HG21 H  N N 408 
VAL HG22 H  N N 409 
VAL HG23 H  N N 410 
VAL HXT  H  N N 411 
# 
loop_
_chem_comp_bond.comp_id 
_chem_comp_bond.atom_id_1 
_chem_comp_bond.atom_id_2 
_chem_comp_bond.value_order 
_chem_comp_bond.pdbx_aromatic_flag 
_chem_comp_bond.pdbx_stereo_config 
_chem_comp_bond.pdbx_ordinal 
ALA N   CA   sing N N 1   
ALA N   H    sing N N 2   
ALA N   H2   sing N N 3   
ALA CA  C    sing N N 4   
ALA CA  CB   sing N N 5   
ALA CA  HA   sing N N 6   
ALA C   O    doub N N 7   
ALA C   OXT  sing N N 8   
ALA CB  HB1  sing N N 9   
ALA CB  HB2  sing N N 10  
ALA CB  HB3  sing N N 11  
ALA OXT HXT  sing N N 12  
ARG N   CA   sing N N 13  
ARG N   H    sing N N 14  
ARG N   H2   sing N N 15  
ARG CA  C    sing N N 16  
ARG CA  CB   sing N N 17  
ARG CA  HA   sing N N 18  
ARG C   O    doub N N 19  
ARG C   OXT  sing N N 20  
ARG CB  CG   sing N N 21  
ARG CB  HB2  sing N N 22  
ARG CB  HB3  sing N N 23  
ARG CG  CD   sing N N 24  
ARG CG  HG2  sing N N 25  
ARG CG  HG3  sing N N 26  
ARG CD  NE   sing N N 27  
ARG CD  HD2  sing N N 28  
ARG CD  HD3  sing N N 29  
ARG NE  CZ   sing N N 30  
ARG NE  HE   sing N N 31  
ARG CZ  NH1  sing N N 32  
ARG CZ  NH2  doub N N 33  
ARG NH1 HH11 sing N N 34  
ARG NH1 HH12 sing N N 35  
ARG NH2 HH21 sing N N 36  
ARG NH2 HH22 sing N N 37  
ARG OXT HXT  sing N N 38  
ASN N   CA   sing N N 39  
ASN N   H    sing N N 40  
ASN N   H2   sing N N 41  
ASN CA  C    sing N N 42  
ASN CA  CB   sing N N 43  
ASN CA  HA   sing N N 44  
ASN C   O    doub N N 45  
ASN C   OXT  sing N N 46  
ASN CB  CG   sing N N 47  
ASN CB  HB2  sing N N 48  
ASN CB  HB3  sing N N 49  
ASN CG  OD1  doub N N 50  
ASN CG  ND2  sing N N 51  
ASN ND2 HD21 sing N N 52  
ASN ND2 HD22 sing N N 53  
ASN OXT HXT  sing N N 54  
ASP N   CA   sing N N 55  
ASP N   H    sing N N 56  
ASP N   H2   sing N N 57  
ASP CA  C    sing N N 58  
ASP CA  CB   sing N N 59  
ASP CA  HA   sing N N 60  
ASP C   O    doub N N 61  
ASP C   OXT  sing N N 62  
ASP CB  CG   sing N N 63  
ASP CB  HB2  sing N N 64  
ASP CB  HB3  sing N N 65  
ASP CG  OD1  doub N N 66  
ASP CG  OD2  sing N N 67  
ASP OD2 HD2  sing N N 68  
ASP OXT HXT  sing N N 69  
CYS N   CA   sing N N 70  
CYS N   H    sing N N 71  
CYS N   H2   sing N N 72  
CYS CA  C    sing N N 73  
CYS CA  CB   sing N N 74  
CYS CA  HA   sing N N 75  
CYS C   O    doub N N 76  
CYS C   OXT  sing N N 77  
CYS CB  SG   sing N N 78  
CYS CB  HB2  sing N N 79  
CYS CB  HB3  sing N N 80  
CYS SG  HG   sing N N 81  
CYS OXT HXT  sing N N 82  
GLN N   CA   sing N N 83  
GLN N   H    sing N N 84  
GLN N   H2   sing N N 85  
GLN CA  C    sing N N 86  
GLN CA  CB   sing N N 87  
GLN CA  HA   sing N N 88  
GLN C   O    doub N N 89  
GLN C   OXT  sing N N 90  
GLN CB  CG   sing N N 91  
GLN CB  HB2  sing N N 92  
GLN CB  HB3  sing N N 93  
GLN CG  CD   sing N N 94  
GLN CG  HG2  sing N N 95  
GLN CG  HG3  sing N N 96  
GLN CD  OE1  doub N N 97  
GLN CD  NE2  sing N N 98  
GLN NE2 HE21 sing N N 99  
GLN NE2 HE22 sing N N 100 
GLN OXT HXT  sing N N 101 
GLU N   CA   sing N N 102 
GLU N   H    sing N N 103 
GLU N   H2   sing N N 104 
GLU CA  C    sing N N 105 
GLU CA  CB   sing N N 106 
GLU CA  HA   sing N N 107 
GLU C   O    doub N N 108 
GLU C   OXT  sing N N 109 
GLU CB  CG   sing N N 110 
GLU CB  HB2  sing N N 111 
GLU CB  HB3  sing N N 112 
GLU CG  CD   sing N N 113 
GLU CG  HG2  sing N N 114 
GLU CG  HG3  sing N N 115 
GLU CD  OE1  doub N N 116 
GLU CD  OE2  sing N N 117 
GLU OE2 HE2  sing N N 118 
GLU OXT HXT  sing N N 119 
GLY N   CA   sing N N 120 
GLY N   H    sing N N 121 
GLY N   H2   sing N N 122 
GLY CA  C    sing N N 123 
GLY CA  HA2  sing N N 124 
GLY CA  HA3  sing N N 125 
GLY C   O    doub N N 126 
GLY C   OXT  sing N N 127 
GLY OXT HXT  sing N N 128 
HIS N   CA   sing N N 129 
HIS N   H    sing N N 130 
HIS N   H2   sing N N 131 
HIS CA  C    sing N N 132 
HIS CA  CB   sing N N 133 
HIS CA  HA   sing N N 134 
HIS C   O    doub N N 135 
HIS C   OXT  sing N N 136 
HIS CB  CG   sing N N 137 
HIS CB  HB2  sing N N 138 
HIS CB  HB3  sing N N 139 
HIS CG  ND1  sing Y N 140 
HIS CG  CD2  doub Y N 141 
HIS ND1 CE1  doub Y N 142 
HIS ND1 HD1  sing N N 143 
HIS CD2 NE2  sing Y N 144 
HIS CD2 HD2  sing N N 145 
HIS CE1 NE2  sing Y N 146 
HIS CE1 HE1  sing N N 147 
HIS NE2 HE2  sing N N 148 
HIS OXT HXT  sing N N 149 
HOH O   H1   sing N N 150 
HOH O   H2   sing N N 151 
ILE N   CA   sing N N 152 
ILE N   H    sing N N 153 
ILE N   H2   sing N N 154 
ILE CA  C    sing N N 155 
ILE CA  CB   sing N N 156 
ILE CA  HA   sing N N 157 
ILE C   O    doub N N 158 
ILE C   OXT  sing N N 159 
ILE CB  CG1  sing N N 160 
ILE CB  CG2  sing N N 161 
ILE CB  HB   sing N N 162 
ILE CG1 CD1  sing N N 163 
ILE CG1 HG12 sing N N 164 
ILE CG1 HG13 sing N N 165 
ILE CG2 HG21 sing N N 166 
ILE CG2 HG22 sing N N 167 
ILE CG2 HG23 sing N N 168 
ILE CD1 HD11 sing N N 169 
ILE CD1 HD12 sing N N 170 
ILE CD1 HD13 sing N N 171 
ILE OXT HXT  sing N N 172 
LEU N   CA   sing N N 173 
LEU N   H    sing N N 174 
LEU N   H2   sing N N 175 
LEU CA  C    sing N N 176 
LEU CA  CB   sing N N 177 
LEU CA  HA   sing N N 178 
LEU C   O    doub N N 179 
LEU C   OXT  sing N N 180 
LEU CB  CG   sing N N 181 
LEU CB  HB2  sing N N 182 
LEU CB  HB3  sing N N 183 
LEU CG  CD1  sing N N 184 
LEU CG  CD2  sing N N 185 
LEU CG  HG   sing N N 186 
LEU CD1 HD11 sing N N 187 
LEU CD1 HD12 sing N N 188 
LEU CD1 HD13 sing N N 189 
LEU CD2 HD21 sing N N 190 
LEU CD2 HD22 sing N N 191 
LEU CD2 HD23 sing N N 192 
LEU OXT HXT  sing N N 193 
LYS N   CA   sing N N 194 
LYS N   H    sing N N 195 
LYS N   H2   sing N N 196 
LYS CA  C    sing N N 197 
LYS CA  CB   sing N N 198 
LYS CA  HA   sing N N 199 
LYS C   O    doub N N 200 
LYS C   OXT  sing N N 201 
LYS CB  CG   sing N N 202 
LYS CB  HB2  sing N N 203 
LYS CB  HB3  sing N N 204 
LYS CG  CD   sing N N 205 
LYS CG  HG2  sing N N 206 
LYS CG  HG3  sing N N 207 
LYS CD  CE   sing N N 208 
LYS CD  HD2  sing N N 209 
LYS CD  HD3  sing N N 210 
LYS CE  NZ   sing N N 211 
LYS CE  HE2  sing N N 212 
LYS CE  HE3  sing N N 213 
LYS NZ  HZ1  sing N N 214 
LYS NZ  HZ2  sing N N 215 
LYS NZ  HZ3  sing N N 216 
LYS OXT HXT  sing N N 217 
MET N   CA   sing N N 218 
MET N   H    sing N N 219 
MET N   H2   sing N N 220 
MET CA  C    sing N N 221 
MET CA  CB   sing N N 222 
MET CA  HA   sing N N 223 
MET C   O    doub N N 224 
MET C   OXT  sing N N 225 
MET CB  CG   sing N N 226 
MET CB  HB2  sing N N 227 
MET CB  HB3  sing N N 228 
MET CG  SD   sing N N 229 
MET CG  HG2  sing N N 230 
MET CG  HG3  sing N N 231 
MET SD  CE   sing N N 232 
MET CE  HE1  sing N N 233 
MET CE  HE2  sing N N 234 
MET CE  HE3  sing N N 235 
MET OXT HXT  sing N N 236 
MSE N   CA   sing N N 237 
MSE N   H    sing N N 238 
MSE N   H2   sing N N 239 
MSE CA  C    sing N N 240 
MSE CA  CB   sing N N 241 
MSE CA  HA   sing N N 242 
MSE C   O    doub N N 243 
MSE C   OXT  sing N N 244 
MSE OXT HXT  sing N N 245 
MSE CB  CG   sing N N 246 
MSE CB  HB2  sing N N 247 
MSE CB  HB3  sing N N 248 
MSE CG  SE   sing N N 249 
MSE CG  HG2  sing N N 250 
MSE CG  HG3  sing N N 251 
MSE SE  CE   sing N N 252 
MSE CE  HE1  sing N N 253 
MSE CE  HE2  sing N N 254 
MSE CE  HE3  sing N N 255 
PHE N   CA   sing N N 256 
PHE N   H    sing N N 257 
PHE N   H2   sing N N 258 
PHE CA  C    sing N N 259 
PHE CA  CB   sing N N 260 
PHE CA  HA   sing N N 261 
PHE C   O    doub N N 262 
PHE C   OXT  sing N N 263 
PHE CB  CG   sing N N 264 
PHE CB  HB2  sing N N 265 
PHE CB  HB3  sing N N 266 
PHE CG  CD1  doub Y N 267 
PHE CG  CD2  sing Y N 268 
PHE CD1 CE1  sing Y N 269 
PHE CD1 HD1  sing N N 270 
PHE CD2 CE2  doub Y N 271 
PHE CD2 HD2  sing N N 272 
PHE CE1 CZ   doub Y N 273 
PHE CE1 HE1  sing N N 274 
PHE CE2 CZ   sing Y N 275 
PHE CE2 HE2  sing N N 276 
PHE CZ  HZ   sing N N 277 
PHE OXT HXT  sing N N 278 
PRO N   CA   sing N N 279 
PRO N   CD   sing N N 280 
PRO N   H    sing N N 281 
PRO CA  C    sing N N 282 
PRO CA  CB   sing N N 283 
PRO CA  HA   sing N N 284 
PRO C   O    doub N N 285 
PRO C   OXT  sing N N 286 
PRO CB  CG   sing N N 287 
PRO CB  HB2  sing N N 288 
PRO CB  HB3  sing N N 289 
PRO CG  CD   sing N N 290 
PRO CG  HG2  sing N N 291 
PRO CG  HG3  sing N N 292 
PRO CD  HD2  sing N N 293 
PRO CD  HD3  sing N N 294 
PRO OXT HXT  sing N N 295 
SER N   CA   sing N N 296 
SER N   H    sing N N 297 
SER N   H2   sing N N 298 
SER CA  C    sing N N 299 
SER CA  CB   sing N N 300 
SER CA  HA   sing N N 301 
SER C   O    doub N N 302 
SER C   OXT  sing N N 303 
SER CB  OG   sing N N 304 
SER CB  HB2  sing N N 305 
SER CB  HB3  sing N N 306 
SER OG  HG   sing N N 307 
SER OXT HXT  sing N N 308 
THR N   CA   sing N N 309 
THR N   H    sing N N 310 
THR N   H2   sing N N 311 
THR CA  C    sing N N 312 
THR CA  CB   sing N N 313 
THR CA  HA   sing N N 314 
THR C   O    doub N N 315 
THR C   OXT  sing N N 316 
THR CB  OG1  sing N N 317 
THR CB  CG2  sing N N 318 
THR CB  HB   sing N N 319 
THR OG1 HG1  sing N N 320 
THR CG2 HG21 sing N N 321 
THR CG2 HG22 sing N N 322 
THR CG2 HG23 sing N N 323 
THR OXT HXT  sing N N 324 
TRP N   CA   sing N N 325 
TRP N   H    sing N N 326 
TRP N   H2   sing N N 327 
TRP CA  C    sing N N 328 
TRP CA  CB   sing N N 329 
TRP CA  HA   sing N N 330 
TRP C   O    doub N N 331 
TRP C   OXT  sing N N 332 
TRP CB  CG   sing N N 333 
TRP CB  HB2  sing N N 334 
TRP CB  HB3  sing N N 335 
TRP CG  CD1  doub Y N 336 
TRP CG  CD2  sing Y N 337 
TRP CD1 NE1  sing Y N 338 
TRP CD1 HD1  sing N N 339 
TRP CD2 CE2  doub Y N 340 
TRP CD2 CE3  sing Y N 341 
TRP NE1 CE2  sing Y N 342 
TRP NE1 HE1  sing N N 343 
TRP CE2 CZ2  sing Y N 344 
TRP CE3 CZ3  doub Y N 345 
TRP CE3 HE3  sing N N 346 
TRP CZ2 CH2  doub Y N 347 
TRP CZ2 HZ2  sing N N 348 
TRP CZ3 CH2  sing Y N 349 
TRP CZ3 HZ3  sing N N 350 
TRP CH2 HH2  sing N N 351 
TRP OXT HXT  sing N N 352 
TYR N   CA   sing N N 353 
TYR N   H    sing N N 354 
TYR N   H2   sing N N 355 
TYR CA  C    sing N N 356 
TYR CA  CB   sing N N 357 
TYR CA  HA   sing N N 358 
TYR C   O    doub N N 359 
TYR C   OXT  sing N N 360 
TYR CB  CG   sing N N 361 
TYR CB  HB2  sing N N 362 
TYR CB  HB3  sing N N 363 
TYR CG  CD1  doub Y N 364 
TYR CG  CD2  sing Y N 365 
TYR CD1 CE1  sing Y N 366 
TYR CD1 HD1  sing N N 367 
TYR CD2 CE2  doub Y N 368 
TYR CD2 HD2  sing N N 369 
TYR CE1 CZ   doub Y N 370 
TYR CE1 HE1  sing N N 371 
TYR CE2 CZ   sing Y N 372 
TYR CE2 HE2  sing N N 373 
TYR CZ  OH   sing N N 374 
TYR OH  HH   sing N N 375 
TYR OXT HXT  sing N N 376 
VAL N   CA   sing N N 377 
VAL N   H    sing N N 378 
VAL N   H2   sing N N 379 
VAL CA  C    sing N N 380 
VAL CA  CB   sing N N 381 
VAL CA  HA   sing N N 382 
VAL C   O    doub N N 383 
VAL C   OXT  sing N N 384 
VAL CB  CG1  sing N N 385 
VAL CB  CG2  sing N N 386 
VAL CB  HB   sing N N 387 
VAL CG1 HG11 sing N N 388 
VAL CG1 HG12 sing N N 389 
VAL CG1 HG13 sing N N 390 
VAL CG2 HG21 sing N N 391 
VAL CG2 HG22 sing N N 392 
VAL CG2 HG23 sing N N 393 
VAL OXT HXT  sing N N 394 
# 
_atom_sites.entry_id                    1HXI 
_atom_sites.fract_transf_matrix[1][1]   -0.01433521 
_atom_sites.fract_transf_matrix[1][2]   0.00497495 
_atom_sites.fract_transf_matrix[1][3]   -0.00260377 
_atom_sites.fract_transf_matrix[2][1]   -0.00681650 
_atom_sites.fract_transf_matrix[2][2]   -0.00288422 
_atom_sites.fract_transf_matrix[2][3]   -0.01350013 
_atom_sites.fract_transf_matrix[3][1]   -0.00649470 
_atom_sites.fract_transf_matrix[3][2]   -0.01528853 
_atom_sites.fract_transf_matrix[3][3]   0.00654561 
_atom_sites.fract_transf_vector[1]      0.824215 
_atom_sites.fract_transf_vector[2]      0.404882 
_atom_sites.fract_transf_vector[3]      0.183784 
# 
loop_
_atom_type.symbol 
C  
MG 
N  
O  
S  
SE 
# 
loop_
_atom_site.group_PDB 
_atom_site.id 
_atom_site.type_symbol 
_atom_site.label_atom_id 
_atom_site.label_alt_id 
_atom_site.label_comp_id 
_atom_site.label_asym_id 
_atom_site.label_entity_id 
_atom_site.label_seq_id 
_atom_site.pdbx_PDB_ins_code 
_atom_site.Cartn_x 
_atom_site.Cartn_y 
_atom_site.Cartn_z 
_atom_site.occupancy 
_atom_site.B_iso_or_equiv 
_atom_site.pdbx_formal_charge 
_atom_site.auth_seq_id 
_atom_site.auth_comp_id 
_atom_site.auth_asym_id 
_atom_site.auth_atom_id 
_atom_site.pdbx_PDB_model_num 
ATOM   1    N  N   . ASN A 1 2   ? 8.647   -1.657  -11.399 1.00 55.16 ? 334 ASN A N   1 
ATOM   2    C  CA  . ASN A 1 2   ? 8.329   -3.088  -11.206 1.00 51.57 ? 334 ASN A CA  1 
ATOM   3    C  C   . ASN A 1 2   ? 6.895   -3.434  -11.624 1.00 48.27 ? 334 ASN A C   1 
ATOM   4    O  O   . ASN A 1 2   ? 6.120   -2.862  -12.372 1.00 49.74 ? 334 ASN A O   1 
ATOM   5    C  CB  . ASN A 1 2   ? 8.492   -3.539  -9.757  1.00 53.75 ? 334 ASN A CB  1 
ATOM   6    C  CG  . ASN A 1 2   ? 9.861   -3.647  -9.161  1.00 56.08 ? 334 ASN A CG  1 
ATOM   7    O  OD1 . ASN A 1 2   ? 10.821  -4.102  -9.789  1.00 58.29 ? 334 ASN A OD1 1 
ATOM   8    N  ND2 . ASN A 1 2   ? 9.931   -3.231  -7.895  1.00 51.91 ? 334 ASN A ND2 1 
ATOM   9    N  N   . ASN A 1 3   ? 6.476   -4.524  -11.025 1.00 42.78 ? 335 ASN A N   1 
ATOM   10   C  CA  . ASN A 1 3   ? 5.220   -5.208  -10.996 1.00 37.22 ? 335 ASN A CA  1 
ATOM   11   C  C   . ASN A 1 3   ? 4.081   -4.342  -10.466 1.00 33.64 ? 335 ASN A C   1 
ATOM   12   O  O   . ASN A 1 3   ? 4.193   -3.716  -9.410  1.00 28.49 ? 335 ASN A O   1 
ATOM   13   C  CB  . ASN A 1 3   ? 5.499   -6.346  -9.996  1.00 39.57 ? 335 ASN A CB  1 
ATOM   14   C  CG  . ASN A 1 3   ? 4.294   -7.181  -9.638  1.00 39.36 ? 335 ASN A CG  1 
ATOM   15   O  OD1 . ASN A 1 3   ? 3.300   -7.198  -10.359 1.00 42.45 ? 335 ASN A OD1 1 
ATOM   16   N  ND2 . ASN A 1 3   ? 4.403   -7.866  -8.502  1.00 40.07 ? 335 ASN A ND2 1 
ATOM   17   N  N   . THR A 1 4   ? 2.959   -4.351  -11.180 1.00 29.93 ? 336 THR A N   1 
ATOM   18   C  CA  . THR A 1 4   ? 1.779   -3.607  -10.776 1.00 28.35 ? 336 THR A CA  1 
ATOM   19   C  C   . THR A 1 4   ? 0.636   -4.556  -10.427 1.00 31.49 ? 336 THR A C   1 
ATOM   20   O  O   . THR A 1 4   ? -0.473  -4.108  -10.110 1.00 28.84 ? 336 THR A O   1 
ATOM   21   C  CB  . THR A 1 4   ? 1.320   -2.678  -11.922 1.00 29.58 ? 336 THR A CB  1 
ATOM   22   O  OG1 . THR A 1 4   ? 1.082   -3.519  -13.061 1.00 31.85 ? 336 THR A OG1 1 
ATOM   23   C  CG2 . THR A 1 4   ? 2.362   -1.644  -12.288 1.00 27.91 ? 336 THR A CG2 1 
ATOM   24   N  N   . ASP A 1 5   ? 0.917   -5.857  -10.457 1.00 27.73 ? 337 ASP A N   1 
ATOM   25   C  CA  . ASP A 1 5   ? -0.080  -6.889  -10.184 1.00 29.45 ? 337 ASP A CA  1 
ATOM   26   C  C   . ASP A 1 5   ? -0.216  -7.152  -8.693  1.00 28.03 ? 337 ASP A C   1 
ATOM   27   O  O   . ASP A 1 5   ? 0.495   -7.911  -8.046  1.00 26.82 ? 337 ASP A O   1 
ATOM   28   C  CB  . ASP A 1 5   ? 0.285   -8.214  -10.861 1.00 32.34 ? 337 ASP A CB  1 
ATOM   29   C  CG  . ASP A 1 5   ? -0.914  -9.136  -10.957 1.00 37.01 ? 337 ASP A CG  1 
ATOM   30   O  OD1 . ASP A 1 5   ? -1.771  -9.141  -10.047 1.00 38.34 ? 337 ASP A OD1 1 
ATOM   31   O  OD2 . ASP A 1 5   ? -0.995  -9.892  -11.954 1.00 43.65 ? 337 ASP A OD2 1 
ATOM   32   N  N   . TYR A 1 6   ? -1.210  -6.479  -8.112  1.00 22.34 ? 338 TYR A N   1 
ATOM   33   C  CA  . TYR A 1 6   ? -1.380  -6.552  -6.664  1.00 17.67 ? 338 TYR A CA  1 
ATOM   34   C  C   . TYR A 1 6   ? -2.129  -7.773  -6.181  1.00 19.63 ? 338 TYR A C   1 
ATOM   35   O  O   . TYR A 1 6   ? -3.246  -8.011  -6.665  1.00 24.59 ? 338 TYR A O   1 
ATOM   36   C  CB  . TYR A 1 6   ? -2.110  -5.238  -6.292  1.00 20.87 ? 338 TYR A CB  1 
ATOM   37   C  CG  . TYR A 1 6   ? -2.163  -5.039  -4.804  1.00 20.43 ? 338 TYR A CG  1 
ATOM   38   C  CD1 . TYR A 1 6   ? -1.193  -4.275  -4.145  1.00 16.05 ? 338 TYR A CD1 1 
ATOM   39   C  CD2 . TYR A 1 6   ? -3.164  -5.611  -4.028  1.00 17.13 ? 338 TYR A CD2 1 
ATOM   40   C  CE1 . TYR A 1 6   ? -1.232  -4.162  -2.761  1.00 16.40 ? 338 TYR A CE1 1 
ATOM   41   C  CE2 . TYR A 1 6   ? -3.224  -5.473  -2.661  1.00 17.42 ? 338 TYR A CE2 1 
ATOM   42   C  CZ  . TYR A 1 6   ? -2.247  -4.715  -2.021  1.00 17.18 ? 338 TYR A CZ  1 
ATOM   43   O  OH  . TYR A 1 6   ? -2.298  -4.548  -0.668  1.00 17.83 ? 338 TYR A OH  1 
ATOM   44   N  N   . PRO A 1 7   ? -1.679  -8.414  -5.113  1.00 20.11 ? 339 PRO A N   1 
ATOM   45   C  CA  . PRO A 1 7   ? -2.345  -9.613  -4.594  1.00 19.15 ? 339 PRO A CA  1 
ATOM   46   C  C   . PRO A 1 7   ? -3.473  -9.259  -3.634  1.00 15.80 ? 339 PRO A C   1 
ATOM   47   O  O   . PRO A 1 7   ? -3.296  -9.244  -2.417  1.00 21.39 ? 339 PRO A O   1 
ATOM   48   C  CB  . PRO A 1 7   ? -1.243  -10.353 -3.840  1.00 24.04 ? 339 PRO A CB  1 
ATOM   49   C  CG  . PRO A 1 7   ? -0.308  -9.250  -3.404  1.00 22.40 ? 339 PRO A CG  1 
ATOM   50   C  CD  . PRO A 1 7   ? -0.317  -8.269  -4.538  1.00 20.54 ? 339 PRO A CD  1 
ATOM   51   N  N   . PHE A 1 8   ? -4.661  -8.992  -4.176  1.00 21.06 ? 340 PHE A N   1 
ATOM   52   C  CA  . PHE A 1 8   ? -5.754  -8.572  -3.314  1.00 20.13 ? 340 PHE A CA  1 
ATOM   53   C  C   . PHE A 1 8   ? -6.206  -9.661  -2.341  1.00 23.44 ? 340 PHE A C   1 
ATOM   54   O  O   . PHE A 1 8   ? -6.246  -10.839 -2.721  1.00 25.75 ? 340 PHE A O   1 
ATOM   55   C  CB  . PHE A 1 8   ? -6.983  -8.151  -4.126  1.00 21.49 ? 340 PHE A CB  1 
ATOM   56   C  CG  . PHE A 1 8   ? -6.756  -6.928  -4.977  1.00 19.69 ? 340 PHE A CG  1 
ATOM   57   C  CD1 . PHE A 1 8   ? -6.711  -6.989  -6.346  1.00 21.40 ? 340 PHE A CD1 1 
ATOM   58   C  CD2 . PHE A 1 8   ? -6.614  -5.697  -4.340  1.00 21.47 ? 340 PHE A CD2 1 
ATOM   59   C  CE1 . PHE A 1 8   ? -6.513  -5.852  -7.108  1.00 22.34 ? 340 PHE A CE1 1 
ATOM   60   C  CE2 . PHE A 1 8   ? -6.421  -4.562  -5.105  1.00 22.86 ? 340 PHE A CE2 1 
ATOM   61   C  CZ  . PHE A 1 8   ? -6.377  -4.631  -6.482  1.00 22.51 ? 340 PHE A CZ  1 
ATOM   62   N  N   . GLU A 1 9   ? -6.495  -9.252  -1.126  1.00 19.59 ? 341 GLU A N   1 
ATOM   63   C  CA  . GLU A 1 9   ? -6.986  -10.169 -0.103  1.00 24.05 ? 341 GLU A CA  1 
ATOM   64   C  C   . GLU A 1 9   ? -8.397  -10.608 -0.505  1.00 23.79 ? 341 GLU A C   1 
ATOM   65   O  O   . GLU A 1 9   ? -9.179  -9.821  -1.043  1.00 24.94 ? 341 GLU A O   1 
ATOM   66   C  CB  . GLU A 1 9   ? -7.000  -9.498  1.270   1.00 24.84 ? 341 GLU A CB  1 
ATOM   67   C  CG  . GLU A 1 9   ? -6.736  -10.434 2.445   1.00 35.70 ? 341 GLU A CG  1 
ATOM   68   C  CD  . GLU A 1 9   ? -6.613  -9.686  3.763   1.00 39.72 ? 341 GLU A CD  1 
ATOM   69   O  OE1 . GLU A 1 9   ? -7.536  -9.804  4.600   1.00 38.56 ? 341 GLU A OE1 1 
ATOM   70   O  OE2 . GLU A 1 9   ? -5.609  -8.969  3.997   1.00 41.22 ? 341 GLU A OE2 1 
ATOM   71   N  N   . ALA A 1 10  ? -8.622  -11.925 -0.452  1.00 24.41 ? 342 ALA A N   1 
ATOM   72   C  CA  . ALA A 1 10  ? -9.979  -12.378 -0.817  1.00 22.88 ? 342 ALA A CA  1 
ATOM   73   C  C   . ALA A 1 10  ? -10.889 -12.085 0.359   1.00 21.66 ? 342 ALA A C   1 
ATOM   74   O  O   . ALA A 1 10  ? -10.458 -11.886 1.500   1.00 26.60 ? 342 ALA A O   1 
ATOM   75   C  CB  . ALA A 1 10  ? -9.955  -13.870 -1.129  1.00 26.56 ? 342 ALA A CB  1 
ATOM   76   N  N   . ASN A 1 11  ? -12.204 -12.173 0.122   1.00 29.32 ? 343 ASN A N   1 
ATOM   77   C  CA  . ASN A 1 11  ? -13.160 -12.018 1.227   1.00 29.97 ? 343 ASN A CA  1 
ATOM   78   C  C   . ASN A 1 11  ? -13.040 -10.694 1.962   1.00 28.99 ? 343 ASN A C   1 
ATOM   79   O  O   . ASN A 1 11  ? -13.098 -10.569 3.189   1.00 31.71 ? 343 ASN A O   1 
ATOM   80   C  CB  . ASN A 1 11  ? -12.953 -13.197 2.193   1.00 36.80 ? 343 ASN A CB  1 
ATOM   81   C  CG  . ASN A 1 11  ? -13.097 -14.570 1.562   1.00 36.97 ? 343 ASN A CG  1 
ATOM   82   O  OD1 . ASN A 1 11  ? -13.717 -14.760 0.513   1.00 40.29 ? 343 ASN A OD1 1 
ATOM   83   N  ND2 . ASN A 1 11  ? -12.491 -15.567 2.185   1.00 39.35 ? 343 ASN A ND2 1 
ATOM   84   N  N   . ASN A 1 12  ? -12.819 -9.613  1.227   1.00 22.30 ? 344 ASN A N   1 
ATOM   85   C  CA  . ASN A 1 12  ? -12.682 -8.262  1.772   1.00 22.51 ? 344 ASN A CA  1 
ATOM   86   C  C   . ASN A 1 12  ? -14.092 -7.728  2.062   1.00 19.33 ? 344 ASN A C   1 
ATOM   87   O  O   . ASN A 1 12  ? -14.819 -7.567  1.085   1.00 23.74 ? 344 ASN A O   1 
ATOM   88   C  CB  . ASN A 1 12  ? -12.081 -7.462  0.624   1.00 20.67 ? 344 ASN A CB  1 
ATOM   89   C  CG  . ASN A 1 12  ? -11.770 -6.039  1.027   1.00 17.87 ? 344 ASN A CG  1 
ATOM   90   O  OD1 . ASN A 1 12  ? -12.379 -5.490  1.943   1.00 18.86 ? 344 ASN A OD1 1 
ATOM   91   N  ND2 . ASN A 1 12  ? -10.789 -5.481  0.305   1.00 17.73 ? 344 ASN A ND2 1 
ATOM   92   N  N   . PRO A 1 13  ? -14.390 -7.434  3.298   1.00 23.24 ? 345 PRO A N   1 
ATOM   93   C  CA  . PRO A 1 13  ? -15.728 -6.985  3.675   1.00 26.43 ? 345 PRO A CA  1 
ATOM   94   C  C   . PRO A 1 13  ? -16.141 -5.665  3.058   1.00 28.30 ? 345 PRO A C   1 
ATOM   95   O  O   . PRO A 1 13  ? -17.305 -5.460  2.629   1.00 27.43 ? 345 PRO A O   1 
ATOM   96   C  CB  . PRO A 1 13  ? -15.671 -6.906  5.186   1.00 31.11 ? 345 PRO A CB  1 
ATOM   97   C  CG  . PRO A 1 13  ? -14.232 -6.857  5.552   1.00 30.98 ? 345 PRO A CG  1 
ATOM   98   C  CD  . PRO A 1 13  ? -13.497 -7.577  4.455   1.00 27.51 ? 345 PRO A CD  1 
ATOM   99   N  N   . TYR A 1 14  ? -15.142 -4.813  2.762   1.00 22.25 ? 346 TYR A N   1 
ATOM   100  C  CA  . TYR A 1 14  ? -15.452 -3.548  2.104   1.00 18.85 ? 346 TYR A CA  1 
ATOM   101  C  C   . TYR A 1 14  ? -15.951 -3.697  0.699   1.00 16.67 ? 346 TYR A C   1 
ATOM   102  O  O   . TYR A 1 14  ? -16.379 -2.689  0.093   1.00 18.49 ? 346 TYR A O   1 
ATOM   103  C  CB  . TYR A 1 14  ? -14.188 -2.635  2.157   1.00 18.25 ? 346 TYR A CB  1 
ATOM   104  C  CG  . TYR A 1 14  ? -13.860 -2.327  3.600   1.00 15.79 ? 346 TYR A CG  1 
ATOM   105  C  CD1 . TYR A 1 14  ? -12.947 -3.089  4.316   1.00 16.09 ? 346 TYR A CD1 1 
ATOM   106  C  CD2 . TYR A 1 14  ? -14.437 -1.272  4.291   1.00 17.82 ? 346 TYR A CD2 1 
ATOM   107  C  CE1 . TYR A 1 14  ? -12.623 -2.836  5.629   1.00 17.39 ? 346 TYR A CE1 1 
ATOM   108  C  CE2 . TYR A 1 14  ? -14.134 -0.990  5.598   1.00 21.16 ? 346 TYR A CE2 1 
ATOM   109  C  CZ  . TYR A 1 14  ? -13.241 -1.796  6.289   1.00 20.63 ? 346 TYR A CZ  1 
ATOM   110  O  OH  . TYR A 1 14  ? -12.965 -1.499  7.593   1.00 24.65 ? 346 TYR A OH  1 
HETATM 111  N  N   . MSE A 1 15  ? -15.869 -4.865  0.039   1.00 18.42 ? 347 MSE A N   1 
HETATM 112  C  CA  . MSE A 1 15  ? -16.333 -5.046  -1.315  1.00 20.61 ? 347 MSE A CA  1 
HETATM 113  C  C   . MSE A 1 15  ? -17.842 -4.780  -1.434  1.00 15.34 ? 347 MSE A C   1 
HETATM 114  O  O   . MSE A 1 15  ? -18.333 -4.505  -2.548  1.00 20.25 ? 347 MSE A O   1 
HETATM 115  C  CB  . MSE A 1 15  ? -15.979 -6.435  -1.885  1.00 27.46 ? 347 MSE A CB  1 
HETATM 116  C  CG  . MSE A 1 15  ? -14.486 -6.528  -2.241  1.00 31.67 ? 347 MSE A CG  1 
HETATM 117  SE SE  . MSE A 1 15  ? -13.969 -5.449  -3.736  1.00 41.53 ? 347 MSE A SE  1 
HETATM 118  C  CE  . MSE A 1 15  ? -15.367 -5.895  -4.945  1.00 37.09 ? 347 MSE A CE  1 
ATOM   119  N  N   . TYR A 1 16  ? -18.575 -4.957  -0.322  1.00 18.45 ? 348 TYR A N   1 
ATOM   120  C  CA  . TYR A 1 16  ? -20.020 -4.677  -0.429  1.00 16.90 ? 348 TYR A CA  1 
ATOM   121  C  C   . TYR A 1 16  ? -20.414 -3.439  0.341   1.00 18.31 ? 348 TYR A C   1 
ATOM   122  O  O   . TYR A 1 16  ? -21.551 -3.276  0.815   1.00 16.97 ? 348 TYR A O   1 
ATOM   123  C  CB  . TYR A 1 16  ? -20.864 -5.919  -0.030  1.00 17.12 ? 348 TYR A CB  1 
ATOM   124  C  CG  . TYR A 1 16  ? -20.532 -7.061  -0.988  1.00 19.77 ? 348 TYR A CG  1 
ATOM   125  C  CD1 . TYR A 1 16  ? -19.637 -8.051  -0.611  1.00 20.66 ? 348 TYR A CD1 1 
ATOM   126  C  CD2 . TYR A 1 16  ? -21.034 -7.069  -2.277  1.00 22.51 ? 348 TYR A CD2 1 
ATOM   127  C  CE1 . TYR A 1 16  ? -19.286 -9.050  -1.505  1.00 21.14 ? 348 TYR A CE1 1 
ATOM   128  C  CE2 . TYR A 1 16  ? -20.691 -8.074  -3.168  1.00 26.68 ? 348 TYR A CE2 1 
ATOM   129  C  CZ  . TYR A 1 16  ? -19.821 -9.058  -2.774  1.00 23.47 ? 348 TYR A CZ  1 
ATOM   130  O  OH  . TYR A 1 16  ? -19.461 -10.070 -3.634  1.00 27.82 ? 348 TYR A OH  1 
ATOM   131  N  N   . HIS A 1 17  ? -19.502 -2.466  0.482   1.00 15.04 ? 349 HIS A N   1 
ATOM   132  C  CA  . HIS A 1 17  ? -19.751 -1.191  1.137   1.00 16.27 ? 349 HIS A CA  1 
ATOM   133  C  C   . HIS A 1 17  ? -19.871 -0.167  -0.012  1.00 15.72 ? 349 HIS A C   1 
ATOM   134  O  O   . HIS A 1 17  ? -19.339 -0.372  -1.105  1.00 18.74 ? 349 HIS A O   1 
ATOM   135  C  CB  . HIS A 1 17  ? -18.621 -0.724  2.063   1.00 17.10 ? 349 HIS A CB  1 
ATOM   136  C  CG  . HIS A 1 17  ? -18.530 -1.541  3.325   1.00 17.00 ? 349 HIS A CG  1 
ATOM   137  N  ND1 . HIS A 1 17  ? -18.001 -1.039  4.479   1.00 17.91 ? 349 HIS A ND1 1 
ATOM   138  C  CD2 . HIS A 1 17  ? -19.060 -2.757  3.636   1.00 15.95 ? 349 HIS A CD2 1 
ATOM   139  C  CE1 . HIS A 1 17  ? -18.150 -1.944  5.449   1.00 15.72 ? 349 HIS A CE1 1 
ATOM   140  N  NE2 . HIS A 1 17  ? -18.782 -2.990  4.957   1.00 17.16 ? 349 HIS A NE2 1 
ATOM   141  N  N   . GLU A 1 18  ? -20.609 0.884   0.236   1.00 14.52 ? 350 GLU A N   1 
ATOM   142  C  CA  . GLU A 1 18  ? -20.878 1.897   -0.784  1.00 18.18 ? 350 GLU A CA  1 
ATOM   143  C  C   . GLU A 1 18  ? -19.724 2.834   -1.068  1.00 17.25 ? 350 GLU A C   1 
ATOM   144  O  O   . GLU A 1 18  ? -19.411 3.112   -2.228  1.00 22.05 ? 350 GLU A O   1 
ATOM   145  C  CB  . GLU A 1 18  ? -22.074 2.710   -0.224  1.00 19.97 ? 350 GLU A CB  1 
ATOM   146  C  CG  . GLU A 1 18  ? -22.811 3.521   -1.259  1.00 27.47 ? 350 GLU A CG  1 
ATOM   147  C  CD  . GLU A 1 18  ? -24.289 3.734   -0.950  1.00 27.74 ? 350 GLU A CD  1 
ATOM   148  O  OE1 . GLU A 1 18  ? -24.743 3.578   0.206   1.00 28.32 ? 350 GLU A OE1 1 
ATOM   149  O  OE2 . GLU A 1 18  ? -25.012 4.159   -1.882  1.00 30.40 ? 350 GLU A OE2 1 
ATOM   150  N  N   . ASN A 1 19  ? -19.067 3.273   0.011   1.00 15.78 ? 351 ASN A N   1 
ATOM   151  C  CA  . ASN A 1 19  ? -17.985 4.256   -0.138  1.00 19.42 ? 351 ASN A CA  1 
ATOM   152  C  C   . ASN A 1 19  ? -16.741 3.863   0.647   1.00 16.14 ? 351 ASN A C   1 
ATOM   153  O  O   . ASN A 1 19  ? -16.316 4.510   1.602   1.00 16.31 ? 351 ASN A O   1 
ATOM   154  C  CB  . ASN A 1 19  ? -18.475 5.647   0.282   1.00 22.22 ? 351 ASN A CB  1 
ATOM   155  C  CG  . ASN A 1 19  ? -17.619 6.761   -0.293  1.00 26.73 ? 351 ASN A CG  1 
ATOM   156  O  OD1 . ASN A 1 19  ? -16.453 6.597   -0.664  1.00 24.86 ? 351 ASN A OD1 1 
ATOM   157  N  ND2 . ASN A 1 19  ? -18.180 7.961   -0.381  1.00 25.92 ? 351 ASN A ND2 1 
ATOM   158  N  N   . PRO A 1 20  ? -16.100 2.771   0.213   1.00 13.97 ? 352 PRO A N   1 
ATOM   159  C  CA  . PRO A 1 20  ? -14.884 2.329   0.901   1.00 14.95 ? 352 PRO A CA  1 
ATOM   160  C  C   . PRO A 1 20  ? -13.730 3.350   0.806   1.00 14.03 ? 352 PRO A C   1 
ATOM   161  O  O   . PRO A 1 20  ? -12.882 3.370   1.723   1.00 14.57 ? 352 PRO A O   1 
ATOM   162  C  CB  . PRO A 1 20  ? -14.536 1.022   0.207   1.00 16.70 ? 352 PRO A CB  1 
ATOM   163  C  CG  . PRO A 1 20  ? -15.219 1.043   -1.115  1.00 18.65 ? 352 PRO A CG  1 
ATOM   164  C  CD  . PRO A 1 20  ? -16.486 1.851   -0.872  1.00 16.15 ? 352 PRO A CD  1 
HETATM 165  N  N   . MSE A 1 21  ? -13.685 4.244   -0.180  1.00 15.22 ? 353 MSE A N   1 
HETATM 166  C  CA  . MSE A 1 21  ? -12.641 5.268   -0.212  1.00 16.10 ? 353 MSE A CA  1 
HETATM 167  C  C   . MSE A 1 21  ? -12.751 6.171   1.004   1.00 15.78 ? 353 MSE A C   1 
HETATM 168  O  O   . MSE A 1 21  ? -11.819 6.474   1.755   1.00 17.20 ? 353 MSE A O   1 
HETATM 169  C  CB  . MSE A 1 21  ? -12.699 6.090   -1.507  1.00 16.58 ? 353 MSE A CB  1 
HETATM 170  C  CG  . MSE A 1 21  ? -11.586 7.147   -1.509  1.00 16.82 ? 353 MSE A CG  1 
HETATM 171  SE SE  . MSE A 1 21  ? -9.981  6.285   -2.227  1.00 26.59 ? 353 MSE A SE  1 
HETATM 172  C  CE  . MSE A 1 21  ? -8.746  7.734   -1.940  1.00 23.75 ? 353 MSE A CE  1 
ATOM   173  N  N   . GLU A 1 22  ? -13.988 6.634   1.290   1.00 17.77 ? 354 GLU A N   1 
ATOM   174  C  CA  . GLU A 1 22  ? -14.208 7.514   2.435   1.00 18.73 ? 354 GLU A CA  1 
ATOM   175  C  C   . GLU A 1 22  ? -13.975 6.827   3.758   1.00 15.91 ? 354 GLU A C   1 
ATOM   176  O  O   . GLU A 1 22  ? -13.337 7.354   4.682   1.00 17.33 ? 354 GLU A O   1 
ATOM   177  C  CB  . GLU A 1 22  ? -15.642 8.064   2.312   1.00 25.83 ? 354 GLU A CB  1 
ATOM   178  C  CG  . GLU A 1 22  ? -16.026 9.127   3.323   1.00 35.25 ? 354 GLU A CG  1 
ATOM   179  C  CD  . GLU A 1 22  ? -17.527 9.405   3.261   1.00 42.06 ? 354 GLU A CD  1 
ATOM   180  O  OE1 . GLU A 1 22  ? -18.311 8.665   3.884   1.00 45.21 ? 354 GLU A OE1 1 
ATOM   181  O  OE2 . GLU A 1 22  ? -17.924 10.361  2.565   1.00 44.93 ? 354 GLU A OE2 1 
ATOM   182  N  N   . GLU A 1 23  ? -14.330 5.509   3.854   1.00 15.20 ? 355 GLU A N   1 
ATOM   183  C  CA  . GLU A 1 23  ? -14.042 4.782   5.080   1.00 17.52 ? 355 GLU A CA  1 
ATOM   184  C  C   . GLU A 1 23  ? -12.523 4.599   5.230   1.00 15.77 ? 355 GLU A C   1 
ATOM   185  O  O   . GLU A 1 23  ? -11.985 4.773   6.321   1.00 16.97 ? 355 GLU A O   1 
ATOM   186  C  CB  . GLU A 1 23  ? -14.674 3.381   5.012   1.00 20.09 ? 355 GLU A CB  1 
ATOM   187  C  CG  . GLU A 1 23  ? -16.208 3.433   5.068   1.00 20.80 ? 355 GLU A CG  1 
ATOM   188  C  CD  . GLU A 1 23  ? -16.693 1.979   5.166   1.00 15.79 ? 355 GLU A CD  1 
ATOM   189  O  OE1 . GLU A 1 23  ? -17.110 1.453   4.132   1.00 19.85 ? 355 GLU A OE1 1 
ATOM   190  O  OE2 . GLU A 1 23  ? -16.546 1.429   6.256   1.00 22.32 ? 355 GLU A OE2 1 
ATOM   191  N  N   . GLY A 1 24  ? -11.865 4.339   4.099   1.00 16.98 ? 356 GLY A N   1 
ATOM   192  C  CA  . GLY A 1 24  ? -10.409 4.148   4.138   1.00 16.05 ? 356 GLY A CA  1 
ATOM   193  C  C   . GLY A 1 24  ? -9.739  5.415   4.684   1.00 14.76 ? 356 GLY A C   1 
ATOM   194  O  O   . GLY A 1 24  ? -8.834  5.339   5.520   1.00 17.72 ? 356 GLY A O   1 
ATOM   195  N  N   . LEU A 1 25  ? -10.119 6.580   4.119   1.00 16.79 ? 357 LEU A N   1 
ATOM   196  C  CA  . LEU A 1 25  ? -9.515  7.837   4.567   1.00 18.10 ? 357 LEU A CA  1 
ATOM   197  C  C   . LEU A 1 25  ? -9.812  8.105   6.022   1.00 22.30 ? 357 LEU A C   1 
ATOM   198  O  O   . LEU A 1 25  ? -8.937  8.520   6.795   1.00 20.07 ? 357 LEU A O   1 
ATOM   199  C  CB  . LEU A 1 25  ? -9.958  8.991   3.651   1.00 17.81 ? 357 LEU A CB  1 
ATOM   200  C  CG  . LEU A 1 25  ? -9.485  8.879   2.204   1.00 18.87 ? 357 LEU A CG  1 
ATOM   201  C  CD1 . LEU A 1 25  ? -10.286 9.814   1.299   1.00 20.93 ? 357 LEU A CD1 1 
ATOM   202  C  CD2 . LEU A 1 25  ? -7.990  9.222   2.090   1.00 18.96 ? 357 LEU A CD2 1 
ATOM   203  N  N   . SER A 1 26  ? -11.046 7.828   6.490   1.00 20.00 ? 358 SER A N   1 
ATOM   204  C  CA  . SER A 1 26  ? -11.325 7.978   7.912   1.00 20.80 ? 358 SER A CA  1 
ATOM   205  C  C   . SER A 1 26  ? -10.519 7.057   8.806   1.00 21.96 ? 358 SER A C   1 
ATOM   206  O  O   . SER A 1 26  ? -9.926  7.491   9.799   1.00 23.12 ? 358 SER A O   1 
ATOM   207  C  CB  . SER A 1 26  ? -12.842 7.740   8.127   1.00 22.21 ? 358 SER A CB  1 
ATOM   208  O  OG  A SER A 1 26  ? -13.105 7.893   9.511   0.50 22.12 ? 358 SER A OG  1 
ATOM   209  O  OG  B SER A 1 26  ? -13.527 8.801   7.483   0.50 22.36 ? 358 SER A OG  1 
HETATM 210  N  N   . MSE A 1 27  ? -10.374 5.783   8.421   1.00 21.38 ? 359 MSE A N   1 
HETATM 211  C  CA  . MSE A 1 27  ? -9.605  4.850   9.242   1.00 21.43 ? 359 MSE A CA  1 
HETATM 212  C  C   . MSE A 1 27  ? -8.102  5.129   9.202   1.00 22.42 ? 359 MSE A C   1 
HETATM 213  O  O   . MSE A 1 27  ? -7.428  4.962   10.226  1.00 22.98 ? 359 MSE A O   1 
HETATM 214  C  CB  . MSE A 1 27  ? -9.910  3.396   8.816   1.00 22.83 ? 359 MSE A CB  1 
HETATM 215  C  CG  . MSE A 1 27  ? -11.369 3.119   9.226   1.00 33.87 ? 359 MSE A CG  1 
HETATM 216  SE SE  . MSE A 1 27  ? -11.964 1.389   8.734   1.00 44.66 ? 359 MSE A SE  1 
HETATM 217  C  CE  A MSE A 1 27  ? -11.560 1.325   6.881   0.50 34.85 ? 359 MSE A CE  1 
HETATM 218  C  CE  B MSE A 1 27  ? -13.188 1.000   10.145  0.50 41.59 ? 359 MSE A CE  1 
ATOM   219  N  N   . LEU A 1 28  ? -7.641  5.629   8.064   1.00 21.61 ? 360 LEU A N   1 
ATOM   220  C  CA  . LEU A 1 28  ? -6.201  5.929   7.955   1.00 23.37 ? 360 LEU A CA  1 
ATOM   221  C  C   . LEU A 1 28  ? -5.867  7.082   8.878   1.00 26.06 ? 360 LEU A C   1 
ATOM   222  O  O   . LEU A 1 28  ? -4.911  7.033   9.658   1.00 27.55 ? 360 LEU A O   1 
ATOM   223  C  CB  . LEU A 1 28  ? -5.858  6.249   6.496   1.00 22.21 ? 360 LEU A CB  1 
ATOM   224  C  CG  . LEU A 1 28  ? -4.402  6.669   6.275   1.00 23.68 ? 360 LEU A CG  1 
ATOM   225  C  CD1 . LEU A 1 28  ? -3.467  5.539   6.670   1.00 26.61 ? 360 LEU A CD1 1 
ATOM   226  C  CD2 . LEU A 1 28  ? -4.252  7.118   4.840   1.00 20.58 ? 360 LEU A CD2 1 
ATOM   227  N  N   . LYS A 1 29  ? -6.722  8.112   8.858   1.00 28.33 ? 361 LYS A N   1 
ATOM   228  C  CA  . LYS A 1 29  ? -6.562  9.277   9.727   1.00 32.78 ? 361 LYS A CA  1 
ATOM   229  C  C   . LYS A 1 29  ? -6.587  8.880   11.193  1.00 34.05 ? 361 LYS A C   1 
ATOM   230  O  O   . LYS A 1 29  ? -5.786  9.422   11.966  1.00 36.77 ? 361 LYS A O   1 
ATOM   231  C  CB  . LYS A 1 29  ? -7.608  10.337  9.376   1.00 33.98 ? 361 LYS A CB  1 
ATOM   232  C  CG  . LYS A 1 29  ? -7.358  11.756  9.845   1.00 34.72 ? 361 LYS A CG  1 
ATOM   233  C  CD  . LYS A 1 29  ? -6.288  12.462  9.034   1.00 38.39 ? 361 LYS A CD  1 
ATOM   234  C  CE  . LYS A 1 29  ? -5.893  13.811  9.604   1.00 39.88 ? 361 LYS A CE  1 
ATOM   235  N  NZ  . LYS A 1 29  ? -4.698  14.386  8.912   1.00 39.19 ? 361 LYS A NZ  1 
ATOM   236  N  N   . LEU A 1 30  ? -7.325  7.861   11.616  1.00 32.42 ? 362 LEU A N   1 
ATOM   237  C  CA  . LEU A 1 30  ? -7.399  7.315   12.943  1.00 30.20 ? 362 LEU A CA  1 
ATOM   238  C  C   . LEU A 1 30  ? -6.337  6.255   13.248  1.00 29.34 ? 362 LEU A C   1 
ATOM   239  O  O   . LEU A 1 30  ? -6.405  5.588   14.287  1.00 32.41 ? 362 LEU A O   1 
ATOM   240  C  CB  . LEU A 1 30  ? -8.729  6.590   13.207  1.00 32.70 ? 362 LEU A CB  1 
ATOM   241  C  CG  . LEU A 1 30  ? -9.971  7.292   13.722  1.00 37.14 ? 362 LEU A CG  1 
ATOM   242  C  CD1 . LEU A 1 30  ? -9.694  8.645   14.360  1.00 37.30 ? 362 LEU A CD1 1 
ATOM   243  C  CD2 . LEU A 1 30  ? -11.047 7.394   12.655  1.00 39.33 ? 362 LEU A CD2 1 
ATOM   244  N  N   . ALA A 1 31  ? -5.437  5.972   12.314  1.00 28.95 ? 363 ALA A N   1 
ATOM   245  C  CA  . ALA A 1 31  ? -4.387  4.987   12.506  1.00 27.44 ? 363 ALA A CA  1 
ATOM   246  C  C   . ALA A 1 31  ? -4.843  3.547   12.605  1.00 23.36 ? 363 ALA A C   1 
ATOM   247  O  O   . ALA A 1 31  ? -4.140  2.678   13.138  1.00 23.80 ? 363 ALA A O   1 
ATOM   248  C  CB  . ALA A 1 31  ? -3.598  5.376   13.759  1.00 32.44 ? 363 ALA A CB  1 
ATOM   249  N  N   . ASN A 1 32  ? -5.977  3.198   12.002  1.00 19.96 ? 364 ASN A N   1 
ATOM   250  C  CA  . ASN A 1 32  ? -6.484  1.841   11.915  1.00 22.47 ? 364 ASN A CA  1 
ATOM   251  C  C   . ASN A 1 32  ? -6.083  1.335   10.527  1.00 21.64 ? 364 ASN A C   1 
ATOM   252  O  O   . ASN A 1 32  ? -6.849  1.283   9.569   1.00 19.60 ? 364 ASN A O   1 
ATOM   253  C  CB  . ASN A 1 32  ? -8.012  1.837   12.096  1.00 25.58 ? 364 ASN A CB  1 
ATOM   254  C  CG  . ASN A 1 32  ? -8.554  0.430   12.195  1.00 29.01 ? 364 ASN A CG  1 
ATOM   255  O  OD1 . ASN A 1 32  ? -7.818  -0.558  12.134  1.00 30.47 ? 364 ASN A OD1 1 
ATOM   256  N  ND2 . ASN A 1 32  ? -9.876  0.312   12.304  1.00 32.17 ? 364 ASN A ND2 1 
ATOM   257  N  N   . LEU A 1 33  ? -4.785  1.024   10.438  1.00 19.24 ? 365 LEU A N   1 
ATOM   258  C  CA  . LEU A 1 33  ? -4.155  0.739   9.161   1.00 18.75 ? 365 LEU A CA  1 
ATOM   259  C  C   . LEU A 1 33  ? -4.555  -0.506  8.445   1.00 17.40 ? 365 LEU A C   1 
ATOM   260  O  O   . LEU A 1 33  ? -4.704  -0.427  7.223   1.00 16.90 ? 365 LEU A O   1 
ATOM   261  C  CB  . LEU A 1 33  ? -2.610  0.780   9.373   1.00 16.34 ? 365 LEU A CB  1 
ATOM   262  C  CG  . LEU A 1 33  ? -2.081  2.060   9.993   1.00 18.10 ? 365 LEU A CG  1 
ATOM   263  C  CD1 . LEU A 1 33  ? -0.547  1.915   10.126  1.00 18.52 ? 365 LEU A CD1 1 
ATOM   264  C  CD2 . LEU A 1 33  ? -2.398  3.355   9.250   1.00 17.94 ? 365 LEU A CD2 1 
ATOM   265  N  N   . ALA A 1 34  ? -4.735  -1.660  9.127   1.00 20.48 ? 366 ALA A N   1 
ATOM   266  C  CA  . ALA A 1 34  ? -5.106  -2.864  8.380   1.00 16.87 ? 366 ALA A CA  1 
ATOM   267  C  C   . ALA A 1 34  ? -6.518  -2.676  7.779   1.00 13.42 ? 366 ALA A C   1 
ATOM   268  O  O   . ALA A 1 34  ? -6.675  -3.068  6.620   1.00 17.16 ? 366 ALA A O   1 
ATOM   269  C  CB  . ALA A 1 34  ? -5.075  -4.100  9.260   1.00 22.58 ? 366 ALA A CB  1 
ATOM   270  N  N   . GLU A 1 35  ? -7.399  -2.041  8.553   1.00 18.76 ? 367 GLU A N   1 
ATOM   271  C  CA  . GLU A 1 35  ? -8.737  -1.827  7.972   1.00 18.65 ? 367 GLU A CA  1 
ATOM   272  C  C   . GLU A 1 35  ? -8.684  -0.819  6.837   1.00 16.58 ? 367 GLU A C   1 
ATOM   273  O  O   . GLU A 1 35  ? -9.267  -1.020  5.768   1.00 16.20 ? 367 GLU A O   1 
ATOM   274  C  CB  . GLU A 1 35  ? -9.704  -1.302  9.044   1.00 21.60 ? 367 GLU A CB  1 
ATOM   275  C  CG  . GLU A 1 35  ? -10.010 -2.360  10.096  1.00 26.36 ? 367 GLU A CG  1 
ATOM   276  C  CD  . GLU A 1 35  ? -10.708 -3.575  9.512   1.00 29.31 ? 367 GLU A CD  1 
ATOM   277  O  OE1 . GLU A 1 35  ? -11.560 -3.451  8.603   1.00 30.22 ? 367 GLU A OE1 1 
ATOM   278  O  OE2 . GLU A 1 35  ? -10.386 -4.696  9.941   1.00 35.85 ? 367 GLU A OE2 1 
ATOM   279  N  N   . ALA A 1 36  ? -7.928  0.274   7.006   1.00 15.44 ? 368 ALA A N   1 
ATOM   280  C  CA  . ALA A 1 36  ? -7.800  1.228   5.912   1.00 14.66 ? 368 ALA A CA  1 
ATOM   281  C  C   . ALA A 1 36  ? -7.266  0.564   4.643   1.00 15.10 ? 368 ALA A C   1 
ATOM   282  O  O   . ALA A 1 36  ? -7.715  0.787   3.522   1.00 15.65 ? 368 ALA A O   1 
ATOM   283  C  CB  . ALA A 1 36  ? -6.897  2.391   6.317   1.00 14.45 ? 368 ALA A CB  1 
ATOM   284  N  N   . ALA A 1 37  ? -6.210  -0.295  4.797   1.00 14.72 ? 369 ALA A N   1 
ATOM   285  C  CA  . ALA A 1 37  ? -5.664  -0.978  3.629   1.00 13.07 ? 369 ALA A CA  1 
ATOM   286  C  C   . ALA A 1 37  ? -6.710  -1.850  2.937   1.00 14.00 ? 369 ALA A C   1 
ATOM   287  O  O   . ALA A 1 37  ? -6.823  -1.829  1.710   1.00 16.61 ? 369 ALA A O   1 
ATOM   288  C  CB  . ALA A 1 37  ? -4.409  -1.772  4.016   1.00 17.36 ? 369 ALA A CB  1 
ATOM   289  N  N   . LEU A 1 38  ? -7.537  -2.574  3.709   1.00 14.53 ? 370 LEU A N   1 
ATOM   290  C  CA  . LEU A 1 38  ? -8.613  -3.328  3.082   1.00 16.00 ? 370 LEU A CA  1 
ATOM   291  C  C   . LEU A 1 38  ? -9.633  -2.461  2.347   1.00 14.27 ? 370 LEU A C   1 
ATOM   292  O  O   . LEU A 1 38  ? -10.013 -2.791  1.225   1.00 15.19 ? 370 LEU A O   1 
ATOM   293  C  CB  . LEU A 1 38  ? -9.331  -4.185  4.133   1.00 18.48 ? 370 LEU A CB  1 
ATOM   294  C  CG  . LEU A 1 38  ? -8.498  -5.364  4.656   1.00 22.69 ? 370 LEU A CG  1 
ATOM   295  C  CD1 . LEU A 1 38  ? -9.201  -6.030  5.816   1.00 24.36 ? 370 LEU A CD1 1 
ATOM   296  C  CD2 . LEU A 1 38  ? -8.220  -6.363  3.549   1.00 22.35 ? 370 LEU A CD2 1 
ATOM   297  N  N   . ALA A 1 39  ? -9.974  -1.336  2.951   1.00 16.03 ? 371 ALA A N   1 
ATOM   298  C  CA  . ALA A 1 39  ? -10.925 -0.416  2.295   1.00 16.21 ? 371 ALA A CA  1 
ATOM   299  C  C   . ALA A 1 39  ? -10.376 0.086   0.993   1.00 14.38 ? 371 ALA A C   1 
ATOM   300  O  O   . ALA A 1 39  ? -11.010 0.101   -0.069  1.00 15.66 ? 371 ALA A O   1 
ATOM   301  C  CB  . ALA A 1 39  ? -11.266 0.679   3.292   1.00 13.38 ? 371 ALA A CB  1 
ATOM   302  N  N   . PHE A 1 40  ? -9.085  0.526   0.976   1.00 13.62 ? 372 PHE A N   1 
ATOM   303  C  CA  . PHE A 1 40  ? -8.472  0.932   -0.274  1.00 13.85 ? 372 PHE A CA  1 
ATOM   304  C  C   . PHE A 1 40  ? -8.309  -0.198  -1.275  1.00 11.88 ? 372 PHE A C   1 
ATOM   305  O  O   . PHE A 1 40  ? -8.457  0.047   -2.471  1.00 15.59 ? 372 PHE A O   1 
ATOM   306  C  CB  . PHE A 1 40  ? -7.126  1.616   0.002   1.00 12.84 ? 372 PHE A CB  1 
ATOM   307  C  CG  . PHE A 1 40  ? -7.236  2.903   0.795   1.00 14.11 ? 372 PHE A CG  1 
ATOM   308  C  CD1 . PHE A 1 40  ? -6.423  3.161   1.888   1.00 13.35 ? 372 PHE A CD1 1 
ATOM   309  C  CD2 . PHE A 1 40  ? -8.147  3.885   0.407   1.00 15.79 ? 372 PHE A CD2 1 
ATOM   310  C  CE1 . PHE A 1 40  ? -6.496  4.333   2.593   1.00 12.65 ? 372 PHE A CE1 1 
ATOM   311  C  CE2 . PHE A 1 40  ? -8.259  5.061   1.143   1.00 13.09 ? 372 PHE A CE2 1 
ATOM   312  C  CZ  . PHE A 1 40  ? -7.419  5.306   2.209   1.00 12.30 ? 372 PHE A CZ  1 
ATOM   313  N  N   . GLU A 1 41  ? -8.039  -1.434  -0.846  1.00 14.17 ? 373 GLU A N   1 
ATOM   314  C  CA  . GLU A 1 41  ? -7.980  -2.544  -1.798  1.00 15.42 ? 373 GLU A CA  1 
ATOM   315  C  C   . GLU A 1 41  ? -9.349  -2.688  -2.501  1.00 15.15 ? 373 GLU A C   1 
ATOM   316  O  O   . GLU A 1 41  ? -9.404  -2.952  -3.694  1.00 17.10 ? 373 GLU A O   1 
ATOM   317  C  CB  . GLU A 1 41  ? -7.624  -3.861  -1.113  1.00 16.16 ? 373 GLU A CB  1 
ATOM   318  C  CG  . GLU A 1 41  ? -6.131  -3.964  -0.773  1.00 15.78 ? 373 GLU A CG  1 
ATOM   319  C  CD  . GLU A 1 41  ? -5.756  -5.374  -0.323  1.00 20.92 ? 373 GLU A CD  1 
ATOM   320  O  OE1 . GLU A 1 41  ? -6.498  -6.356  -0.552  1.00 18.77 ? 373 GLU A OE1 1 
ATOM   321  O  OE2 . GLU A 1 41  ? -4.692  -5.502  0.303   1.00 20.04 ? 373 GLU A OE2 1 
ATOM   322  N  N   . ALA A 1 42  ? -10.429 -2.531  -1.742  1.00 17.69 ? 374 ALA A N   1 
ATOM   323  C  CA  . ALA A 1 42  ? -11.765 -2.584  -2.328  1.00 18.04 ? 374 ALA A CA  1 
ATOM   324  C  C   . ALA A 1 42  ? -11.979 -1.506  -3.367  1.00 16.51 ? 374 ALA A C   1 
ATOM   325  O  O   . ALA A 1 42  ? -12.470 -1.794  -4.467  1.00 18.53 ? 374 ALA A O   1 
ATOM   326  C  CB  . ALA A 1 42  ? -12.852 -2.474  -1.256  1.00 17.13 ? 374 ALA A CB  1 
ATOM   327  N  N   . VAL A 1 43  ? -11.554 -0.276  -3.078  1.00 16.00 ? 375 VAL A N   1 
ATOM   328  C  CA  . VAL A 1 43  ? -11.646 0.781   -4.084  1.00 15.64 ? 375 VAL A CA  1 
ATOM   329  C  C   . VAL A 1 43  ? -10.860 0.433   -5.335  1.00 15.82 ? 375 VAL A C   1 
ATOM   330  O  O   . VAL A 1 43  ? -11.285 0.596   -6.485  1.00 16.96 ? 375 VAL A O   1 
ATOM   331  C  CB  . VAL A 1 43  ? -11.168 2.150   -3.555  1.00 16.18 ? 375 VAL A CB  1 
ATOM   332  C  CG1 . VAL A 1 43  ? -11.372 3.187   -4.672  1.00 15.25 ? 375 VAL A CG1 1 
ATOM   333  C  CG2 . VAL A 1 43  ? -11.918 2.524   -2.296  1.00 15.51 ? 375 VAL A CG2 1 
ATOM   334  N  N   . CYS A 1 44  ? -9.639  -0.126  -5.183  1.00 15.66 ? 376 CYS A N   1 
ATOM   335  C  CA  . CYS A 1 44  ? -8.802  -0.459  -6.322  1.00 15.75 ? 376 CYS A CA  1 
ATOM   336  C  C   . CYS A 1 44  ? -9.391  -1.547  -7.219  1.00 18.90 ? 376 CYS A C   1 
ATOM   337  O  O   . CYS A 1 44  ? -9.069  -1.630  -8.418  1.00 18.91 ? 376 CYS A O   1 
ATOM   338  C  CB  . CYS A 1 44  ? -7.399  -0.875  -5.834  1.00 16.01 ? 376 CYS A CB  1 
ATOM   339  S  SG  . CYS A 1 44  ? -6.443  0.524   -5.122  1.00 15.43 ? 376 CYS A SG  1 
ATOM   340  N  N   . GLN A 1 45  ? -10.221 -2.409  -6.623  1.00 20.10 ? 377 GLN A N   1 
ATOM   341  C  CA  . GLN A 1 45  ? -10.877 -3.480  -7.385  1.00 22.38 ? 377 GLN A CA  1 
ATOM   342  C  C   . GLN A 1 45  ? -12.146 -2.929  -8.033  1.00 23.41 ? 377 GLN A C   1 
ATOM   343  O  O   . GLN A 1 45  ? -12.391 -3.209  -9.211  1.00 26.30 ? 377 GLN A O   1 
ATOM   344  C  CB  . GLN A 1 45  ? -11.169 -4.687  -6.506  1.00 22.89 ? 377 GLN A CB  1 
ATOM   345  C  CG  . GLN A 1 45  ? -9.934  -5.456  -6.043  1.00 23.43 ? 377 GLN A CG  1 
ATOM   346  C  CD  . GLN A 1 45  ? -10.104 -6.303  -4.815  1.00 23.41 ? 377 GLN A CD  1 
ATOM   347  O  OE1 . GLN A 1 45  ? -9.965  -5.903  -3.650  1.00 26.84 ? 377 GLN A OE1 1 
ATOM   348  N  NE2 . GLN A 1 45  ? -10.392 -7.585  -5.010  1.00 25.13 ? 377 GLN A NE2 1 
ATOM   349  N  N   . LYS A 1 46  ? -12.883 -2.096  -7.318  1.00 21.42 ? 378 LYS A N   1 
ATOM   350  C  CA  . LYS A 1 46  ? -14.115 -1.503  -7.863  1.00 22.70 ? 378 LYS A CA  1 
ATOM   351  C  C   . LYS A 1 46  ? -13.902 -0.485  -8.956  1.00 24.75 ? 378 LYS A C   1 
ATOM   352  O  O   . LYS A 1 46  ? -14.662 -0.352  -9.926  1.00 26.72 ? 378 LYS A O   1 
ATOM   353  C  CB  . LYS A 1 46  ? -14.907 -0.769  -6.768  1.00 21.28 ? 378 LYS A CB  1 
ATOM   354  C  CG  . LYS A 1 46  ? -15.502 -1.707  -5.758  1.00 25.04 ? 378 LYS A CG  1 
ATOM   355  C  CD  . LYS A 1 46  ? -16.004 -0.924  -4.546  1.00 26.77 ? 378 LYS A CD  1 
ATOM   356  C  CE  . LYS A 1 46  ? -16.799 -1.850  -3.650  1.00 29.93 ? 378 LYS A CE  1 
ATOM   357  N  NZ  . LYS A 1 46  ? -18.123 -2.141  -4.280  1.00 30.68 ? 378 LYS A NZ  1 
ATOM   358  N  N   . GLU A 1 47  ? -12.908 0.383   -8.756  1.00 20.77 ? 379 GLU A N   1 
ATOM   359  C  CA  . GLU A 1 47  ? -12.487 1.438   -9.641  1.00 19.74 ? 379 GLU A CA  1 
ATOM   360  C  C   . GLU A 1 47  ? -10.983 1.323   -9.889  1.00 22.89 ? 379 GLU A C   1 
ATOM   361  O  O   . GLU A 1 47  ? -10.188 2.102   -9.339  1.00 22.34 ? 379 GLU A O   1 
ATOM   362  C  CB  . GLU A 1 47  ? -12.764 2.814   -9.021  1.00 23.71 ? 379 GLU A CB  1 
ATOM   363  C  CG  . GLU A 1 47  ? -14.172 2.991   -8.482  1.00 25.33 ? 379 GLU A CG  1 
ATOM   364  C  CD  . GLU A 1 47  ? -14.404 4.345   -7.856  1.00 24.69 ? 379 GLU A CD  1 
ATOM   365  O  OE1 . GLU A 1 47  ? -14.561 5.322   -8.622  1.00 29.44 ? 379 GLU A OE1 1 
ATOM   366  O  OE2 . GLU A 1 47  ? -14.430 4.459   -6.627  1.00 26.85 ? 379 GLU A OE2 1 
ATOM   367  N  N   . PRO A 1 48  ? -10.561 0.423   -10.761 1.00 22.37 ? 380 PRO A N   1 
ATOM   368  C  CA  . PRO A 1 48  ? -9.165  0.152   -11.040 1.00 19.45 ? 380 PRO A CA  1 
ATOM   369  C  C   . PRO A 1 48  ? -8.368  1.278   -11.658 1.00 22.71 ? 380 PRO A C   1 
ATOM   370  O  O   . PRO A 1 48  ? -7.129  1.255   -11.520 1.00 23.00 ? 380 PRO A O   1 
ATOM   371  C  CB  . PRO A 1 48  ? -9.129  -1.087  -11.923 1.00 25.69 ? 380 PRO A CB  1 
ATOM   372  C  CG  . PRO A 1 48  ? -10.523 -1.553  -12.048 1.00 25.67 ? 380 PRO A CG  1 
ATOM   373  C  CD  . PRO A 1 48  ? -11.451 -0.517  -11.502 1.00 25.64 ? 380 PRO A CD  1 
ATOM   374  N  N   . GLU A 1 49  ? -8.985  2.322   -12.188 1.00 22.00 ? 381 GLU A N   1 
ATOM   375  C  CA  . GLU A 1 49  ? -8.249  3.431   -12.769 1.00 24.39 ? 381 GLU A CA  1 
ATOM   376  C  C   . GLU A 1 49  ? -8.187  4.621   -11.829 1.00 21.40 ? 381 GLU A C   1 
ATOM   377  O  O   . GLU A 1 49  ? -7.718  5.683   -12.241 1.00 22.13 ? 381 GLU A O   1 
ATOM   378  C  CB  . GLU A 1 49  ? -8.902  3.823   -14.112 1.00 30.10 ? 381 GLU A CB  1 
ATOM   379  C  CG  . GLU A 1 49  ? -8.524  2.874   -15.243 1.00 36.54 ? 381 GLU A CG  1 
ATOM   380  C  CD  . GLU A 1 49  ? -9.310  3.175   -16.509 1.00 43.08 ? 381 GLU A CD  1 
ATOM   381  O  OE1 . GLU A 1 49  ? -10.462 2.699   -16.613 1.00 48.69 ? 381 GLU A OE1 1 
ATOM   382  O  OE2 . GLU A 1 49  ? -8.814  3.888   -17.403 1.00 46.18 ? 381 GLU A OE2 1 
ATOM   383  N  N   . ARG A 1 50  ? -8.632  4.450   -10.576 1.00 17.59 ? 382 ARG A N   1 
ATOM   384  C  CA  . ARG A 1 50  ? -8.615  5.570   -9.634  1.00 18.99 ? 382 ARG A CA  1 
ATOM   385  C  C   . ARG A 1 50  ? -7.232  5.648   -8.994  1.00 16.70 ? 382 ARG A C   1 
ATOM   386  O  O   . ARG A 1 50  ? -6.940  5.013   -7.980  1.00 16.12 ? 382 ARG A O   1 
ATOM   387  C  CB  . ARG A 1 50  ? -9.727  5.408   -8.619  1.00 18.54 ? 382 ARG A CB  1 
ATOM   388  C  CG  . ARG A 1 50  ? -10.031 6.639   -7.779  1.00 21.04 ? 382 ARG A CG  1 
ATOM   389  C  CD  . ARG A 1 50  ? -11.346 6.412   -7.015  1.00 22.50 ? 382 ARG A CD  1 
ATOM   390  N  NE  . ARG A 1 50  ? -11.595 7.532   -6.134  1.00 23.60 ? 382 ARG A NE  1 
ATOM   391  C  CZ  . ARG A 1 50  ? -12.597 7.644   -5.265  1.00 23.07 ? 382 ARG A CZ  1 
ATOM   392  N  NH1 . ARG A 1 50  ? -13.454 6.639   -5.177  1.00 25.19 ? 382 ARG A NH1 1 
ATOM   393  N  NH2 . ARG A 1 50  ? -12.646 8.743   -4.542  1.00 25.08 ? 382 ARG A NH2 1 
ATOM   394  N  N   . GLU A 1 51  ? -6.437  6.569   -9.548  1.00 16.50 ? 383 GLU A N   1 
ATOM   395  C  CA  . GLU A 1 51  ? -5.016  6.618   -9.104  1.00 15.19 ? 383 GLU A CA  1 
ATOM   396  C  C   . GLU A 1 51  ? -4.914  6.960   -7.631  1.00 14.41 ? 383 GLU A C   1 
ATOM   397  O  O   . GLU A 1 51  ? -4.027  6.405   -6.947  1.00 14.04 ? 383 GLU A O   1 
ATOM   398  C  CB  . GLU A 1 51  ? -4.252  7.641   -9.938  1.00 15.66 ? 383 GLU A CB  1 
ATOM   399  C  CG  . GLU A 1 51  ? -2.740  7.666   -9.671  1.00 16.03 ? 383 GLU A CG  1 
ATOM   400  C  CD  . GLU A 1 51  ? -2.255  8.721   -8.704  1.00 17.77 ? 383 GLU A CD  1 
ATOM   401  O  OE1 . GLU A 1 51  ? -3.053  9.443   -8.064  1.00 16.22 ? 383 GLU A OE1 1 
ATOM   402  O  OE2 . GLU A 1 51  ? -0.992  8.866   -8.558  1.00 16.40 ? 383 GLU A OE2 1 
ATOM   403  N  N   . GLU A 1 52  ? -5.775  7.839   -7.082  1.00 14.82 ? 384 GLU A N   1 
ATOM   404  C  CA  . GLU A 1 52  ? -5.691  8.158   -5.665  1.00 14.85 ? 384 GLU A CA  1 
ATOM   405  C  C   . GLU A 1 52  ? -5.988  6.963   -4.746  1.00 14.36 ? 384 GLU A C   1 
ATOM   406  O  O   . GLU A 1 52  ? -5.460  6.923   -3.633  1.00 14.20 ? 384 GLU A O   1 
ATOM   407  C  CB  . GLU A 1 52  ? -6.643  9.292   -5.235  1.00 19.60 ? 384 GLU A CB  1 
ATOM   408  C  CG  . GLU A 1 52  ? -8.104  8.844   -5.252  1.00 26.23 ? 384 GLU A CG  1 
ATOM   409  C  CD  . GLU A 1 52  ? -9.039  10.044  -5.351  1.00 36.82 ? 384 GLU A CD  1 
ATOM   410  O  OE1 . GLU A 1 52  ? -10.022 9.964   -6.136  1.00 36.31 ? 384 GLU A OE1 1 
ATOM   411  O  OE2 . GLU A 1 52  ? -8.710  11.051  -4.677  1.00 39.31 ? 384 GLU A OE2 1 
ATOM   412  N  N   . ALA A 1 53  ? -6.744  5.977   -5.187  1.00 12.77 ? 385 ALA A N   1 
ATOM   413  C  CA  . ALA A 1 53  ? -6.988  4.759   -4.426  1.00 12.71 ? 385 ALA A CA  1 
ATOM   414  C  C   . ALA A 1 53  ? -5.685  3.923   -4.344  1.00 13.75 ? 385 ALA A C   1 
ATOM   415  O  O   . ALA A 1 53  ? -5.350  3.424   -3.281  1.00 14.59 ? 385 ALA A O   1 
ATOM   416  C  CB  . ALA A 1 53  ? -8.064  3.953   -5.160  1.00 14.93 ? 385 ALA A CB  1 
ATOM   417  N  N   . TRP A 1 54  ? -5.021  3.779   -5.476  1.00 13.10 ? 386 TRP A N   1 
ATOM   418  C  CA  . TRP A 1 54  ? -3.757  3.025   -5.516  1.00 13.69 ? 386 TRP A CA  1 
ATOM   419  C  C   . TRP A 1 54  ? -2.702  3.759   -4.659  1.00 11.31 ? 386 TRP A C   1 
ATOM   420  O  O   . TRP A 1 54  ? -1.958  3.101   -3.898  1.00 12.53 ? 386 TRP A O   1 
ATOM   421  C  CB  . TRP A 1 54  ? -3.257  2.839   -6.935  1.00 13.48 ? 386 TRP A CB  1 
ATOM   422  C  CG  . TRP A 1 54  ? -4.064  1.827   -7.707  1.00 13.07 ? 386 TRP A CG  1 
ATOM   423  C  CD1 . TRP A 1 54  ? -5.042  2.097   -8.629  1.00 16.64 ? 386 TRP A CD1 1 
ATOM   424  C  CD2 . TRP A 1 54  ? -3.919  0.416   -7.627  1.00 15.04 ? 386 TRP A CD2 1 
ATOM   425  N  NE1 . TRP A 1 54  ? -5.539  0.886   -9.104  1.00 17.19 ? 386 TRP A NE1 1 
ATOM   426  C  CE2 . TRP A 1 54  ? -4.858  -0.142  -8.531  1.00 16.95 ? 386 TRP A CE2 1 
ATOM   427  C  CE3 . TRP A 1 54  ? -3.107  -0.439  -6.869  1.00 15.45 ? 386 TRP A CE3 1 
ATOM   428  C  CZ2 . TRP A 1 54  ? -4.987  -1.528  -8.688  1.00 17.30 ? 386 TRP A CZ2 1 
ATOM   429  C  CZ3 . TRP A 1 54  ? -3.222  -1.815  -7.065  1.00 16.86 ? 386 TRP A CZ3 1 
ATOM   430  C  CH2 . TRP A 1 54  ? -4.131  -2.338  -7.995  1.00 17.64 ? 386 TRP A CH2 1 
ATOM   431  N  N   . ARG A 1 55  ? -2.594  5.064   -4.822  1.00 11.24 ? 387 ARG A N   1 
ATOM   432  C  CA  . ARG A 1 55  ? -1.625  5.804   -3.982  1.00 10.56 ? 387 ARG A CA  1 
ATOM   433  C  C   . ARG A 1 55  ? -1.959  5.649   -2.509  1.00 11.97 ? 387 ARG A C   1 
ATOM   434  O  O   . ARG A 1 55  ? -1.069  5.454   -1.694  1.00 11.33 ? 387 ARG A O   1 
ATOM   435  C  CB  . ARG A 1 55  ? -1.587  7.257   -4.401  1.00 12.44 ? 387 ARG A CB  1 
ATOM   436  C  CG  . ARG A 1 55  ? -0.725  8.158   -3.511  1.00 11.30 ? 387 ARG A CG  1 
ATOM   437  C  CD  . ARG A 1 55  ? -0.799  9.569   -4.123  1.00 11.84 ? 387 ARG A CD  1 
ATOM   438  N  NE  . ARG A 1 55  ? -2.086  10.181  -3.719  1.00 13.25 ? 387 ARG A NE  1 
ATOM   439  C  CZ  . ARG A 1 55  ? -2.581  11.243  -4.349  1.00 17.99 ? 387 ARG A CZ  1 
ATOM   440  N  NH1 . ARG A 1 55  ? -1.967  11.786  -5.392  1.00 17.26 ? 387 ARG A NH1 1 
ATOM   441  N  NH2 . ARG A 1 55  ? -3.736  11.762  -3.903  1.00 16.77 ? 387 ARG A NH2 1 
ATOM   442  N  N   . SER A 1 56  ? -3.237  5.778   -2.093  1.00 11.39 ? 388 SER A N   1 
ATOM   443  C  CA  . SER A 1 56  ? -3.604  5.652   -0.695  1.00 10.60 ? 388 SER A CA  1 
ATOM   444  C  C   . SER A 1 56  ? -3.329  4.230   -0.171  1.00 10.13 ? 388 SER A C   1 
ATOM   445  O  O   . SER A 1 56  ? -2.898  4.087   0.965   1.00 13.50 ? 388 SER A O   1 
ATOM   446  C  CB  . SER A 1 56  ? -5.094  6.003   -0.510  1.00 12.99 ? 388 SER A CB  1 
ATOM   447  O  OG  . SER A 1 56  ? -5.266  7.360   -0.894  1.00 14.79 ? 388 SER A OG  1 
ATOM   448  N  N   . LEU A 1 57  ? -3.601  3.223   -0.984  1.00 11.38 ? 389 LEU A N   1 
ATOM   449  C  CA  . LEU A 1 57  ? -3.319  1.828   -0.611  1.00 11.55 ? 389 LEU A CA  1 
ATOM   450  C  C   . LEU A 1 57  ? -1.808  1.680   -0.397  1.00 12.39 ? 389 LEU A C   1 
ATOM   451  O  O   . LEU A 1 57  ? -1.393  1.231   0.687   1.00 11.94 ? 389 LEU A O   1 
ATOM   452  C  CB  . LEU A 1 57  ? -3.773  0.936   -1.763  1.00 17.29 ? 389 LEU A CB  1 
ATOM   453  C  CG  . LEU A 1 57  ? -4.123  -0.532  -1.511  1.00 24.70 ? 389 LEU A CG  1 
ATOM   454  C  CD1 . LEU A 1 57  ? -3.890  -1.351  -2.757  1.00 15.67 ? 389 LEU A CD1 1 
ATOM   455  C  CD2 . LEU A 1 57  ? -3.644  -1.167  -0.240  1.00 18.51 ? 389 LEU A CD2 1 
ATOM   456  N  N   . GLY A 1 58  ? -1.040  2.252   -1.319  1.00 11.34 ? 390 GLY A N   1 
ATOM   457  C  CA  . GLY A 1 58  ? 0.430   2.119   -1.165  1.00 11.19 ? 390 GLY A CA  1 
ATOM   458  C  C   . GLY A 1 58  ? 0.920   2.818   0.106   1.00 12.20 ? 390 GLY A C   1 
ATOM   459  O  O   . GLY A 1 58  ? 1.745   2.279   0.863   1.00 12.27 ? 390 GLY A O   1 
ATOM   460  N  N   . LEU A 1 59  ? 0.497   4.072   0.355   1.00 11.84 ? 391 LEU A N   1 
ATOM   461  C  CA  . LEU A 1 59  ? 0.938   4.809   1.521   1.00 12.95 ? 391 LEU A CA  1 
ATOM   462  C  C   . LEU A 1 59  ? 0.473   4.129   2.818   1.00 12.78 ? 391 LEU A C   1 
ATOM   463  O  O   . LEU A 1 59  ? 1.239   4.115   3.781   1.00 14.45 ? 391 LEU A O   1 
ATOM   464  C  CB  . LEU A 1 59  ? 0.469   6.263   1.479   1.00 12.38 ? 391 LEU A CB  1 
ATOM   465  C  CG  . LEU A 1 59  ? 1.095   7.078   0.321   1.00 15.91 ? 391 LEU A CG  1 
ATOM   466  C  CD1 . LEU A 1 59  ? 0.531   8.493   0.332   1.00 17.01 ? 391 LEU A CD1 1 
ATOM   467  C  CD2 . LEU A 1 59  ? 2.606   7.144   0.424   1.00 17.93 ? 391 LEU A CD2 1 
ATOM   468  N  N   . THR A 1 60  ? -0.709  3.521   2.832   1.00 11.81 ? 392 THR A N   1 
ATOM   469  C  CA  . THR A 1 60  ? -1.206  2.829   3.994   1.00 10.63 ? 392 THR A CA  1 
ATOM   470  C  C   . THR A 1 60  ? -0.353  1.586   4.247   1.00 11.48 ? 392 THR A C   1 
ATOM   471  O  O   . THR A 1 60  ? -0.007  1.314   5.388   1.00 14.60 ? 392 THR A O   1 
ATOM   472  C  CB  . THR A 1 60  ? -2.691  2.417   3.819   1.00 14.19 ? 392 THR A CB  1 
ATOM   473  O  OG1 . THR A 1 60  ? -3.444  3.624   3.624   1.00 12.49 ? 392 THR A OG1 1 
ATOM   474  C  CG2 . THR A 1 60  ? -3.176  1.698   5.074   1.00 13.32 ? 392 THR A CG2 1 
ATOM   475  N  N   . GLN A 1 61  ? -0.039  0.845   3.193   1.00 12.75 ? 393 GLN A N   1 
ATOM   476  C  CA  . GLN A 1 61  ? 0.777   -0.360  3.328   1.00 13.03 ? 393 GLN A CA  1 
ATOM   477  C  C   . GLN A 1 61  ? 2.177   0.001   3.831   1.00 13.84 ? 393 GLN A C   1 
ATOM   478  O  O   . GLN A 1 61  ? 2.700   -0.701  4.724   1.00 15.52 ? 393 GLN A O   1 
ATOM   479  C  CB  . GLN A 1 61  ? 0.810   -1.195  2.061   1.00 14.58 ? 393 GLN A CB  1 
ATOM   480  C  CG  . GLN A 1 61  ? -0.545  -1.827  1.704   1.00 14.02 ? 393 GLN A CG  1 
ATOM   481  C  CD  . GLN A 1 61  ? -1.051  -2.888  2.663   1.00 13.60 ? 393 GLN A CD  1 
ATOM   482  O  OE1 . GLN A 1 61  ? -1.017  -2.778  3.894   1.00 15.87 ? 393 GLN A OE1 1 
ATOM   483  N  NE2 . GLN A 1 61  ? -1.648  -3.960  2.118   1.00 20.09 ? 393 GLN A NE2 1 
ATOM   484  N  N   . ALA A 1 62  ? 2.765   1.096   3.361   1.00 12.32 ? 394 ALA A N   1 
ATOM   485  C  CA  . ALA A 1 62  ? 4.064   1.544   3.878   1.00 12.53 ? 394 ALA A CA  1 
ATOM   486  C  C   . ALA A 1 62  ? 3.966   1.919   5.343   1.00 14.62 ? 394 ALA A C   1 
ATOM   487  O  O   . ALA A 1 62  ? 4.784   1.498   6.170   1.00 16.37 ? 394 ALA A O   1 
ATOM   488  C  CB  . ALA A 1 62  ? 4.604   2.716   3.056   1.00 13.59 ? 394 ALA A CB  1 
ATOM   489  N  N   . GLU A 1 63  ? 2.877   2.607   5.748   1.00 13.12 ? 395 GLU A N   1 
ATOM   490  C  CA  . GLU A 1 63  ? 2.686   2.942   7.154   1.00 15.34 ? 395 GLU A CA  1 
ATOM   491  C  C   . GLU A 1 63  ? 2.456   1.688   8.008   1.00 15.75 ? 395 GLU A C   1 
ATOM   492  O  O   . GLU A 1 63  ? 2.851   1.734   9.195   1.00 18.27 ? 395 GLU A O   1 
ATOM   493  C  CB  . GLU A 1 63  ? 1.456   3.819   7.402   1.00 19.38 ? 395 GLU A CB  1 
ATOM   494  C  CG  . GLU A 1 63  ? 1.522   5.239   6.900   1.00 23.84 ? 395 GLU A CG  1 
ATOM   495  C  CD  . GLU A 1 63  ? 2.685   5.964   7.601   1.00 26.67 ? 395 GLU A CD  1 
ATOM   496  O  OE1 . GLU A 1 63  ? 2.706   5.924   8.837   1.00 29.02 ? 395 GLU A OE1 1 
ATOM   497  O  OE2 . GLU A 1 63  ? 3.535   6.462   6.855   1.00 30.50 ? 395 GLU A OE2 1 
ATOM   498  N  N   . ASN A 1 64  ? 1.889   0.635   7.449   1.00 14.43 ? 396 ASN A N   1 
ATOM   499  C  CA  . ASN A 1 64  ? 1.638   -0.608  8.145   1.00 13.74 ? 396 ASN A CA  1 
ATOM   500  C  C   . ASN A 1 64  ? 2.785   -1.592  7.970   1.00 14.71 ? 396 ASN A C   1 
ATOM   501  O  O   . ASN A 1 64  ? 2.692   -2.778  8.275   1.00 15.82 ? 396 ASN A O   1 
ATOM   502  C  CB  . ASN A 1 64  ? 0.349   -1.309  7.675   1.00 17.15 ? 396 ASN A CB  1 
ATOM   503  C  CG  . ASN A 1 64  ? -0.276  -2.157  8.782   1.00 18.96 ? 396 ASN A CG  1 
ATOM   504  O  OD1 . ASN A 1 64  ? -0.025  -1.934  9.975   1.00 20.28 ? 396 ASN A OD1 1 
ATOM   505  N  ND2 . ASN A 1 64  ? -1.067  -3.119  8.361   1.00 19.51 ? 396 ASN A ND2 1 
ATOM   506  N  N   . GLU A 1 65  ? 3.976   -1.089  7.620   1.00 13.40 ? 397 GLU A N   1 
ATOM   507  C  CA  . GLU A 1 65  ? 5.199   -1.867  7.537   1.00 15.48 ? 397 GLU A CA  1 
ATOM   508  C  C   . GLU A 1 65  ? 5.250   -2.936  6.488   1.00 18.01 ? 397 GLU A C   1 
ATOM   509  O  O   . GLU A 1 65  ? 5.919   -3.966  6.629   1.00 17.49 ? 397 GLU A O   1 
ATOM   510  C  CB  . GLU A 1 65  ? 5.578   -2.501  8.899   1.00 17.91 ? 397 GLU A CB  1 
ATOM   511  C  CG  . GLU A 1 65  ? 5.349   -1.654  10.119  1.00 16.12 ? 397 GLU A CG  1 
ATOM   512  C  CD  . GLU A 1 65  ? 5.925   -0.266  10.095  1.00 18.35 ? 397 GLU A CD  1 
ATOM   513  O  OE1 . GLU A 1 65  ? 6.688   0.108   9.167   1.00 16.32 ? 397 GLU A OE1 1 
ATOM   514  O  OE2 . GLU A 1 65  ? 5.622   0.487   11.054  1.00 20.56 ? 397 GLU A OE2 1 
ATOM   515  N  N   . LYS A 1 66  ? 4.455   -2.809  5.430   1.00 11.37 ? 398 LYS A N   1 
ATOM   516  C  CA  . LYS A 1 66  ? 4.373   -3.792  4.384   1.00 12.92 ? 398 LYS A CA  1 
ATOM   517  C  C   . LYS A 1 66  ? 4.831   -3.082  3.113   1.00 13.97 ? 398 LYS A C   1 
ATOM   518  O  O   . LYS A 1 66  ? 4.104   -2.838  2.147   1.00 14.24 ? 398 LYS A O   1 
ATOM   519  C  CB  . LYS A 1 66  ? 2.940   -4.331  4.202   1.00 14.25 ? 398 LYS A CB  1 
ATOM   520  C  CG  . LYS A 1 66  ? 2.421   -4.964  5.495   1.00 17.05 ? 398 LYS A CG  1 
ATOM   521  C  CD  . LYS A 1 66  ? 1.008   -5.502  5.296   1.00 20.71 ? 398 LYS A CD  1 
ATOM   522  C  CE  . LYS A 1 66  ? 0.487   -5.912  6.687   1.00 22.44 ? 398 LYS A CE  1 
ATOM   523  N  NZ  . LYS A 1 66  ? -0.893  -6.474  6.469   1.00 25.35 ? 398 LYS A NZ  1 
ATOM   524  N  N   . ASP A 1 67  ? 6.146   -2.792  3.108   1.00 13.50 ? 399 ASP A N   1 
ATOM   525  C  CA  . ASP A 1 67  ? 6.710   -2.076  1.963   1.00 11.89 ? 399 ASP A CA  1 
ATOM   526  C  C   . ASP A 1 67  ? 6.704   -2.829  0.658   1.00 10.29 ? 399 ASP A C   1 
ATOM   527  O  O   . ASP A 1 67  ? 6.590   -2.193  -0.407  1.00 12.20 ? 399 ASP A O   1 
ATOM   528  C  CB  . ASP A 1 67  ? 8.137   -1.628  2.387   1.00 12.04 ? 399 ASP A CB  1 
ATOM   529  C  CG  . ASP A 1 67  ? 8.024   -0.496  3.381   1.00 15.57 ? 399 ASP A CG  1 
ATOM   530  O  OD1 . ASP A 1 67  ? 8.412   -0.728  4.555   1.00 20.22 ? 399 ASP A OD1 1 
ATOM   531  O  OD2 . ASP A 1 67  ? 7.610   0.656   3.058   1.00 13.22 ? 399 ASP A OD2 1 
ATOM   532  N  N   . GLY A 1 68  ? 6.739   -4.169  0.646   1.00 12.24 ? 400 GLY A N   1 
ATOM   533  C  CA  . GLY A 1 68  ? 6.649   -4.921  -0.594  1.00 13.27 ? 400 GLY A CA  1 
ATOM   534  C  C   . GLY A 1 68  ? 5.270   -4.696  -1.241  1.00 12.29 ? 400 GLY A C   1 
ATOM   535  O  O   . GLY A 1 68  ? 5.244   -4.377  -2.422  1.00 14.81 ? 400 GLY A O   1 
ATOM   536  N  N   . LEU A 1 69  ? 4.219   -4.780  -0.434  1.00 14.04 ? 401 LEU A N   1 
ATOM   537  C  CA  . LEU A 1 69  ? 2.896   -4.543  -0.999  1.00 11.60 ? 401 LEU A CA  1 
ATOM   538  C  C   . LEU A 1 69  ? 2.745   -3.075  -1.356  1.00 12.53 ? 401 LEU A C   1 
ATOM   539  O  O   . LEU A 1 69  ? 2.151   -2.733  -2.393  1.00 13.39 ? 401 LEU A O   1 
ATOM   540  C  CB  . LEU A 1 69  ? 1.801   -4.937  -0.004  1.00 13.25 ? 401 LEU A CB  1 
ATOM   541  C  CG  . LEU A 1 69  ? 1.637   -6.461  0.179   1.00 17.51 ? 401 LEU A CG  1 
ATOM   542  C  CD1 . LEU A 1 69  ? 0.644   -6.706  1.300   1.00 22.09 ? 401 LEU A CD1 1 
ATOM   543  C  CD2 . LEU A 1 69  ? 1.144   -7.057  -1.143  1.00 18.23 ? 401 LEU A CD2 1 
ATOM   544  N  N   . ALA A 1 70  ? 3.358   -2.185  -0.565  1.00 11.99 ? 402 ALA A N   1 
ATOM   545  C  CA  . ALA A 1 70  ? 3.281   -0.749  -0.845  1.00 11.91 ? 402 ALA A CA  1 
ATOM   546  C  C   . ALA A 1 70  ? 3.840   -0.464  -2.227  1.00 11.71 ? 402 ALA A C   1 
ATOM   547  O  O   . ALA A 1 70  ? 3.311   0.304   -3.042  1.00 12.48 ? 402 ALA A O   1 
ATOM   548  C  CB  . ALA A 1 70  ? 4.100   0.106   0.148   1.00 12.19 ? 402 ALA A CB  1 
ATOM   549  N  N   . ILE A 1 71  ? 5.038   -1.025  -2.518  1.00 12.20 ? 403 ILE A N   1 
ATOM   550  C  CA  . ILE A 1 71  ? 5.670   -0.833  -3.828  1.00 11.79 ? 403 ILE A CA  1 
ATOM   551  C  C   . ILE A 1 71  ? 4.797   -1.302  -4.987  1.00 9.80  ? 403 ILE A C   1 
ATOM   552  O  O   . ILE A 1 71  ? 4.734   -0.563  -5.986  1.00 13.48 ? 403 ILE A O   1 
ATOM   553  C  CB  . ILE A 1 71  ? 7.050   -1.560  -3.803  1.00 11.84 ? 403 ILE A CB  1 
ATOM   554  C  CG1 . ILE A 1 71  ? 8.000   -0.793  -2.889  1.00 12.75 ? 403 ILE A CG1 1 
ATOM   555  C  CG2 . ILE A 1 71  ? 7.596   -1.669  -5.208  1.00 12.27 ? 403 ILE A CG2 1 
ATOM   556  C  CD1 . ILE A 1 71  ? 9.198   -1.584  -2.378  1.00 14.09 ? 403 ILE A CD1 1 
ATOM   557  N  N   . ILE A 1 72  ? 4.149   -2.476  -4.889  1.00 11.53 ? 404 ILE A N   1 
ATOM   558  C  CA  . ILE A 1 72  ? 3.279   -2.877  -6.007  1.00 12.34 ? 404 ILE A CA  1 
ATOM   559  C  C   . ILE A 1 72  ? 2.147   -1.851  -6.193  1.00 11.28 ? 404 ILE A C   1 
ATOM   560  O  O   . ILE A 1 72  ? 1.876   -1.487  -7.354  1.00 14.03 ? 404 ILE A O   1 
ATOM   561  C  CB  . ILE A 1 72  ? 2.718   -4.286  -5.767  1.00 14.99 ? 404 ILE A CB  1 
ATOM   562  C  CG1 . ILE A 1 72  ? 3.899   -5.273  -5.621  1.00 17.23 ? 404 ILE A CG1 1 
ATOM   563  C  CG2 . ILE A 1 72  ? 1.780   -4.667  -6.912  1.00 13.70 ? 404 ILE A CG2 1 
ATOM   564  C  CD1 . ILE A 1 72  ? 3.381   -6.611  -5.081  1.00 16.41 ? 404 ILE A CD1 1 
ATOM   565  N  N   . ALA A 1 73  ? 1.520   -1.428  -5.095  1.00 13.11 ? 405 ALA A N   1 
ATOM   566  C  CA  . ALA A 1 73  ? 0.420   -0.462  -5.301  1.00 13.13 ? 405 ALA A CA  1 
ATOM   567  C  C   . ALA A 1 73  ? 0.902   0.877   -5.816  1.00 14.83 ? 405 ALA A C   1 
ATOM   568  O  O   . ALA A 1 73  ? 0.244   1.469   -6.670  1.00 14.32 ? 405 ALA A O   1 
ATOM   569  C  CB  . ALA A 1 73  ? -0.281  -0.205  -3.972  1.00 12.32 ? 405 ALA A CB  1 
ATOM   570  N  N   . LEU A 1 74  ? 2.072   1.332   -5.330  1.00 12.26 ? 406 LEU A N   1 
ATOM   571  C  CA  . LEU A 1 74  ? 2.621   2.596   -5.792  1.00 10.94 ? 406 LEU A CA  1 
ATOM   572  C  C   . LEU A 1 74  ? 3.039   2.533   -7.265  1.00 13.29 ? 406 LEU A C   1 
ATOM   573  O  O   . LEU A 1 74  ? 2.860   3.476   -8.038  1.00 13.95 ? 406 LEU A O   1 
ATOM   574  C  CB  . LEU A 1 74  ? 3.795   3.071   -4.906  1.00 10.81 ? 406 LEU A CB  1 
ATOM   575  C  CG  . LEU A 1 74  ? 3.367   3.409   -3.477  1.00 10.58 ? 406 LEU A CG  1 
ATOM   576  C  CD1 . LEU A 1 74  ? 4.586   3.576   -2.551  1.00 12.10 ? 406 LEU A CD1 1 
ATOM   577  C  CD2 . LEU A 1 74  ? 2.560   4.718   -3.411  1.00 12.55 ? 406 LEU A CD2 1 
ATOM   578  N  N   . ASN A 1 75  ? 3.588   1.385   -7.714  1.00 13.16 ? 407 ASN A N   1 
ATOM   579  C  CA  . ASN A 1 75  ? 3.916   1.186   -9.106  1.00 14.37 ? 407 ASN A CA  1 
ATOM   580  C  C   . ASN A 1 75  ? 2.636   1.284   -9.964  1.00 12.86 ? 407 ASN A C   1 
ATOM   581  O  O   . ASN A 1 75  ? 2.663   1.857   -11.065 1.00 15.52 ? 407 ASN A O   1 
ATOM   582  C  CB  . ASN A 1 75  ? 4.527   -0.198  -9.367  1.00 16.54 ? 407 ASN A CB  1 
ATOM   583  C  CG  . ASN A 1 75  ? 5.947   -0.405  -8.873  1.00 20.94 ? 407 ASN A CG  1 
ATOM   584  O  OD1 . ASN A 1 75  ? 6.718   0.524   -8.788  1.00 21.84 ? 407 ASN A OD1 1 
ATOM   585  N  ND2 . ASN A 1 75  ? 6.329   -1.655  -8.572  1.00 22.59 ? 407 ASN A ND2 1 
ATOM   586  N  N   . HIS A 1 76  ? 1.536   0.740   -9.461  1.00 13.34 ? 408 HIS A N   1 
ATOM   587  C  CA  . HIS A 1 76  ? 0.260   0.830   -10.170 1.00 15.26 ? 408 HIS A CA  1 
ATOM   588  C  C   . HIS A 1 76  ? -0.208  2.280   -10.232 1.00 17.06 ? 408 HIS A C   1 
ATOM   589  O  O   . HIS A 1 76  ? -0.650  2.737   -11.281 1.00 15.82 ? 408 HIS A O   1 
ATOM   590  C  CB  . HIS A 1 76  ? -0.758  -0.038  -9.400  1.00 16.11 ? 408 HIS A CB  1 
ATOM   591  C  CG  . HIS A 1 76  ? -1.792  -0.575  -10.332 1.00 23.81 ? 408 HIS A CG  1 
ATOM   592  N  ND1 . HIS A 1 76  ? -2.722  0.253   -10.929 1.00 27.22 ? 408 HIS A ND1 1 
ATOM   593  C  CD2 . HIS A 1 76  ? -2.038  -1.830  -10.784 1.00 20.83 ? 408 HIS A CD2 1 
ATOM   594  C  CE1 . HIS A 1 76  ? -3.484  -0.484  -11.732 1.00 25.03 ? 408 HIS A CE1 1 
ATOM   595  N  NE2 . HIS A 1 76  ? -3.108  -1.738  -11.649 1.00 28.91 ? 408 HIS A NE2 1 
ATOM   596  N  N   . ALA A 1 77  ? -0.085  3.007   -9.107  1.00 12.86 ? 409 ALA A N   1 
ATOM   597  C  CA  . ALA A 1 77  ? -0.418  4.434   -9.145  1.00 13.77 ? 409 ALA A CA  1 
ATOM   598  C  C   . ALA A 1 77  ? 0.410   5.186   -10.188 1.00 13.70 ? 409 ALA A C   1 
ATOM   599  O  O   . ALA A 1 77  ? -0.132  6.016   -10.923 1.00 15.75 ? 409 ALA A O   1 
ATOM   600  C  CB  . ALA A 1 77  ? -0.265  5.064   -7.762  1.00 13.26 ? 409 ALA A CB  1 
ATOM   601  N  N   . ARG A 1 78  ? 1.732   4.922   -10.207 1.00 13.26 ? 410 ARG A N   1 
ATOM   602  C  CA  . ARG A 1 78  ? 2.616   5.622   -11.146 1.00 15.66 ? 410 ARG A CA  1 
ATOM   603  C  C   . ARG A 1 78  ? 2.200   5.338   -12.592 1.00 15.85 ? 410 ARG A C   1 
ATOM   604  O  O   . ARG A 1 78  ? 2.263   6.253   -13.420 1.00 17.98 ? 410 ARG A O   1 
ATOM   605  C  CB  . ARG A 1 78  ? 4.067   5.180   -10.927 1.00 14.63 ? 410 ARG A CB  1 
ATOM   606  C  CG  . ARG A 1 78  ? 5.036   5.881   -11.898 1.00 16.43 ? 410 ARG A CG  1 
ATOM   607  C  CD  . ARG A 1 78  ? 6.457   5.306   -11.732 1.00 17.44 ? 410 ARG A CD  1 
ATOM   608  N  NE  . ARG A 1 78  ? 7.269   5.857   -12.833 1.00 19.89 ? 410 ARG A NE  1 
ATOM   609  C  CZ  . ARG A 1 78  ? 8.426   5.335   -13.230 1.00 18.74 ? 410 ARG A CZ  1 
ATOM   610  N  NH1 . ARG A 1 78  ? 8.876   4.252   -12.642 1.00 21.69 ? 410 ARG A NH1 1 
ATOM   611  N  NH2 . ARG A 1 78  ? 9.043   5.940   -14.240 1.00 20.69 ? 410 ARG A NH2 1 
HETATM 612  N  N   . MSE A 1 79  ? 1.791   4.115   -12.898 1.00 15.49 ? 411 MSE A N   1 
HETATM 613  C  CA  . MSE A 1 79  ? 1.334   3.792   -14.268 1.00 20.01 ? 411 MSE A CA  1 
HETATM 614  C  C   . MSE A 1 79  ? 0.105   4.626   -14.618 1.00 19.33 ? 411 MSE A C   1 
HETATM 615  O  O   . MSE A 1 79  ? -0.016  5.132   -15.745 1.00 21.94 ? 411 MSE A O   1 
HETATM 616  C  CB  . MSE A 1 79  ? 1.030   2.308   -14.402 1.00 22.99 ? 411 MSE A CB  1 
HETATM 617  C  CG  . MSE A 1 79  ? 0.571   1.768   -15.739 1.00 31.30 ? 411 MSE A CG  1 
HETATM 618  SE SE  . MSE A 1 79  ? -0.025  -0.069  -15.598 1.00 44.24 ? 411 MSE A SE  1 
HETATM 619  C  CE  . MSE A 1 79  ? -1.625  0.212   -14.597 1.00 35.93 ? 411 MSE A CE  1 
ATOM   620  N  N   . LEU A 1 80  ? -0.806  4.821   -13.663 1.00 16.56 ? 412 LEU A N   1 
ATOM   621  C  CA  . LEU A 1 80  ? -2.004  5.612   -13.897 1.00 18.46 ? 412 LEU A CA  1 
ATOM   622  C  C   . LEU A 1 80  ? -1.728  7.096   -14.005 1.00 18.85 ? 412 LEU A C   1 
ATOM   623  O  O   . LEU A 1 80  ? -2.328  7.780   -14.840 1.00 22.27 ? 412 LEU A O   1 
ATOM   624  C  CB  . LEU A 1 80  ? -3.045  5.355   -12.817 1.00 16.77 ? 412 LEU A CB  1 
ATOM   625  C  CG  . LEU A 1 80  ? -3.603  3.916   -12.804 1.00 15.60 ? 412 LEU A CG  1 
ATOM   626  C  CD1 . LEU A 1 80  ? -4.491  3.708   -11.600 1.00 18.05 ? 412 LEU A CD1 1 
ATOM   627  C  CD2 . LEU A 1 80  ? -4.385  3.667   -14.114 1.00 19.94 ? 412 LEU A CD2 1 
ATOM   628  N  N   . ASP A 1 81  ? -0.843  7.646   -13.168 1.00 15.32 ? 413 ASP A N   1 
ATOM   629  C  CA  . ASP A 1 81  ? -0.505  9.056   -13.241 1.00 15.67 ? 413 ASP A CA  1 
ATOM   630  C  C   . ASP A 1 81  ? 1.011   9.170   -13.063 1.00 14.97 ? 413 ASP A C   1 
ATOM   631  O  O   . ASP A 1 81  ? 1.582   9.391   -11.999 1.00 15.30 ? 413 ASP A O   1 
ATOM   632  C  CB  . ASP A 1 81  ? -1.221  9.927   -12.218 1.00 15.12 ? 413 ASP A CB  1 
ATOM   633  C  CG  . ASP A 1 81  ? -0.887  11.412  -12.328 1.00 17.53 ? 413 ASP A CG  1 
ATOM   634  O  OD1 . ASP A 1 81  ? -1.425  12.201  -11.506 1.00 17.42 ? 413 ASP A OD1 1 
ATOM   635  O  OD2 . ASP A 1 81  ? -0.079  11.795  -13.210 1.00 17.59 ? 413 ASP A OD2 1 
ATOM   636  N  N   . PRO A 1 82  ? 1.716   9.132   -14.197 1.00 16.00 ? 414 PRO A N   1 
ATOM   637  C  CA  . PRO A 1 82  ? 3.168   9.180   -14.195 1.00 15.75 ? 414 PRO A CA  1 
ATOM   638  C  C   . PRO A 1 82  ? 3.708   10.460  -13.621 1.00 16.63 ? 414 PRO A C   1 
ATOM   639  O  O   . PRO A 1 82  ? 4.895   10.541  -13.328 1.00 16.11 ? 414 PRO A O   1 
ATOM   640  C  CB  . PRO A 1 82  ? 3.549   9.020   -15.681 1.00 19.51 ? 414 PRO A CB  1 
ATOM   641  C  CG  . PRO A 1 82  ? 2.393   8.257   -16.246 1.00 23.02 ? 414 PRO A CG  1 
ATOM   642  C  CD  . PRO A 1 82  ? 1.173   8.813   -15.547 1.00 17.83 ? 414 PRO A CD  1 
ATOM   643  N  N   . LYS A 1 83  ? 2.934   11.549  -13.549 1.00 14.84 ? 415 LYS A N   1 
ATOM   644  C  CA  . LYS A 1 83  ? 3.379   12.837  -13.088 1.00 15.94 ? 415 LYS A CA  1 
ATOM   645  C  C   . LYS A 1 83  ? 3.160   13.102  -11.612 1.00 13.23 ? 415 LYS A C   1 
ATOM   646  O  O   . LYS A 1 83  ? 3.580   14.150  -11.117 1.00 17.07 ? 415 LYS A O   1 
ATOM   647  C  CB  . LYS A 1 83  ? 2.711   13.938  -13.940 1.00 16.45 ? 415 LYS A CB  1 
ATOM   648  C  CG  . LYS A 1 83  ? 3.360   13.939  -15.338 1.00 21.44 ? 415 LYS A CG  1 
ATOM   649  C  CD  . LYS A 1 83  ? 2.899   15.129  -16.154 1.00 27.83 ? 415 LYS A CD  1 
ATOM   650  C  CE  . LYS A 1 83  ? 3.654   15.245  -17.471 1.00 30.36 ? 415 LYS A CE  1 
ATOM   651  N  NZ  A LYS A 1 83  ? 3.304   14.118  -18.378 0.50 28.55 ? 415 LYS A NZ  1 
ATOM   652  N  NZ  B LYS A 1 83  ? 5.054   15.718  -17.290 0.50 28.87 ? 415 LYS A NZ  1 
ATOM   653  N  N   . ASP A 1 84  ? 2.630   12.114  -10.901 1.00 13.37 ? 416 ASP A N   1 
ATOM   654  C  CA  . ASP A 1 84  ? 2.403   12.272  -9.458  1.00 11.77 ? 416 ASP A CA  1 
ATOM   655  C  C   . ASP A 1 84  ? 3.737   12.081  -8.714  1.00 12.57 ? 416 ASP A C   1 
ATOM   656  O  O   . ASP A 1 84  ? 4.180   10.953  -8.520  1.00 12.95 ? 416 ASP A O   1 
ATOM   657  C  CB  . ASP A 1 84  ? 1.347   11.256  -9.004  1.00 11.26 ? 416 ASP A CB  1 
ATOM   658  C  CG  . ASP A 1 84  ? 1.012   11.295  -7.531  1.00 12.90 ? 416 ASP A CG  1 
ATOM   659  O  OD1 . ASP A 1 84  ? 1.809   11.824  -6.724  1.00 13.25 ? 416 ASP A OD1 1 
ATOM   660  O  OD2 . ASP A 1 84  ? -0.061  10.733  -7.139  1.00 14.19 ? 416 ASP A OD2 1 
ATOM   661  N  N   . ILE A 1 85  ? 4.305   13.201  -8.257  1.00 12.23 ? 417 ILE A N   1 
ATOM   662  C  CA  . ILE A 1 85  ? 5.658   13.101  -7.688  1.00 11.35 ? 417 ILE A CA  1 
ATOM   663  C  C   . ILE A 1 85  ? 5.620   12.645  -6.244  1.00 13.34 ? 417 ILE A C   1 
ATOM   664  O  O   . ILE A 1 85  ? 6.642   12.164  -5.693  1.00 12.19 ? 417 ILE A O   1 
ATOM   665  C  CB  . ILE A 1 85  ? 6.438   14.414  -7.800  1.00 12.73 ? 417 ILE A CB  1 
ATOM   666  C  CG1 . ILE A 1 85  ? 5.808   15.502  -6.922  1.00 12.12 ? 417 ILE A CG1 1 
ATOM   667  C  CG2 . ILE A 1 85  ? 6.558   14.833  -9.278  1.00 12.09 ? 417 ILE A CG2 1 
ATOM   668  C  CD1 . ILE A 1 85  ? 6.632   16.793  -6.949  1.00 13.86 ? 417 ILE A CD1 1 
ATOM   669  N  N   . ALA A 1 86  ? 4.469   12.712  -5.555  1.00 10.16 ? 418 ALA A N   1 
ATOM   670  C  CA  . ALA A 1 86  ? 4.359   12.134  -4.214  1.00 12.17 ? 418 ALA A CA  1 
ATOM   671  C  C   . ALA A 1 86  ? 4.608   10.617  -4.332  1.00 11.00 ? 418 ALA A C   1 
ATOM   672  O  O   . ALA A 1 86  ? 5.237   10.005  -3.476  1.00 13.01 ? 418 ALA A O   1 
ATOM   673  C  CB  . ALA A 1 86  ? 2.986   12.375  -3.589  1.00 12.66 ? 418 ALA A CB  1 
ATOM   674  N  N   . VAL A 1 87  ? 4.001   9.972   -5.340  1.00 10.67 ? 419 VAL A N   1 
ATOM   675  C  CA  . VAL A 1 87  ? 4.192   8.553   -5.613  1.00 10.28 ? 419 VAL A CA  1 
ATOM   676  C  C   . VAL A 1 87  ? 5.683   8.269   -5.901  1.00 10.48 ? 419 VAL A C   1 
ATOM   677  O  O   . VAL A 1 87  ? 6.237   7.278   -5.394  1.00 11.67 ? 419 VAL A O   1 
ATOM   678  C  CB  . VAL A 1 87  ? 3.326   8.074   -6.805  1.00 10.28 ? 419 VAL A CB  1 
ATOM   679  C  CG1 . VAL A 1 87  ? 3.664   6.678   -7.306  1.00 12.44 ? 419 VAL A CG1 1 
ATOM   680  C  CG2 . VAL A 1 87  ? 1.847   8.092   -6.362  1.00 12.03 ? 419 VAL A CG2 1 
ATOM   681  N  N   . HIS A 1 88  ? 6.345   9.155   -6.646  1.00 12.54 ? 420 HIS A N   1 
ATOM   682  C  CA  . HIS A 1 88  ? 7.774   8.907   -6.924  1.00 9.99  ? 420 HIS A CA  1 
ATOM   683  C  C   . HIS A 1 88  ? 8.582   8.855   -5.625  1.00 10.67 ? 420 HIS A C   1 
ATOM   684  O  O   . HIS A 1 88  ? 9.425   7.944   -5.447  1.00 11.56 ? 420 HIS A O   1 
ATOM   685  C  CB  . HIS A 1 88  ? 8.344   10.028  -7.787  1.00 10.72 ? 420 HIS A CB  1 
ATOM   686  C  CG  . HIS A 1 88  ? 7.632   10.134  -9.110  1.00 10.60 ? 420 HIS A CG  1 
ATOM   687  N  ND1 . HIS A 1 88  ? 7.903   11.243  -9.890  1.00 13.54 ? 420 HIS A ND1 1 
ATOM   688  C  CD2 . HIS A 1 88  ? 6.686   9.433   -9.751  1.00 13.58 ? 420 HIS A CD2 1 
ATOM   689  C  CE1 . HIS A 1 88  ? 7.121   11.206  -10.970 1.00 13.89 ? 420 HIS A CE1 1 
ATOM   690  N  NE2 . HIS A 1 88  ? 6.416   10.091  -10.955 1.00 12.44 ? 420 HIS A NE2 1 
ATOM   691  N  N   . ALA A 1 89  ? 8.324   9.826   -4.759  1.00 10.23 ? 421 ALA A N   1 
ATOM   692  C  CA  . ALA A 1 89  ? 9.037   9.899   -3.483  1.00 10.81 ? 421 ALA A CA  1 
ATOM   693  C  C   . ALA A 1 89  ? 8.658   8.728   -2.589  1.00 11.64 ? 421 ALA A C   1 
ATOM   694  O  O   . ALA A 1 89  ? 9.527   8.124   -1.933  1.00 11.16 ? 421 ALA A O   1 
ATOM   695  C  CB  . ALA A 1 89  ? 8.764   11.207  -2.750  1.00 12.89 ? 421 ALA A CB  1 
ATOM   696  N  N   . ALA A 1 90  ? 7.400   8.330   -2.589  1.00 10.63 ? 422 ALA A N   1 
ATOM   697  C  CA  . ALA A 1 90  ? 6.991   7.192   -1.775  1.00 10.14 ? 422 ALA A CA  1 
ATOM   698  C  C   . ALA A 1 90  ? 7.616   5.885   -2.231  1.00 9.56  ? 422 ALA A C   1 
ATOM   699  O  O   . ALA A 1 90  ? 7.944   5.047   -1.362  1.00 11.45 ? 422 ALA A O   1 
ATOM   700  C  CB  . ALA A 1 90  ? 5.457   7.068   -1.814  1.00 12.60 ? 422 ALA A CB  1 
ATOM   701  N  N   . LEU A 1 91  ? 7.817   5.721   -3.538  1.00 10.40 ? 423 LEU A N   1 
ATOM   702  C  CA  . LEU A 1 91  ? 8.446   4.502   -4.042  1.00 11.24 ? 423 LEU A CA  1 
ATOM   703  C  C   . LEU A 1 91  ? 9.883   4.453   -3.529  1.00 11.37 ? 423 LEU A C   1 
ATOM   704  O  O   . LEU A 1 91  ? 10.313  3.391   -3.039  1.00 11.95 ? 423 LEU A O   1 
ATOM   705  C  CB  . LEU A 1 91  ? 8.476   4.466   -5.565  1.00 12.18 ? 423 LEU A CB  1 
ATOM   706  C  CG  . LEU A 1 91  ? 7.162   3.967   -6.199  1.00 11.52 ? 423 LEU A CG  1 
ATOM   707  C  CD1 . LEU A 1 91  ? 7.038   4.347   -7.644  1.00 15.35 ? 423 LEU A CD1 1 
ATOM   708  C  CD2 . LEU A 1 91  ? 7.178   2.442   -6.020  1.00 13.08 ? 423 LEU A CD2 1 
ATOM   709  N  N   . ALA A 1 92  ? 10.610  5.567   -3.600  1.00 11.07 ? 424 ALA A N   1 
ATOM   710  C  CA  . ALA A 1 92  ? 11.996  5.571   -3.133  1.00 11.09 ? 424 ALA A CA  1 
ATOM   711  C  C   . ALA A 1 92  ? 12.075  5.297   -1.628  1.00 11.26 ? 424 ALA A C   1 
ATOM   712  O  O   . ALA A 1 92  ? 12.922  4.500   -1.191  1.00 13.78 ? 424 ALA A O   1 
ATOM   713  C  CB  . ALA A 1 92  ? 12.669  6.883   -3.492  1.00 12.79 ? 424 ALA A CB  1 
ATOM   714  N  N   . VAL A 1 93  ? 11.151  5.857   -0.844  1.00 11.25 ? 425 VAL A N   1 
ATOM   715  C  CA  . VAL A 1 93  ? 11.081  5.603   0.589   1.00 12.96 ? 425 VAL A CA  1 
ATOM   716  C  C   . VAL A 1 93  ? 10.783  4.142   0.926   1.00 12.70 ? 425 VAL A C   1 
ATOM   717  O  O   . VAL A 1 93  ? 11.497  3.530   1.753   1.00 12.63 ? 425 VAL A O   1 
ATOM   718  C  CB  . VAL A 1 93  ? 9.989   6.492   1.231   1.00 16.18 ? 425 VAL A CB  1 
ATOM   719  C  CG1 . VAL A 1 93  ? 9.698   6.078   2.670   1.00 18.91 ? 425 VAL A CG1 1 
ATOM   720  C  CG2 . VAL A 1 93  ? 10.472  7.943   1.200   1.00 15.60 ? 425 VAL A CG2 1 
ATOM   721  N  N   . SER A 1 94  ? 9.808   3.527   0.232   1.00 11.27 ? 426 SER A N   1 
ATOM   722  C  CA  . SER A 1 94  ? 9.507   2.124   0.543   1.00 10.59 ? 426 SER A CA  1 
ATOM   723  C  C   . SER A 1 94  ? 10.645  1.187   0.112   1.00 11.80 ? 426 SER A C   1 
ATOM   724  O  O   . SER A 1 94  ? 10.864  0.222   0.856   1.00 13.08 ? 426 SER A O   1 
ATOM   725  C  CB  . SER A 1 94  ? 8.189   1.648   -0.087  1.00 12.49 ? 426 SER A CB  1 
ATOM   726  O  OG  . SER A 1 94  ? 7.132   2.032   0.800   1.00 15.40 ? 426 SER A OG  1 
ATOM   727  N  N   . HIS A 1 95  ? 11.320  1.455   -1.001  1.00 12.06 ? 427 HIS A N   1 
ATOM   728  C  CA  . HIS A 1 95  ? 12.454  0.599   -1.369  1.00 13.61 ? 427 HIS A CA  1 
ATOM   729  C  C   . HIS A 1 95  ? 13.537  0.680   -0.297  1.00 13.46 ? 427 HIS A C   1 
ATOM   730  O  O   . HIS A 1 95  ? 14.106  -0.362  0.078   1.00 13.40 ? 427 HIS A O   1 
ATOM   731  C  CB  . HIS A 1 95  ? 13.031  1.040   -2.718  1.00 13.13 ? 427 HIS A CB  1 
ATOM   732  C  CG  . HIS A 1 95  ? 12.241  0.470   -3.871  1.00 14.39 ? 427 HIS A CG  1 
ATOM   733  N  ND1 . HIS A 1 95  ? 12.134  -0.875  -4.157  1.00 16.84 ? 427 HIS A ND1 1 
ATOM   734  C  CD2 . HIS A 1 95  ? 11.503  1.131   -4.809  1.00 16.25 ? 427 HIS A CD2 1 
ATOM   735  C  CE1 . HIS A 1 95  ? 11.344  -1.032  -5.204  1.00 18.11 ? 427 HIS A CE1 1 
ATOM   736  N  NE2 . HIS A 1 95  ? 10.989  0.164   -5.641  1.00 17.82 ? 427 HIS A NE2 1 
ATOM   737  N  N   . THR A 1 96  ? 13.816  1.881   0.195   1.00 13.82 ? 428 THR A N   1 
ATOM   738  C  CA  . THR A 1 96  ? 14.819  2.041   1.258   1.00 12.74 ? 428 THR A CA  1 
ATOM   739  C  C   . THR A 1 96  ? 14.359  1.363   2.550   1.00 14.73 ? 428 THR A C   1 
ATOM   740  O  O   . THR A 1 96  ? 15.138  0.611   3.154   1.00 15.66 ? 428 THR A O   1 
ATOM   741  C  CB  . THR A 1 96  ? 15.086  3.525   1.515   1.00 15.33 ? 428 THR A CB  1 
ATOM   742  O  OG1 . THR A 1 96  ? 15.656  4.093   0.311   1.00 14.95 ? 428 THR A OG1 1 
ATOM   743  C  CG2 . THR A 1 96  ? 15.988  3.748   2.720   1.00 18.84 ? 428 THR A CG2 1 
ATOM   744  N  N   . ASN A 1 97  ? 13.095  1.502   2.918   1.00 12.81 ? 429 ASN A N   1 
ATOM   745  C  CA  . ASN A 1 97  ? 12.531  0.908   4.109   1.00 13.81 ? 429 ASN A CA  1 
ATOM   746  C  C   . ASN A 1 97  ? 12.692  -0.619  4.050   1.00 12.72 ? 429 ASN A C   1 
ATOM   747  O  O   . ASN A 1 97  ? 13.090  -1.252  5.044   1.00 14.38 ? 429 ASN A O   1 
ATOM   748  C  CB  . ASN A 1 97  ? 11.026  1.180   4.259   1.00 16.58 ? 429 ASN A CB  1 
ATOM   749  C  CG  . ASN A 1 97  ? 10.581  2.572   4.622   1.00 19.88 ? 429 ASN A CG  1 
ATOM   750  O  OD1 . ASN A 1 97  ? 11.380  3.377   5.076   1.00 18.92 ? 429 ASN A OD1 1 
ATOM   751  N  ND2 . ASN A 1 97  ? 9.276   2.834   4.376   1.00 20.80 ? 429 ASN A ND2 1 
ATOM   752  N  N   . GLU A 1 98  ? 12.331  -1.205  2.909   1.00 11.20 ? 430 GLU A N   1 
ATOM   753  C  CA  . GLU A 1 98  ? 12.396  -2.651  2.756   1.00 14.28 ? 430 GLU A CA  1 
ATOM   754  C  C   . GLU A 1 98  ? 13.849  -3.146  2.886   1.00 15.19 ? 430 GLU A C   1 
ATOM   755  O  O   . GLU A 1 98  ? 14.180  -4.101  3.588   1.00 14.37 ? 430 GLU A O   1 
ATOM   756  C  CB  . GLU A 1 98  ? 11.844  -3.030  1.375   1.00 15.96 ? 430 GLU A CB  1 
ATOM   757  C  CG  . GLU A 1 98  ? 11.612  -4.522  1.246   1.00 18.49 ? 430 GLU A CG  1 
ATOM   758  C  CD  . GLU A 1 98  ? 10.971  -4.972  -0.052  1.00 23.06 ? 430 GLU A CD  1 
ATOM   759  O  OE1 . GLU A 1 98  ? 11.026  -4.267  -1.055  1.00 19.88 ? 430 GLU A OE1 1 
ATOM   760  O  OE2 . GLU A 1 98  ? 10.395  -6.080  -0.066  1.00 30.25 ? 430 GLU A OE2 1 
ATOM   761  N  N   . HIS A 1 99  ? 14.750  -2.428  2.182   1.00 14.37 ? 431 HIS A N   1 
ATOM   762  C  CA  . HIS A 1 99  ? 16.180  -2.787  2.287   1.00 14.77 ? 431 HIS A CA  1 
ATOM   763  C  C   . HIS A 1 99  ? 16.710  -2.709  3.709   1.00 14.73 ? 431 HIS A C   1 
ATOM   764  O  O   . HIS A 1 99  ? 17.360  -3.673  4.166   1.00 17.23 ? 431 HIS A O   1 
ATOM   765  C  CB  . HIS A 1 99  ? 16.974  -1.801  1.398   1.00 15.99 ? 431 HIS A CB  1 
ATOM   766  C  CG  . HIS A 1 99  ? 18.455  -2.028  1.479   1.00 26.24 ? 431 HIS A CG  1 
ATOM   767  N  ND1 . HIS A 1 99  ? 19.227  -1.435  2.457   1.00 30.27 ? 431 HIS A ND1 1 
ATOM   768  C  CD2 . HIS A 1 99  ? 19.290  -2.788  0.730   1.00 29.54 ? 431 HIS A CD2 1 
ATOM   769  C  CE1 . HIS A 1 99  ? 20.485  -1.822  2.306   1.00 32.46 ? 431 HIS A CE1 1 
ATOM   770  N  NE2 . HIS A 1 99  ? 20.548  -2.641  1.267   1.00 31.34 ? 431 HIS A NE2 1 
ATOM   771  N  N   . ASN A 1 100 ? 16.388  -1.650  4.414   1.00 13.62 ? 432 ASN A N   1 
ATOM   772  C  CA  . ASN A 1 100 ? 16.854  -1.465  5.802   1.00 14.69 ? 432 ASN A CA  1 
ATOM   773  C  C   . ASN A 1 100 ? 16.272  -2.560  6.699   1.00 16.05 ? 432 ASN A C   1 
ATOM   774  O  O   . ASN A 1 100 ? 16.973  -3.075  7.599   1.00 15.76 ? 432 ASN A O   1 
ATOM   775  C  CB  . ASN A 1 100 ? 16.524  -0.065  6.323   1.00 16.47 ? 432 ASN A CB  1 
ATOM   776  C  CG  . ASN A 1 100 ? 17.380  1.036   5.678   1.00 19.73 ? 432 ASN A CG  1 
ATOM   777  O  OD1 . ASN A 1 100 ? 18.365  0.714   5.046   1.00 22.98 ? 432 ASN A OD1 1 
ATOM   778  N  ND2 . ASN A 1 100 ? 16.955  2.274   5.830   1.00 25.41 ? 432 ASN A ND2 1 
ATOM   779  N  N   . ALA A 1 101 ? 14.970  -2.853  6.598   1.00 11.38 ? 433 ALA A N   1 
ATOM   780  C  CA  . ALA A 1 101 ? 14.351  -3.877  7.464   1.00 12.36 ? 433 ALA A CA  1 
ATOM   781  C  C   . ALA A 1 101 ? 14.990  -5.234  7.211   1.00 11.77 ? 433 ALA A C   1 
ATOM   782  O  O   . ALA A 1 101 ? 15.322  -5.985  8.137   1.00 12.98 ? 433 ALA A O   1 
ATOM   783  C  CB  . ALA A 1 101 ? 12.857  -3.898  7.195   1.00 11.48 ? 433 ALA A CB  1 
ATOM   784  N  N   . ASN A 1 102 ? 15.177  -5.586  5.934   1.00 11.73 ? 434 ASN A N   1 
ATOM   785  C  CA  . ASN A 1 102 ? 15.804  -6.848  5.591   1.00 14.15 ? 434 ASN A CA  1 
ATOM   786  C  C   . ASN A 1 102 ? 17.248  -6.935  6.081   1.00 14.77 ? 434 ASN A C   1 
ATOM   787  O  O   . ASN A 1 102 ? 17.616  -8.013  6.598   1.00 15.66 ? 434 ASN A O   1 
ATOM   788  C  CB  . ASN A 1 102 ? 15.719  -7.064  4.078   1.00 14.74 ? 434 ASN A CB  1 
ATOM   789  C  CG  . ASN A 1 102 ? 14.327  -7.445  3.623   1.00 16.70 ? 434 ASN A CG  1 
ATOM   790  O  OD1 . ASN A 1 102 ? 13.535  -8.009  4.369   1.00 18.31 ? 434 ASN A OD1 1 
ATOM   791  N  ND2 . ASN A 1 102 ? 14.083  -7.256  2.331   1.00 18.81 ? 434 ASN A ND2 1 
ATOM   792  N  N   . ALA A 1 103 ? 17.978  -5.822  6.057   1.00 14.80 ? 435 ALA A N   1 
ATOM   793  C  CA  . ALA A 1 103 ? 19.356  -5.842  6.592   1.00 14.76 ? 435 ALA A CA  1 
ATOM   794  C  C   . ALA A 1 103 ? 19.299  -6.040  8.111   1.00 16.71 ? 435 ALA A C   1 
ATOM   795  O  O   . ALA A 1 103 ? 20.130  -6.803  8.649   1.00 17.22 ? 435 ALA A O   1 
ATOM   796  C  CB  . ALA A 1 103 ? 20.061  -4.545  6.213   1.00 18.95 ? 435 ALA A CB  1 
ATOM   797  N  N   . ALA A 1 104 ? 18.388  -5.374  8.815   1.00 14.84 ? 436 ALA A N   1 
ATOM   798  C  CA  . ALA A 1 104 ? 18.255  -5.530  10.263  1.00 14.26 ? 436 ALA A CA  1 
ATOM   799  C  C   . ALA A 1 104 ? 17.949  -6.975  10.607  1.00 15.43 ? 436 ALA A C   1 
ATOM   800  O  O   . ALA A 1 104 ? 18.534  -7.541  11.552  1.00 16.01 ? 436 ALA A O   1 
ATOM   801  C  CB  . ALA A 1 104 ? 17.190  -4.602  10.847  1.00 16.74 ? 436 ALA A CB  1 
ATOM   802  N  N   . LEU A 1 105 ? 17.008  -7.597  9.869   1.00 12.63 ? 437 LEU A N   1 
ATOM   803  C  CA  . LEU A 1 105 ? 16.684  -8.991  10.161  1.00 11.87 ? 437 LEU A CA  1 
ATOM   804  C  C   . LEU A 1 105 ? 17.857  -9.922  9.895   1.00 16.05 ? 437 LEU A C   1 
ATOM   805  O  O   . LEU A 1 105 ? 18.110  -10.825 10.699  1.00 16.30 ? 437 LEU A O   1 
ATOM   806  C  CB  . LEU A 1 105 ? 15.481  -9.433  9.338   1.00 12.13 ? 437 LEU A CB  1 
ATOM   807  C  CG  . LEU A 1 105 ? 15.055  -10.897 9.478   1.00 11.43 ? 437 LEU A CG  1 
ATOM   808  C  CD1 . LEU A 1 105 ? 14.743  -11.212 10.933  1.00 13.82 ? 437 LEU A CD1 1 
ATOM   809  C  CD2 . LEU A 1 105 ? 13.841  -11.163 8.589   1.00 14.33 ? 437 LEU A CD2 1 
ATOM   810  N  N   . ALA A 1 106 ? 18.572  -9.693  8.787   1.00 15.55 ? 438 ALA A N   1 
ATOM   811  C  CA  . ALA A 1 106 ? 19.749  -10.522 8.485   1.00 17.74 ? 438 ALA A CA  1 
ATOM   812  C  C   . ALA A 1 106 ? 20.804  -10.354 9.585   1.00 18.11 ? 438 ALA A C   1 
ATOM   813  O  O   . ALA A 1 106 ? 21.332  -11.401 10.003  1.00 21.07 ? 438 ALA A O   1 
ATOM   814  C  CB  . ALA A 1 106 ? 20.332  -10.142 7.126   1.00 19.38 ? 438 ALA A CB  1 
ATOM   815  N  N   . SER A 1 107 ? 21.042  -9.169  10.086  1.00 16.31 ? 439 SER A N   1 
ATOM   816  C  CA  . SER A 1 107 ? 21.981  -8.949  11.197  1.00 22.05 ? 439 SER A CA  1 
ATOM   817  C  C   . SER A 1 107 ? 21.559  -9.697  12.463  1.00 20.90 ? 439 SER A C   1 
ATOM   818  O  O   . SER A 1 107 ? 22.371  -10.302 13.187  1.00 21.56 ? 439 SER A O   1 
ATOM   819  C  CB  . SER A 1 107 ? 22.057  -7.463  11.517  1.00 23.12 ? 439 SER A CB  1 
ATOM   820  O  OG  A SER A 1 107 ? 22.716  -6.786  10.456  0.50 26.32 ? 439 SER A OG  1 
ATOM   821  O  OG  B SER A 1 107 ? 22.952  -7.215  12.601  0.50 20.03 ? 439 SER A OG  1 
ATOM   822  N  N   . LEU A 1 108 ? 20.286  -9.562  12.817  1.00 16.01 ? 440 LEU A N   1 
ATOM   823  C  CA  . LEU A 1 108 ? 19.782  -10.275 14.017  1.00 16.67 ? 440 LEU A CA  1 
ATOM   824  C  C   . LEU A 1 108 ? 19.845  -11.782 13.876  1.00 21.18 ? 440 LEU A C   1 
ATOM   825  O  O   . LEU A 1 108 ? 20.253  -12.474 14.822  1.00 19.47 ? 440 LEU A O   1 
ATOM   826  C  CB  . LEU A 1 108 ? 18.338  -9.809  14.256  1.00 15.53 ? 440 LEU A CB  1 
ATOM   827  C  CG  . LEU A 1 108 ? 17.639  -10.536 15.423  1.00 14.82 ? 440 LEU A CG  1 
ATOM   828  C  CD1 . LEU A 1 108 ? 18.376  -10.255 16.733  1.00 18.90 ? 440 LEU A CD1 1 
ATOM   829  C  CD2 . LEU A 1 108 ? 16.213  -10.022 15.461  1.00 17.49 ? 440 LEU A CD2 1 
ATOM   830  N  N   . ARG A 1 109 ? 19.508  -12.344 12.713  1.00 16.73 ? 441 ARG A N   1 
ATOM   831  C  CA  . ARG A 1 109 ? 19.576  -13.784 12.506  1.00 16.79 ? 441 ARG A CA  1 
ATOM   832  C  C   . ARG A 1 109 ? 21.043  -14.229 12.533  1.00 20.82 ? 441 ARG A C   1 
ATOM   833  O  O   . ARG A 1 109 ? 21.277  -15.273 13.180  1.00 23.86 ? 441 ARG A O   1 
ATOM   834  C  CB  . ARG A 1 109 ? 18.927  -14.255 11.200  1.00 19.59 ? 441 ARG A CB  1 
ATOM   835  C  CG  . ARG A 1 109 ? 17.430  -14.048 11.236  1.00 24.72 ? 441 ARG A CG  1 
ATOM   836  C  CD  . ARG A 1 109 ? 16.590  -14.453 10.060  1.00 28.78 ? 441 ARG A CD  1 
ATOM   837  N  NE  . ARG A 1 109 ? 16.513  -15.904 9.873   1.00 35.04 ? 441 ARG A NE  1 
ATOM   838  C  CZ  . ARG A 1 109 ? 17.298  -16.540 9.000   1.00 36.06 ? 441 ARG A CZ  1 
ATOM   839  N  NH1 . ARG A 1 109 ? 18.174  -15.845 8.274   1.00 39.32 ? 441 ARG A NH1 1 
ATOM   840  N  NH2 . ARG A 1 109 ? 17.212  -17.849 8.850   1.00 37.03 ? 441 ARG A NH2 1 
ATOM   841  N  N   . ALA A 1 110 ? 21.966  -13.384 12.059  1.00 20.60 ? 442 ALA A N   1 
ATOM   842  C  CA  . ALA A 1 110 ? 23.377  -13.788 12.163  1.00 25.85 ? 442 ALA A CA  1 
ATOM   843  C  C   . ALA A 1 110 ? 23.761  -13.921 13.634  1.00 27.78 ? 442 ALA A C   1 
ATOM   844  O  O   . ALA A 1 110 ? 24.477  -14.858 14.023  1.00 30.04 ? 442 ALA A O   1 
ATOM   845  C  CB  . ALA A 1 110 ? 24.298  -12.782 11.486  1.00 25.25 ? 442 ALA A CB  1 
ATOM   846  N  N   . TRP A 1 111 ? 23.346  -12.955 14.445  1.00 25.85 ? 443 TRP A N   1 
ATOM   847  C  CA  . TRP A 1 111 ? 23.663  -12.990 15.877  1.00 27.25 ? 443 TRP A CA  1 
ATOM   848  C  C   . TRP A 1 111 ? 23.001  -14.177 16.559  1.00 29.11 ? 443 TRP A C   1 
ATOM   849  O  O   . TRP A 1 111 ? 23.667  -14.954 17.273  1.00 30.78 ? 443 TRP A O   1 
ATOM   850  C  CB  . TRP A 1 111 ? 23.270  -11.667 16.507  1.00 29.02 ? 443 TRP A CB  1 
ATOM   851  C  CG  . TRP A 1 111 ? 23.661  -11.471 17.936  1.00 37.96 ? 443 TRP A CG  1 
ATOM   852  C  CD1 . TRP A 1 111 ? 24.865  -10.998 18.387  1.00 39.84 ? 443 TRP A CD1 1 
ATOM   853  C  CD2 . TRP A 1 111 ? 22.869  -11.729 19.100  1.00 39.36 ? 443 TRP A CD2 1 
ATOM   854  N  NE1 . TRP A 1 111 ? 24.861  -10.961 19.760  1.00 42.96 ? 443 TRP A NE1 1 
ATOM   855  C  CE2 . TRP A 1 111 ? 23.646  -11.393 20.223  1.00 40.59 ? 443 TRP A CE2 1 
ATOM   856  C  CE3 . TRP A 1 111 ? 21.569  -12.189 19.310  1.00 41.78 ? 443 TRP A CE3 1 
ATOM   857  C  CZ2 . TRP A 1 111 ? 23.187  -11.532 21.530  1.00 42.61 ? 443 TRP A CZ2 1 
ATOM   858  C  CZ3 . TRP A 1 111 ? 21.110  -12.319 20.609  1.00 42.50 ? 443 TRP A CZ3 1 
ATOM   859  C  CH2 . TRP A 1 111 ? 21.913  -12.005 21.710  1.00 43.53 ? 443 TRP A CH2 1 
ATOM   860  N  N   . LEU A 1 112 ? 21.703  -14.383 16.365  1.00 20.89 ? 444 LEU A N   1 
ATOM   861  C  CA  . LEU A 1 112 ? 20.977  -15.447 17.061  1.00 18.38 ? 444 LEU A CA  1 
ATOM   862  C  C   . LEU A 1 112 ? 21.249  -16.885 16.670  1.00 24.03 ? 444 LEU A C   1 
ATOM   863  O  O   . LEU A 1 112 ? 21.134  -17.794 17.519  1.00 24.64 ? 444 LEU A O   1 
ATOM   864  C  CB  . LEU A 1 112 ? 19.463  -15.259 16.791  1.00 17.92 ? 444 LEU A CB  1 
ATOM   865  C  CG  . LEU A 1 112 ? 18.763  -14.047 17.357  1.00 20.24 ? 444 LEU A CG  1 
ATOM   866  C  CD1 . LEU A 1 112 ? 17.305  -14.095 16.875  1.00 20.48 ? 444 LEU A CD1 1 
ATOM   867  C  CD2 . LEU A 1 112 ? 18.789  -13.994 18.883  1.00 21.55 ? 444 LEU A CD2 1 
ATOM   868  N  N   . LEU A 1 113 ? 21.440  -17.151 15.388  1.00 22.10 ? 445 LEU A N   1 
ATOM   869  C  CA  . LEU A 1 113 ? 21.621  -18.497 14.865  1.00 23.76 ? 445 LEU A CA  1 
ATOM   870  C  C   . LEU A 1 113 ? 23.116  -18.800 14.649  1.00 27.26 ? 445 LEU A C   1 
ATOM   871  O  O   . LEU A 1 113 ? 23.331  -20.048 14.523  1.00 38.32 ? 445 LEU A O   1 
ATOM   872  C  CB  . LEU A 1 113 ? 20.817  -18.629 13.568  1.00 26.03 ? 445 LEU A CB  1 
ATOM   873  C  CG  . LEU A 1 113 ? 19.396  -18.077 13.535  1.00 26.52 ? 445 LEU A CG  1 
ATOM   874  C  CD1 . LEU A 1 113 ? 18.764  -18.221 12.157  1.00 28.43 ? 445 LEU A CD1 1 
ATOM   875  C  CD2 . LEU A 1 113 ? 18.485  -18.757 14.570  1.00 30.83 ? 445 LEU A CD2 1 
HETATM 876  MG MG  . MG  B 2 .   ? 8.163   1.144   8.381   1.00 17.04 ? 1   MG  A MG  1 
HETATM 877  O  O   . HOH C 3 .   ? 9.421   -0.551  8.405   1.00 18.55 ? 454 HOH A O   1 
HETATM 878  O  O   . HOH C 3 .   ? 7.472   0.847   6.581   1.00 16.21 ? 455 HOH A O   1 
HETATM 879  O  O   . HOH C 3 .   ? 7.043   2.896   8.353   1.00 25.09 ? 456 HOH A O   1 
HETATM 880  O  O   . HOH C 3 .   ? 8.816   1.649   10.348  1.00 19.28 ? 457 HOH A O   1 
HETATM 881  O  O   . HOH C 3 .   ? 9.797   2.260   7.721   1.00 21.02 ? 458 HOH A O   1 
HETATM 882  O  O   . HOH C 3 .   ? 23.878  -12.316 6.969   1.00 50.33 ? 459 HOH A O   1 
HETATM 883  O  O   . HOH C 3 .   ? 21.798  -16.708 9.281   1.00 49.26 ? 460 HOH A O   1 
HETATM 884  O  O   . HOH C 3 .   ? 24.141  -9.225  8.316   1.00 48.38 ? 461 HOH A O   1 
HETATM 885  O  O   . HOH C 3 .   ? 21.518  -13.782 8.237   1.00 33.23 ? 462 HOH A O   1 
HETATM 886  O  O   . HOH C 3 .   ? 25.075  -10.012 13.254  1.00 33.47 ? 463 HOH A O   1 
HETATM 887  O  O   . HOH C 3 .   ? 19.722  -13.789 6.260   1.00 53.33 ? 464 HOH A O   1 
HETATM 888  O  O   . HOH C 3 .   ? 25.547  -6.861  11.301  1.00 44.03 ? 465 HOH A O   1 
HETATM 889  O  O   . HOH C 3 .   ? 22.255  -7.596  4.897   1.00 36.43 ? 466 HOH A O   1 
HETATM 890  O  O   . HOH C 3 .   ? 22.709  -7.076  7.559   1.00 27.11 ? 467 HOH A O   1 
HETATM 891  O  O   . HOH C 3 .   ? 20.577  -17.208 20.088  1.00 23.76 ? 468 HOH A O   1 
HETATM 892  O  O   . HOH C 3 .   ? 19.726  -7.775  3.660   1.00 38.15 ? 469 HOH A O   1 
HETATM 893  O  O   . HOH C 3 .   ? 18.350  -10.277 3.485   1.00 47.97 ? 470 HOH A O   1 
HETATM 894  O  O   . HOH C 3 .   ? 17.206  -12.822 7.070   1.00 28.96 ? 471 HOH A O   1 
HETATM 895  O  O   . HOH C 3 .   ? 18.830  -5.530  2.617   1.00 24.88 ? 472 HOH A O   1 
HETATM 896  O  O   . HOH C 3 .   ? 16.837  -10.471 5.624   1.00 25.80 ? 473 HOH A O   1 
HETATM 897  O  O   . HOH C 3 .   ? 14.545  -14.808 7.550   1.00 31.63 ? 474 HOH A O   1 
HETATM 898  O  O   . HOH C 3 .   ? 16.194  -6.363  0.574   1.00 35.34 ? 475 HOH A O   1 
HETATM 899  O  O   . HOH C 3 .   ? 20.924  -1.049  5.721   1.00 51.90 ? 476 HOH A O   1 
HETATM 900  O  O   . HOH C 3 .   ? 14.577  -10.916 4.341   1.00 38.98 ? 477 HOH A O   1 
HETATM 901  O  O   . HOH C 3 .   ? 14.035  -6.908  -1.617  1.00 50.41 ? 478 HOH A O   1 
HETATM 902  O  O   . HOH C 3 .   ? 12.668  -15.459 9.674   1.00 23.64 ? 479 HOH A O   1 
HETATM 903  O  O   . HOH C 3 .   ? 19.009  -1.775  8.876   1.00 24.95 ? 480 HOH A O   1 
HETATM 904  O  O   . HOH C 3 .   ? 11.699  -8.279  0.920   1.00 30.27 ? 481 HOH A O   1 
HETATM 905  O  O   . HOH C 3 .   ? 11.060  -4.050  -5.577  1.00 36.00 ? 482 HOH A O   1 
HETATM 906  O  O   . HOH C 3 .   ? 12.873  -2.864  -2.418  1.00 26.76 ? 483 HOH A O   1 
HETATM 907  O  O   . HOH C 3 .   ? 4.754   -6.464  2.138   1.00 17.02 ? 484 HOH A O   1 
HETATM 908  O  O   . HOH C 3 .   ? 11.134  -9.086  4.627   1.00 24.71 ? 485 HOH A O   1 
HETATM 909  O  O   . HOH C 3 .   ? 18.362  0.858   9.194   1.00 33.60 ? 486 HOH A O   1 
HETATM 910  O  O   . HOH C 3 .   ? 9.864   -5.123  -3.474  1.00 25.84 ? 487 HOH A O   1 
HETATM 911  O  O   . HOH C 3 .   ? 8.933   -7.921  -1.409  1.00 35.75 ? 488 HOH A O   1 
HETATM 912  O  O   . HOH C 3 .   ? 15.238  4.043   -2.940  1.00 22.10 ? 489 HOH A O   1 
HETATM 913  O  O   . HOH C 3 .   ? 7.356   -5.048  -6.811  1.00 29.38 ? 490 HOH A O   1 
HETATM 914  O  O   . HOH C 3 .   ? 11.185  2.195   -7.795  1.00 27.03 ? 491 HOH A O   1 
HETATM 915  O  O   . HOH C 3 .   ? 9.579   -7.250  2.243   1.00 50.06 ? 492 HOH A O   1 
HETATM 916  O  O   . HOH C 3 .   ? 6.844   -7.962  -3.325  1.00 38.15 ? 493 HOH A O   1 
HETATM 917  O  O   . HOH C 3 .   ? 7.801   -8.737  1.149   1.00 32.72 ? 494 HOH A O   1 
HETATM 918  O  O   . HOH C 3 .   ? 9.356   0.151   -8.034  1.00 29.37 ? 495 HOH A O   1 
HETATM 919  O  O   . HOH C 3 .   ? 7.286   -5.455  -4.146  1.00 21.37 ? 496 HOH A O   1 
HETATM 920  O  O   . HOH C 3 .   ? 12.082  4.319   -6.427  1.00 16.93 ? 497 HOH A O   1 
HETATM 921  O  O   . HOH C 3 .   ? 9.703   2.641   -9.946  1.00 31.01 ? 498 HOH A O   1 
HETATM 922  O  O   . HOH C 3 .   ? 2.999   -6.374  -13.364 1.00 48.93 ? 499 HOH A O   1 
HETATM 923  O  O   . HOH C 3 .   ? 15.062  6.753   0.573   1.00 33.90 ? 500 HOH A O   1 
HETATM 924  O  O   . HOH C 3 .   ? 7.352   2.019   -10.884 1.00 28.76 ? 501 HOH A O   1 
HETATM 925  O  O   . HOH C 3 .   ? 4.777   -8.283  -1.788  1.00 56.89 ? 502 HOH A O   1 
HETATM 926  O  O   . HOH C 3 .   ? 5.164   -9.111  0.678   1.00 44.82 ? 503 HOH A O   1 
HETATM 927  O  O   . HOH C 3 .   ? 7.298   -6.128  2.748   1.00 20.86 ? 504 HOH A O   1 
HETATM 928  O  O   . HOH C 3 .   ? 10.161  -2.534  5.469   1.00 29.97 ? 505 HOH A O   1 
HETATM 929  O  O   . HOH C 3 .   ? 12.076  -0.331  7.580   1.00 20.14 ? 506 HOH A O   1 
HETATM 930  O  O   . HOH C 3 .   ? 14.065  8.831   -0.554  1.00 25.49 ? 507 HOH A O   1 
HETATM 931  O  O   . HOH C 3 .   ? 5.065   3.393   -15.133 1.00 37.63 ? 508 HOH A O   1 
HETATM 932  O  O   . HOH C 3 .   ? 14.077  7.038   3.199   1.00 53.16 ? 509 HOH A O   1 
HETATM 933  O  O   . HOH C 3 .   ? 8.036   -4.555  4.853   1.00 30.38 ? 510 HOH A O   1 
HETATM 934  O  O   . HOH C 3 .   ? 4.882   1.676   -12.639 1.00 34.89 ? 511 HOH A O   1 
HETATM 935  O  O   . HOH C 3 .   ? -1.144  -11.576 -7.234  1.00 59.97 ? 512 HOH A O   1 
HETATM 936  O  O   . HOH C 3 .   ? 10.284  -6.170  4.593   1.00 48.52 ? 513 HOH A O   1 
HETATM 937  O  O   . HOH C 3 .   ? 3.533   -8.579  3.926   1.00 20.44 ? 514 HOH A O   1 
HETATM 938  O  O   . HOH C 3 .   ? 5.665   -6.472  7.855   1.00 14.45 ? 515 HOH A O   1 
HETATM 939  O  O   . HOH C 3 .   ? 15.526  -1.286  -4.375  1.00 54.25 ? 516 HOH A O   1 
HETATM 940  O  O   . HOH C 3 .   ? 1.802   5.098   -17.769 1.00 34.76 ? 517 HOH A O   1 
HETATM 941  O  O   . HOH C 3 .   ? 10.605  5.864   6.038   1.00 44.99 ? 518 HOH A O   1 
HETATM 942  O  O   . HOH C 3 .   ? 0.704   -9.294  3.919   1.00 35.47 ? 519 HOH A O   1 
HETATM 943  O  O   . HOH C 3 .   ? -4.189  -7.894  -9.209  1.00 47.14 ? 520 HOH A O   1 
HETATM 944  O  O   . HOH C 3 .   ? -3.466  -5.429  -10.177 1.00 33.73 ? 521 HOH A O   1 
HETATM 945  O  O   . HOH C 3 .   ? 14.448  -14.488 4.244   1.00 66.04 ? 522 HOH A O   1 
HETATM 946  O  O   . HOH C 3 .   ? 6.316   4.706   0.881   1.00 16.31 ? 523 HOH A O   1 
HETATM 947  O  O   . HOH C 3 .   ? 3.388   -5.395  9.319   1.00 20.27 ? 524 HOH A O   1 
HETATM 948  O  O   . HOH C 3 .   ? -0.151  -9.272  6.561   1.00 33.48 ? 525 HOH A O   1 
HETATM 949  O  O   . HOH C 3 .   ? 3.777   8.819   -10.393 1.00 13.38 ? 526 HOH A O   1 
HETATM 950  O  O   . HOH C 3 .   ? -1.880  -8.949  2.851   1.00 56.73 ? 527 HOH A O   1 
HETATM 951  O  O   . HOH C 3 .   ? 7.506   5.227   5.315   1.00 32.35 ? 528 HOH A O   1 
HETATM 952  O  O   . HOH C 3 .   ? -6.318  -13.791 0.179   1.00 35.43 ? 529 HOH A O   1 
HETATM 953  O  O   . HOH C 3 .   ? 1.566   11.723  -18.015 1.00 43.09 ? 530 HOH A O   1 
HETATM 954  O  O   . HOH C 3 .   ? -3.210  -7.934  0.162   1.00 29.77 ? 531 HOH A O   1 
HETATM 955  O  O   . HOH C 3 .   ? 7.387   2.009   12.782  1.00 31.77 ? 532 HOH A O   1 
HETATM 956  O  O   . HOH C 3 .   ? -2.539  -10.449 7.136   1.00 58.53 ? 533 HOH A O   1 
HETATM 957  O  O   . HOH C 3 .   ? -5.750  -4.212  -11.203 1.00 43.49 ? 534 HOH A O   1 
HETATM 958  O  O   . HOH C 3 .   ? -2.105  -6.533  3.938   1.00 36.50 ? 535 HOH A O   1 
HETATM 959  O  O   . HOH C 3 .   ? -5.585  0.429   -16.015 1.00 47.01 ? 536 HOH A O   1 
HETATM 960  O  O   . HOH C 3 .   ? 4.652   -0.717  13.350  1.00 21.85 ? 537 HOH A O   1 
HETATM 961  O  O   . HOH C 3 .   ? -8.766  -11.897 -4.011  1.00 43.47 ? 538 HOH A O   1 
HETATM 962  O  O   . HOH C 3 .   ? -5.716  -0.054  -13.287 1.00 27.08 ? 539 HOH A O   1 
HETATM 963  O  O   . HOH C 3 .   ? 4.933   3.154   10.202  1.00 26.84 ? 540 HOH A O   1 
HETATM 964  O  O   . HOH C 3 .   ? -2.602  -7.767  8.154   1.00 56.30 ? 541 HOH A O   1 
HETATM 965  O  O   . HOH C 3 .   ? -0.124  12.446  -15.990 1.00 25.05 ? 542 HOH A O   1 
HETATM 966  O  O   . HOH C 3 .   ? -1.421  -5.632  9.913   1.00 33.57 ? 543 HOH A O   1 
HETATM 967  O  O   . HOH C 3 .   ? 3.258   6.240   4.169   1.00 21.05 ? 544 HOH A O   1 
HETATM 968  O  O   . HOH C 3 .   ? -2.232  -4.129  5.839   1.00 20.20 ? 545 HOH A O   1 
HETATM 969  O  O   . HOH C 3 .   ? -7.957  -3.808  -9.794  1.00 26.66 ? 546 HOH A O   1 
HETATM 970  O  O   . HOH C 3 .   ? -4.526  -5.829  3.168   1.00 38.95 ? 547 HOH A O   1 
HETATM 971  O  O   . HOH C 3 .   ? 2.539   1.014   11.891  1.00 27.28 ? 548 HOH A O   1 
HETATM 972  O  O   . HOH C 3 .   ? -4.726  6.998   -16.111 1.00 40.40 ? 549 HOH A O   1 
HETATM 973  O  O   . HOH C 3 .   ? -5.186  -7.192  7.037   1.00 41.24 ? 550 HOH A O   1 
HETATM 974  O  O   . HOH C 3 .   ? -10.861 -9.604  -3.207  1.00 35.94 ? 551 HOH A O   1 
HETATM 975  O  O   . HOH C 3 .   ? -4.864  -4.967  5.558   1.00 18.88 ? 552 HOH A O   1 
HETATM 976  O  O   . HOH C 3 .   ? -13.067 -13.114 -2.583  1.00 44.26 ? 553 HOH A O   1 
HETATM 977  O  O   . HOH C 3 .   ? -9.071  -7.104  -1.294  1.00 20.72 ? 554 HOH A O   1 
HETATM 978  O  O   . HOH C 3 .   ? -6.683  7.066   -14.304 1.00 34.34 ? 555 HOH A O   1 
HETATM 979  O  O   . HOH C 3 .   ? -4.041  13.086  -14.529 1.00 44.66 ? 556 HOH A O   1 
HETATM 980  O  O   . HOH C 3 .   ? -10.337 -9.681  3.994   1.00 44.43 ? 557 HOH A O   1 
HETATM 981  O  O   . HOH C 3 .   ? -12.988 -9.708  -1.641  1.00 43.00 ? 558 HOH A O   1 
HETATM 982  O  O   . HOH C 3 .   ? 0.103   6.177   10.640  1.00 42.12 ? 559 HOH A O   1 
HETATM 983  O  O   . HOH C 3 .   ? 0.200   4.510   13.037  1.00 62.47 ? 560 HOH A O   1 
HETATM 984  O  O   . HOH C 3 .   ? -3.911  -1.440  12.426  1.00 42.39 ? 561 HOH A O   1 
HETATM 985  O  O   . HOH C 3 .   ? -1.576  2.385   13.935  1.00 44.36 ? 562 HOH A O   1 
HETATM 986  O  O   . HOH C 3 .   ? -7.433  8.811   -11.194 1.00 30.23 ? 563 HOH A O   1 
HETATM 987  O  O   . HOH C 3 .   ? -3.531  9.543   -1.343  1.00 18.42 ? 564 HOH A O   1 
HETATM 988  O  O   . HOH C 3 .   ? -11.940 3.041   -12.515 1.00 25.57 ? 565 HOH A O   1 
HETATM 989  O  O   . HOH C 3 .   ? -6.361  -2.485  11.429  1.00 46.01 ? 566 HOH A O   1 
HETATM 990  O  O   . HOH C 3 .   ? -7.631  9.546   -8.209  1.00 23.40 ? 567 HOH A O   1 
HETATM 991  O  O   . HOH C 3 .   ? -16.005 -9.960  -0.098  1.00 40.46 ? 568 HOH A O   1 
HETATM 992  O  O   . HOH C 3 .   ? -2.369  7.625   10.485  1.00 35.03 ? 569 HOH A O   1 
HETATM 993  O  O   . HOH C 3 .   ? -19.068 -9.724  -6.238  1.00 52.45 ? 570 HOH A O   1 
HETATM 994  O  O   . HOH C 3 .   ? -7.066  12.005  -8.313  1.00 45.26 ? 571 HOH A O   1 
HETATM 995  O  O   . HOH C 3 .   ? -5.319  11.674  -1.358  1.00 25.32 ? 572 HOH A O   1 
HETATM 996  O  O   . HOH C 3 .   ? -6.535  13.055  -5.925  1.00 56.14 ? 573 HOH A O   1 
HETATM 997  O  O   . HOH C 3 .   ? -18.645 -6.594  -6.344  1.00 52.47 ? 574 HOH A O   1 
HETATM 998  O  O   . HOH C 3 .   ? -7.883  11.026  -1.969  1.00 43.57 ? 575 HOH A O   1 
HETATM 999  O  O   . HOH C 3 .   ? -18.395 -8.817  2.919   1.00 50.60 ? 576 HOH A O   1 
HETATM 1000 O  O   . HOH C 3 .   ? -15.081 2.561   -4.838  1.00 25.39 ? 577 HOH A O   1 
HETATM 1001 O  O   . HOH C 3 .   ? -20.314 -4.873  -4.969  1.00 35.76 ? 578 HOH A O   1 
HETATM 1002 O  O   . HOH C 3 .   ? -14.586 8.102   -8.322  1.00 46.44 ? 579 HOH A O   1 
HETATM 1003 O  O   . HOH C 3 .   ? -19.643 -6.527  3.626   1.00 45.35 ? 580 HOH A O   1 
HETATM 1004 O  O   . HOH C 3 .   ? -15.362 4.267   -2.652  1.00 19.39 ? 581 HOH A O   1 
HETATM 1005 O  O   . HOH C 3 .   ? 22.195  -15.346 21.023  1.00 35.96 ? 582 HOH A O   1 
HETATM 1006 O  O   . HOH C 3 .   ? -21.423 -3.543  -7.004  1.00 51.42 ? 583 HOH A O   1 
HETATM 1007 O  O   . HOH C 3 .   ? -17.619 2.477   -5.186  1.00 35.66 ? 584 HOH A O   1 
HETATM 1008 O  O   . HOH C 3 .   ? -18.306 4.514   -8.423  1.00 49.58 ? 585 HOH A O   1 
HETATM 1009 O  O   . HOH C 3 .   ? -20.708 -2.309  -3.433  1.00 31.76 ? 586 HOH A O   1 
HETATM 1010 O  O   . HOH C 3 .   ? -17.049 6.102   -5.492  1.00 47.75 ? 587 HOH A O   1 
HETATM 1011 O  O   . HOH C 3 .   ? -15.530 7.591   -3.169  1.00 36.80 ? 588 HOH A O   1 
HETATM 1012 O  O   . HOH C 3 .   ? -16.999 -0.531  8.033   1.00 36.49 ? 589 HOH A O   1 
HETATM 1013 O  O   . HOH C 3 .   ? -11.341 11.548  6.397   1.00 39.13 ? 590 HOH A O   1 
HETATM 1014 O  O   . HOH C 3 .   ? -15.750 2.498   8.550   1.00 40.46 ? 591 HOH A O   1 
HETATM 1015 O  O   . HOH C 3 .   ? -13.636 11.368  2.391   1.00 39.17 ? 592 HOH A O   1 
HETATM 1016 O  O   . HOH C 3 .   ? -11.195 10.137  10.944  1.00 32.36 ? 593 HOH A O   1 
HETATM 1017 O  O   . HOH C 3 .   ? -13.346 10.280  4.855   1.00 32.01 ? 594 HOH A O   1 
HETATM 1018 O  O   . HOH C 3 .   ? -19.219 2.723   2.826   1.00 19.34 ? 595 HOH A O   1 
HETATM 1019 O  O   . HOH C 3 .   ? -16.550 7.070   6.701   1.00 43.00 ? 596 HOH A O   1 
HETATM 1020 O  O   . HOH C 3 .   ? -21.768 1.272   2.873   1.00 16.72 ? 597 HOH A O   1 
HETATM 1021 O  O   . HOH C 3 .   ? -19.669 5.128   4.063   1.00 29.65 ? 598 HOH A O   1 
HETATM 1022 O  O   . HOH C 3 .   ? -23.711 3.177   2.581   1.00 21.77 ? 599 HOH A O   1 
# 
